data_3MQE
#
_entry.id   3MQE
#
_cell.length_a   183.701
_cell.length_b   140.378
_cell.length_c   129.737
_cell.angle_alpha   90.00
_cell.angle_beta   90.00
_cell.angle_gamma   90.00
#
_symmetry.space_group_name_H-M   'P 21 21 2'
#
loop_
_entity.id
_entity.type
_entity.pdbx_description
1 polymer 'Prostaglandin G/H synthase 2'
2 branched 2-acetamido-2-deoxy-beta-D-glucopyranose-(1-4)-2-acetamido-2-deoxy-beta-D-glucopyranose-(1-4)-2-acetamido-2-deoxy-beta-D-glucopyranose
3 non-polymer 'PROTOPORPHYRIN IX CONTAINING FE'
4 non-polymer 2-acetamido-2-deoxy-beta-D-glucopyranose
5 non-polymer 'octyl beta-D-glucopyranoside'
6 non-polymer '(2S)-7-tert-butyl-6-chloro-2-(trifluoromethyl)-2H-chromene-3-carboxylic acid'
7 water water
#
_entity_poly.entity_id   1
_entity_poly.type   'polypeptide(L)'
_entity_poly.pdbx_seq_one_letter_code
;ANPCCSNPCQNRGECMSTGFDQYKCDCTRTGFYGENCTTPEFLTRIKLLLKPTPNTVHYILTHFKGVWNIVNNIPFLRSL
IMKYVLTSRSYLIDSPPTYNVHYGYKSWEAFSNLSYYTRALPPVADDCPTPMGVKGNKELPDSKEVLEKVLLRREFIPDP
QGSNMMFAFFAQHFTHQFFKTDHKRGPGFTRGLGHGVDLNHIYGETLDRQHKLRLFKDGKLKYQVIGGEVYPPTVKDTQV
EMIYPPHIPENLQFAVGQEVFGLVPGLMMYATIWLREHNRVCDILKQEHPEWGDEQLFQTSRLILIGETIKIVIEDYVQH
LSGYHFKLKFDPELLFNQQFQYQNRIASEFNTLYHWHPLLPDTFNIEDQEYSFKQFLYNNSILLEHGLTQFVESFTRQIA
GRVAGGRNVPIAVQAVAKASIDQSREMKYQSLNEYRKRFSLKPYTSFEELTGEKEMAAELKALYSDIDVMELYPALLVEK
PRPDAIFGETMVELGAPFSLKGLMGNPICSPQYWKPSTFGGEVGFKIINTASIQSLICNNVKGCPFTSFNVQDPQPTKTA
TINASASHSRLDDINPTVLIKRRSTEL
;
_entity_poly.pdbx_strand_id   A,B,C,D
#
loop_
_chem_comp.id
_chem_comp.type
_chem_comp.name
_chem_comp.formula
416 non-polymer '(2S)-7-tert-butyl-6-chloro-2-(trifluoromethyl)-2H-chromene-3-carboxylic acid' 'C15 H14 Cl F3 O3'
BOG D-saccharide 'octyl beta-D-glucopyranoside' 'C14 H28 O6'
HEM non-polymer 'PROTOPORPHYRIN IX CONTAINING FE' 'C34 H32 Fe N4 O4'
NAG D-saccharide, beta linking 2-acetamido-2-deoxy-beta-D-glucopyranose 'C8 H15 N O6'
#
# COMPACT_ATOMS: atom_id res chain seq x y z
N ALA A 1 -29.17 14.25 -3.56
CA ALA A 1 -28.39 13.00 -3.37
C ALA A 1 -26.94 13.29 -2.95
N ASN A 2 -26.21 13.94 -3.85
CA ASN A 2 -24.74 14.09 -3.74
C ASN A 2 -24.27 14.61 -2.36
N PRO A 3 -23.44 13.80 -1.66
CA PRO A 3 -22.93 14.20 -0.35
C PRO A 3 -21.71 15.16 -0.38
N CYS A 4 -21.58 16.01 -1.40
CA CYS A 4 -20.62 17.13 -1.38
C CYS A 4 -21.30 18.48 -1.69
N CYS A 5 -22.62 18.51 -1.78
CA CYS A 5 -23.38 19.71 -2.16
C CYS A 5 -23.17 20.89 -1.21
N SER A 6 -22.99 20.61 0.07
CA SER A 6 -22.88 21.66 1.08
C SER A 6 -21.51 22.36 1.11
N ASN A 7 -20.59 21.92 0.26
CA ASN A 7 -19.26 22.54 0.13
C ASN A 7 -18.43 22.48 1.43
N PRO A 8 -18.34 21.28 2.06
CA PRO A 8 -17.71 21.13 3.37
C PRO A 8 -16.23 21.48 3.44
N CYS A 9 -15.44 21.03 2.46
CA CYS A 9 -13.98 21.07 2.55
C CYS A 9 -13.39 22.48 2.40
N GLN A 10 -12.83 23.00 3.48
CA GLN A 10 -12.24 24.35 3.49
C GLN A 10 -10.82 24.40 2.90
N ASN A 11 -10.27 25.60 2.80
CA ASN A 11 -8.85 25.81 2.46
C ASN A 11 -8.38 25.11 1.19
N ARG A 12 -9.28 25.04 0.20
CA ARG A 12 -8.96 24.51 -1.12
C ARG A 12 -8.91 22.99 -1.16
N GLY A 13 -9.27 22.32 -0.06
CA GLY A 13 -9.41 20.89 -0.07
C GLY A 13 -10.46 20.47 -1.08
N GLU A 14 -10.25 19.32 -1.71
CA GLU A 14 -11.15 18.81 -2.75
C GLU A 14 -12.07 17.76 -2.17
N CYS A 15 -13.36 17.86 -2.47
CA CYS A 15 -14.39 16.96 -1.94
C CYS A 15 -14.55 15.73 -2.83
N MET A 16 -14.60 14.54 -2.24
CA MET A 16 -14.88 13.31 -2.96
C MET A 16 -16.00 12.57 -2.23
N SER A 17 -16.76 11.76 -2.98
CA SER A 17 -17.89 11.01 -2.45
C SER A 17 -17.54 9.53 -2.31
N THR A 18 -17.60 9.00 -1.09
CA THR A 18 -17.24 7.60 -0.82
C THR A 18 -18.45 6.75 -0.47
N GLY A 19 -19.47 6.83 -1.30
CA GLY A 19 -20.75 6.18 -1.03
C GLY A 19 -21.89 7.20 -1.05
N PHE A 20 -23.11 6.70 -1.02
CA PHE A 20 -24.31 7.50 -1.27
C PHE A 20 -24.50 8.73 -0.37
N ASP A 21 -24.10 8.61 0.90
CA ASP A 21 -24.35 9.67 1.89
C ASP A 21 -23.13 9.96 2.77
N GLN A 22 -21.92 9.81 2.22
CA GLN A 22 -20.68 9.93 2.99
C GLN A 22 -19.56 10.52 2.14
N TYR A 23 -18.87 11.54 2.66
CA TYR A 23 -17.82 12.25 1.90
C TYR A 23 -16.41 12.13 2.48
N LYS A 24 -15.44 12.67 1.76
CA LYS A 24 -14.06 12.76 2.24
C LYS A 24 -13.33 13.92 1.56
N CYS A 25 -12.50 14.62 2.33
CA CYS A 25 -11.75 15.79 1.85
C CYS A 25 -10.26 15.48 1.66
N ASP A 26 -9.72 15.89 0.51
CA ASP A 26 -8.30 15.71 0.23
C ASP A 26 -7.57 17.02 0.56
N CYS A 27 -6.79 17.00 1.63
CA CYS A 27 -6.12 18.21 2.13
C CYS A 27 -4.66 18.38 1.64
N THR A 28 -4.24 17.56 0.66
CA THR A 28 -2.84 17.57 0.20
C THR A 28 -2.31 18.98 -0.10
N ARG A 29 -1.17 19.32 0.52
CA ARG A 29 -0.44 20.60 0.33
C ARG A 29 -1.26 21.85 0.67
N THR A 30 -2.31 21.69 1.48
CA THR A 30 -3.14 22.82 1.86
C THR A 30 -2.49 23.62 2.98
N GLY A 31 -1.84 22.90 3.89
CA GLY A 31 -1.35 23.49 5.12
C GLY A 31 -2.23 23.07 6.29
N PHE A 32 -3.36 22.43 6.00
CA PHE A 32 -4.32 22.04 7.02
C PHE A 32 -4.56 20.53 7.04
N TYR A 33 -5.18 20.04 8.11
CA TYR A 33 -5.66 18.65 8.18
C TYR A 33 -6.97 18.57 8.98
N GLY A 34 -7.45 17.34 9.23
CA GLY A 34 -8.74 17.11 9.87
C GLY A 34 -9.83 16.84 8.85
N GLU A 35 -11.01 16.41 9.33
CA GLU A 35 -12.10 15.99 8.44
C GLU A 35 -12.38 16.96 7.28
N ASN A 36 -12.42 18.25 7.57
CA ASN A 36 -12.76 19.28 6.57
C ASN A 36 -11.57 20.21 6.20
N CYS A 37 -10.34 19.77 6.46
CA CYS A 37 -9.14 20.59 6.21
C CYS A 37 -9.22 21.95 6.90
N THR A 38 -9.54 21.92 8.20
CA THR A 38 -9.68 23.15 8.99
C THR A 38 -8.65 23.29 10.12
N THR A 39 -8.06 22.18 10.57
CA THR A 39 -7.02 22.22 11.60
C THR A 39 -5.70 22.64 10.98
N PRO A 40 -5.13 23.77 11.42
CA PRO A 40 -3.90 24.28 10.80
C PRO A 40 -2.62 23.57 11.23
N GLU A 41 -1.64 23.49 10.34
CA GLU A 41 -0.27 23.08 10.71
C GLU A 41 0.43 24.24 11.41
N PHE A 42 1.54 23.96 12.10
CA PHE A 42 2.23 24.97 12.90
C PHE A 42 2.68 26.20 12.08
N LEU A 43 3.40 25.98 10.99
CA LEU A 43 3.88 27.08 10.14
C LEU A 43 2.74 27.88 9.50
N THR A 44 1.59 27.24 9.32
CA THR A 44 0.39 27.92 8.81
C THR A 44 -0.16 28.93 9.81
N ARG A 45 -0.15 28.57 11.09
CA ARG A 45 -0.57 29.48 12.15
C ARG A 45 0.34 30.69 12.14
N ILE A 46 1.64 30.41 12.19
CA ILE A 46 2.69 31.45 12.15
C ILE A 46 2.55 32.40 10.96
N LYS A 47 2.27 31.86 9.77
CA LYS A 47 2.13 32.69 8.57
C LYS A 47 0.90 33.60 8.61
N LEU A 48 -0.14 33.15 9.28
CA LEU A 48 -1.38 33.93 9.37
C LEU A 48 -1.27 35.06 10.40
N LEU A 49 -0.33 34.94 11.34
CA LEU A 49 -0.02 36.01 12.30
C LEU A 49 0.83 37.15 11.68
N LEU A 50 1.55 36.85 10.60
CA LEU A 50 2.46 37.82 9.97
C LEU A 50 1.89 38.49 8.70
N LYS A 51 1.01 37.79 8.01
CA LYS A 51 0.42 38.29 6.76
C LYS A 51 -0.58 39.42 7.05
N PRO A 52 -0.41 40.58 6.39
CA PRO A 52 -1.37 41.67 6.54
C PRO A 52 -2.53 41.54 5.55
N THR A 53 -3.71 42.04 5.93
CA THR A 53 -4.88 41.93 5.07
C THR A 53 -4.71 42.75 3.78
N PRO A 54 -5.57 42.51 2.77
CA PRO A 54 -5.48 43.29 1.54
C PRO A 54 -5.78 44.78 1.71
N ASN A 55 -6.67 45.13 2.64
CA ASN A 55 -6.98 46.54 2.92
C ASN A 55 -5.80 47.28 3.55
N THR A 56 -5.04 46.60 4.42
CA THR A 56 -3.81 47.17 5.02
C THR A 56 -2.77 47.52 3.96
N VAL A 57 -2.55 46.60 3.04
CA VAL A 57 -1.63 46.79 1.93
C VAL A 57 -2.08 47.96 1.05
N HIS A 58 -3.36 47.97 0.67
CA HIS A 58 -3.92 49.03 -0.19
C HIS A 58 -3.66 50.42 0.38
N TYR A 59 -3.95 50.61 1.67
CA TYR A 59 -3.73 51.88 2.37
C TYR A 59 -2.27 52.35 2.26
N ILE A 60 -1.32 51.41 2.33
CA ILE A 60 0.12 51.73 2.38
C ILE A 60 0.66 52.19 1.02
N LEU A 61 0.21 51.55 -0.07
CA LEU A 61 0.58 51.96 -1.43
C LEU A 61 -0.11 53.27 -1.88
N THR A 62 -1.13 53.70 -1.13
CA THR A 62 -1.94 54.88 -1.49
C THR A 62 -1.74 56.07 -0.53
N HIS A 63 -0.88 55.88 0.47
CA HIS A 63 -0.39 56.96 1.31
C HIS A 63 1.13 57.06 1.18
N PHE A 64 1.76 57.93 1.96
CA PHE A 64 3.23 58.04 2.05
C PHE A 64 3.90 58.39 0.71
N LYS A 65 3.47 59.51 0.14
CA LYS A 65 3.86 59.90 -1.21
C LYS A 65 5.32 60.36 -1.29
N GLY A 66 5.82 60.99 -0.22
CA GLY A 66 7.22 61.37 -0.14
C GLY A 66 8.15 60.18 -0.07
N VAL A 67 7.68 59.11 0.55
CA VAL A 67 8.44 57.86 0.62
C VAL A 67 8.37 57.08 -0.70
N TRP A 68 7.22 57.07 -1.38
CA TRP A 68 7.13 56.43 -2.72
C TRP A 68 7.79 57.28 -3.81
N ASN A 69 7.91 58.59 -3.60
CA ASN A 69 8.59 59.45 -4.56
C ASN A 69 10.07 59.09 -4.66
N ILE A 70 10.67 58.73 -3.53
CA ILE A 70 12.08 58.34 -3.57
C ILE A 70 12.24 56.93 -4.14
N VAL A 71 11.45 55.98 -3.65
CA VAL A 71 11.49 54.59 -4.14
C VAL A 71 11.44 54.51 -5.68
N ASN A 72 10.48 55.21 -6.26
CA ASN A 72 10.35 55.29 -7.72
C ASN A 72 11.65 55.70 -8.45
N ASN A 73 12.33 56.72 -7.95
CA ASN A 73 13.53 57.25 -8.61
C ASN A 73 14.80 56.44 -8.38
N ILE A 74 14.79 55.57 -7.37
CA ILE A 74 15.91 54.67 -7.11
C ILE A 74 15.53 53.29 -7.64
N PRO A 75 16.06 52.91 -8.83
CA PRO A 75 15.60 51.72 -9.57
C PRO A 75 15.81 50.38 -8.86
N PHE A 76 16.81 50.28 -8.01
CA PHE A 76 17.06 49.04 -7.24
C PHE A 76 15.83 48.68 -6.40
N LEU A 77 15.28 49.70 -5.73
CA LEU A 77 14.15 49.54 -4.82
C LEU A 77 12.85 49.28 -5.58
N ARG A 78 12.60 50.10 -6.60
CA ARG A 78 11.44 49.97 -7.46
C ARG A 78 11.20 48.52 -7.85
N SER A 79 12.27 47.84 -8.26
CA SER A 79 12.17 46.48 -8.75
C SER A 79 11.73 45.49 -7.65
N LEU A 80 12.26 45.67 -6.44
CA LEU A 80 11.92 44.81 -5.30
C LEU A 80 10.42 44.90 -4.95
N ILE A 81 9.86 46.09 -5.11
CA ILE A 81 8.44 46.34 -4.82
C ILE A 81 7.55 45.74 -5.91
N MET A 82 7.93 45.88 -7.17
CA MET A 82 7.13 45.29 -8.24
C MET A 82 7.10 43.77 -8.08
N LYS A 83 8.28 43.18 -7.87
CA LYS A 83 8.44 41.74 -7.65
C LYS A 83 7.55 41.25 -6.50
N TYR A 84 7.26 42.13 -5.54
CA TYR A 84 6.30 41.80 -4.50
C TYR A 84 4.85 41.80 -5.03
N VAL A 85 4.46 42.83 -5.78
CA VAL A 85 3.08 42.85 -6.30
C VAL A 85 2.83 41.64 -7.21
N LEU A 86 3.84 41.31 -8.02
CA LEU A 86 3.78 40.18 -8.94
C LEU A 86 3.65 38.82 -8.21
N THR A 87 4.58 38.54 -7.30
CA THR A 87 4.65 37.21 -6.69
C THR A 87 3.66 36.95 -5.54
N SER A 88 3.27 37.98 -4.80
CA SER A 88 2.26 37.81 -3.74
C SER A 88 0.94 37.24 -4.28
N ARG A 89 0.69 37.47 -5.56
CA ARG A 89 -0.55 37.06 -6.22
C ARG A 89 -0.59 35.59 -6.63
N SER A 90 0.56 35.00 -6.95
CA SER A 90 0.60 33.81 -7.82
C SER A 90 -0.10 32.53 -7.34
N TYR A 91 -0.02 32.24 -6.04
CA TYR A 91 -0.64 31.04 -5.47
C TYR A 91 -2.15 30.83 -5.78
N LEU A 92 -2.83 31.84 -6.32
CA LEU A 92 -4.30 31.80 -6.45
C LEU A 92 -4.90 31.02 -7.64
N ILE A 93 -4.19 30.94 -8.77
CA ILE A 93 -4.76 30.40 -10.01
C ILE A 93 -4.26 28.99 -10.33
N ASP A 94 -5.16 28.10 -10.76
CA ASP A 94 -4.77 26.74 -11.14
C ASP A 94 -4.21 26.73 -12.58
N SER A 95 -2.95 26.34 -12.71
CA SER A 95 -2.22 26.41 -13.97
C SER A 95 -1.15 25.31 -13.99
N PRO A 96 -1.42 24.18 -14.69
CA PRO A 96 -2.52 23.81 -15.58
C PRO A 96 -3.93 23.96 -15.03
N PRO A 97 -4.90 24.21 -15.93
CA PRO A 97 -6.28 24.42 -15.51
C PRO A 97 -6.97 23.13 -15.08
N THR A 98 -8.16 23.25 -14.50
CA THR A 98 -8.82 22.12 -13.88
C THR A 98 -10.24 21.94 -14.38
N TYR A 99 -11.16 22.74 -13.85
CA TYR A 99 -12.61 22.49 -14.02
C TYR A 99 -13.27 23.27 -15.17
N ASN A 100 -14.52 22.91 -15.46
CA ASN A 100 -15.36 23.66 -16.39
C ASN A 100 -16.85 23.39 -16.14
N VAL A 101 -17.72 24.01 -16.93
CA VAL A 101 -19.16 24.01 -16.67
C VAL A 101 -19.79 22.61 -16.58
N HIS A 102 -19.24 21.63 -17.30
CA HIS A 102 -19.74 20.25 -17.22
C HIS A 102 -19.01 19.36 -16.20
N TYR A 103 -17.75 19.65 -15.88
CA TYR A 103 -16.94 18.77 -15.01
C TYR A 103 -16.56 19.40 -13.65
N GLY A 104 -17.08 18.82 -12.57
CA GLY A 104 -16.78 19.27 -11.20
C GLY A 104 -15.74 18.40 -10.52
N TYR A 105 -15.19 17.45 -11.28
CA TYR A 105 -14.01 16.69 -10.91
C TYR A 105 -13.05 16.90 -12.07
N LYS A 106 -11.78 16.52 -11.89
CA LYS A 106 -10.77 16.69 -12.95
C LYS A 106 -10.83 15.55 -13.97
N SER A 107 -10.66 15.91 -15.25
CA SER A 107 -10.90 15.01 -16.36
C SER A 107 -10.06 15.40 -17.56
N TRP A 108 -9.67 14.43 -18.38
CA TRP A 108 -8.94 14.73 -19.60
C TRP A 108 -9.77 15.67 -20.50
N GLU A 109 -11.05 15.36 -20.66
CA GLU A 109 -11.95 16.18 -21.48
C GLU A 109 -12.00 17.66 -21.00
N ALA A 110 -11.94 17.91 -19.70
CA ALA A 110 -11.92 19.29 -19.17
C ALA A 110 -10.57 19.97 -19.42
N PHE A 111 -9.47 19.22 -19.22
CA PHE A 111 -8.15 19.74 -19.54
C PHE A 111 -7.90 19.89 -21.05
N SER A 112 -8.42 18.96 -21.85
CA SER A 112 -8.02 18.86 -23.26
C SER A 112 -8.77 19.80 -24.20
N ASN A 113 -9.99 20.17 -23.83
CA ASN A 113 -10.93 20.79 -24.78
C ASN A 113 -10.91 22.31 -24.61
N LEU A 114 -10.21 22.96 -25.54
CA LEU A 114 -9.98 24.41 -25.50
C LEU A 114 -11.23 25.28 -25.79
N SER A 115 -12.35 24.64 -26.12
CA SER A 115 -13.60 25.35 -26.44
C SER A 115 -14.33 25.90 -25.21
N TYR A 116 -14.07 25.32 -24.03
CA TYR A 116 -14.65 25.85 -22.80
C TYR A 116 -13.80 27.01 -22.24
N TYR A 117 -14.46 27.92 -21.50
CA TYR A 117 -13.78 28.73 -20.50
C TYR A 117 -13.47 27.79 -19.32
N THR A 118 -12.43 28.06 -18.54
CA THR A 118 -12.10 27.23 -17.38
C THR A 118 -12.88 27.71 -16.16
N ARG A 119 -12.77 26.99 -15.05
CA ARG A 119 -13.51 27.36 -13.83
C ARG A 119 -12.65 27.37 -12.57
N ALA A 120 -12.65 28.52 -11.88
CA ALA A 120 -11.86 28.75 -10.66
C ALA A 120 -12.41 27.95 -9.50
N LEU A 121 -13.74 27.91 -9.38
CA LEU A 121 -14.44 26.98 -8.50
C LEU A 121 -15.31 26.06 -9.34
N PRO A 122 -15.53 24.82 -8.90
CA PRO A 122 -16.34 23.90 -9.69
C PRO A 122 -17.81 24.29 -9.68
N PRO A 123 -18.58 23.87 -10.70
CA PRO A 123 -20.04 24.04 -10.66
C PRO A 123 -20.72 23.37 -9.46
N VAL A 124 -21.86 23.93 -9.08
CA VAL A 124 -22.77 23.26 -8.18
C VAL A 124 -23.38 22.08 -8.92
N ALA A 125 -23.37 20.91 -8.30
CA ALA A 125 -23.95 19.70 -8.92
C ALA A 125 -25.44 19.86 -9.24
N ASP A 126 -25.90 19.06 -10.19
CA ASP A 126 -27.30 19.13 -10.66
C ASP A 126 -28.28 18.55 -9.66
N ASP A 127 -27.95 17.40 -9.06
CA ASP A 127 -28.86 16.74 -8.11
C ASP A 127 -28.76 17.24 -6.64
N CYS A 128 -28.38 18.51 -6.48
CA CYS A 128 -28.41 19.19 -5.18
C CYS A 128 -29.77 19.88 -5.03
N PRO A 129 -30.33 19.85 -3.81
CA PRO A 129 -31.69 20.36 -3.57
C PRO A 129 -31.90 21.86 -3.78
N THR A 130 -30.85 22.67 -3.66
CA THR A 130 -30.97 24.12 -3.88
C THR A 130 -29.96 24.62 -4.93
N PRO A 131 -30.09 25.88 -5.36
CA PRO A 131 -29.13 26.41 -6.33
C PRO A 131 -27.71 26.60 -5.79
N MET A 132 -27.55 27.03 -4.54
CA MET A 132 -26.20 27.18 -3.95
C MET A 132 -25.68 25.91 -3.26
N GLY A 133 -26.44 24.83 -3.38
CA GLY A 133 -26.05 23.54 -2.82
C GLY A 133 -27.11 23.03 -1.87
N VAL A 134 -27.16 23.63 -0.68
CA VAL A 134 -28.13 23.27 0.35
C VAL A 134 -28.87 24.49 0.92
N LYS A 135 -28.22 25.65 0.98
CA LYS A 135 -28.77 26.87 1.58
C LYS A 135 -29.68 27.65 0.63
N GLY A 136 -30.50 28.55 1.20
CA GLY A 136 -31.44 29.36 0.43
C GLY A 136 -32.76 28.63 0.16
N ASN A 137 -33.56 29.18 -0.74
CA ASN A 137 -34.86 28.61 -1.11
C ASN A 137 -34.73 27.71 -2.33
N LYS A 138 -35.73 26.88 -2.56
CA LYS A 138 -35.89 26.10 -3.81
C LYS A 138 -35.31 26.81 -5.03
N GLU A 139 -35.59 28.11 -5.15
CA GLU A 139 -35.07 28.94 -6.25
C GLU A 139 -34.68 30.34 -5.77
N LEU A 140 -33.73 30.96 -6.46
CA LEU A 140 -33.25 32.32 -6.13
C LEU A 140 -34.33 33.39 -6.34
N PRO A 141 -34.05 34.64 -5.94
CA PRO A 141 -34.94 35.73 -6.28
C PRO A 141 -35.05 36.01 -7.79
N ASP A 142 -36.21 36.51 -8.20
CA ASP A 142 -36.49 36.96 -9.57
C ASP A 142 -35.40 37.95 -9.96
N SER A 143 -34.73 37.70 -11.10
CA SER A 143 -33.60 38.56 -11.51
C SER A 143 -34.05 39.97 -11.89
N LYS A 144 -35.24 40.11 -12.48
CA LYS A 144 -35.80 41.43 -12.75
C LYS A 144 -35.85 42.20 -11.44
N GLU A 145 -36.46 41.58 -10.45
CA GLU A 145 -36.55 42.16 -9.10
C GLU A 145 -35.17 42.64 -8.59
N VAL A 146 -34.16 41.79 -8.70
CA VAL A 146 -32.83 42.16 -8.23
C VAL A 146 -32.29 43.37 -8.99
N LEU A 147 -32.38 43.28 -10.32
CA LEU A 147 -31.87 44.30 -11.24
C LEU A 147 -32.45 45.68 -10.93
N GLU A 148 -33.78 45.75 -10.88
CA GLU A 148 -34.47 47.01 -10.65
C GLU A 148 -34.13 47.66 -9.29
N LYS A 149 -33.88 46.84 -8.27
CA LYS A 149 -33.79 47.32 -6.89
C LYS A 149 -32.40 47.85 -6.46
N VAL A 150 -31.32 47.27 -6.98
CA VAL A 150 -29.97 47.66 -6.56
C VAL A 150 -28.97 47.96 -7.67
N LEU A 151 -29.24 47.53 -8.90
CA LEU A 151 -28.29 47.71 -10.01
C LEU A 151 -28.56 48.91 -10.93
N LEU A 152 -29.79 49.07 -11.42
CA LEU A 152 -30.12 50.16 -12.37
C LEU A 152 -29.69 51.56 -11.88
N ARG A 153 -29.33 52.43 -12.82
CA ARG A 153 -28.96 53.83 -12.54
C ARG A 153 -30.21 54.70 -12.35
N ARG A 154 -30.26 55.46 -11.25
CA ARG A 154 -31.30 56.49 -11.06
C ARG A 154 -30.71 57.78 -11.60
N GLU A 155 -29.63 58.22 -10.96
CA GLU A 155 -28.89 59.39 -11.36
C GLU A 155 -27.47 58.95 -11.60
N PHE A 156 -26.83 59.56 -12.60
CA PHE A 156 -25.43 59.25 -12.95
C PHE A 156 -24.47 59.44 -11.78
N ILE A 157 -23.61 58.46 -11.53
CA ILE A 157 -22.56 58.57 -10.51
C ILE A 157 -21.18 58.55 -11.16
N PRO A 158 -20.45 59.70 -11.12
CA PRO A 158 -19.10 59.73 -11.69
C PRO A 158 -18.04 58.99 -10.87
N ASP A 159 -17.07 58.38 -11.57
CA ASP A 159 -15.94 57.68 -10.93
C ASP A 159 -15.01 58.67 -10.24
N PRO A 160 -14.88 58.56 -8.90
CA PRO A 160 -14.02 59.49 -8.14
C PRO A 160 -12.53 59.51 -8.55
N GLN A 161 -12.02 58.41 -9.13
CA GLN A 161 -10.64 58.36 -9.69
C GLN A 161 -10.52 59.00 -11.08
N GLY A 162 -11.52 59.75 -11.52
CA GLY A 162 -11.41 60.50 -12.78
C GLY A 162 -11.39 59.74 -14.11
N SER A 163 -11.71 58.44 -14.09
CA SER A 163 -11.67 57.61 -15.31
C SER A 163 -12.54 58.20 -16.43
N ASN A 164 -12.00 58.21 -17.65
CA ASN A 164 -12.66 58.83 -18.80
C ASN A 164 -13.03 57.83 -19.90
N MET A 165 -13.47 58.32 -21.05
CA MET A 165 -13.95 57.44 -22.11
C MET A 165 -12.83 56.77 -22.92
N MET A 166 -11.64 57.38 -23.00
CA MET A 166 -10.47 56.65 -23.52
C MET A 166 -10.27 55.31 -22.76
N PHE A 167 -10.43 55.35 -21.44
CA PHE A 167 -10.29 54.15 -20.60
C PHE A 167 -11.45 53.17 -20.80
N ALA A 168 -12.68 53.69 -20.86
CA ALA A 168 -13.86 52.89 -21.17
C ALA A 168 -13.68 52.05 -22.45
N PHE A 169 -13.29 52.72 -23.53
CA PHE A 169 -13.18 52.03 -24.82
C PHE A 169 -11.90 51.20 -24.98
N PHE A 170 -10.83 51.54 -24.26
CA PHE A 170 -9.65 50.70 -24.23
C PHE A 170 -9.99 49.39 -23.53
N ALA A 171 -10.79 49.45 -22.47
CA ALA A 171 -11.19 48.25 -21.73
C ALA A 171 -11.98 47.31 -22.64
N GLN A 172 -13.06 47.85 -23.23
CA GLN A 172 -13.90 47.06 -24.11
C GLN A 172 -13.07 46.44 -25.24
N HIS A 173 -12.34 47.32 -25.94
CA HIS A 173 -11.53 46.93 -27.10
C HIS A 173 -10.51 45.85 -26.75
N PHE A 174 -9.70 46.12 -25.74
CA PHE A 174 -8.60 45.23 -25.34
C PHE A 174 -9.08 43.86 -24.90
N THR A 175 -10.10 43.80 -24.05
CA THR A 175 -10.56 42.53 -23.52
C THR A 175 -11.46 41.74 -24.48
N HIS A 176 -11.99 42.36 -25.51
CA HIS A 176 -12.82 41.60 -26.47
C HIS A 176 -12.02 40.76 -27.48
N GLN A 177 -10.72 40.57 -27.23
CA GLN A 177 -9.97 39.57 -27.97
C GLN A 177 -10.04 38.19 -27.29
N PHE A 178 -10.23 38.16 -25.97
CA PHE A 178 -10.30 36.89 -25.23
C PHE A 178 -11.63 36.62 -24.49
N PHE A 179 -12.52 37.62 -24.40
CA PHE A 179 -13.90 37.36 -24.03
C PHE A 179 -14.74 37.35 -25.31
N LYS A 180 -14.96 36.15 -25.86
CA LYS A 180 -15.67 36.02 -27.16
C LYS A 180 -16.68 34.86 -27.14
N THR A 181 -17.74 34.97 -26.35
CA THR A 181 -18.57 33.80 -26.03
C THR A 181 -19.27 33.18 -27.26
N ASP A 182 -19.37 31.85 -27.25
CA ASP A 182 -19.97 31.07 -28.32
C ASP A 182 -21.47 30.78 -28.04
N HIS A 183 -22.33 31.75 -28.30
CA HIS A 183 -23.72 31.71 -27.83
C HIS A 183 -24.60 30.56 -28.43
N LYS A 184 -24.11 29.93 -29.50
CA LYS A 184 -24.78 28.76 -30.10
C LYS A 184 -24.60 27.53 -29.22
N ARG A 185 -23.41 27.41 -28.61
CA ARG A 185 -23.10 26.32 -27.68
C ARG A 185 -23.62 26.58 -26.25
N GLY A 186 -23.54 27.85 -25.82
CA GLY A 186 -23.86 28.25 -24.45
C GLY A 186 -22.75 29.10 -23.83
N PRO A 187 -23.04 29.77 -22.71
CA PRO A 187 -22.18 30.76 -22.06
C PRO A 187 -20.85 30.27 -21.47
N GLY A 188 -20.70 28.97 -21.26
CA GLY A 188 -19.46 28.38 -20.76
C GLY A 188 -18.45 27.99 -21.82
N PHE A 189 -18.74 28.40 -23.07
CA PHE A 189 -17.91 28.10 -24.24
C PHE A 189 -17.38 29.37 -24.88
N THR A 190 -16.26 29.27 -25.57
CA THR A 190 -15.59 30.42 -26.17
C THR A 190 -15.25 30.23 -27.66
N ARG A 191 -15.16 31.34 -28.38
CA ARG A 191 -14.59 31.36 -29.73
C ARG A 191 -13.12 31.82 -29.71
N GLY A 192 -12.54 32.07 -28.53
CA GLY A 192 -11.24 32.73 -28.41
C GLY A 192 -10.07 31.82 -28.09
N LEU A 193 -9.71 30.92 -29.01
CA LEU A 193 -8.82 29.80 -28.65
C LEU A 193 -7.36 30.15 -28.30
N GLY A 194 -7.00 31.44 -28.28
CA GLY A 194 -5.68 31.86 -27.79
C GLY A 194 -5.61 32.02 -26.26
N HIS A 195 -6.76 31.87 -25.59
CA HIS A 195 -6.92 32.16 -24.17
C HIS A 195 -5.89 33.21 -23.66
N GLY A 196 -5.77 34.33 -24.39
CA GLY A 196 -4.84 35.38 -23.98
C GLY A 196 -4.61 36.50 -24.98
N VAL A 197 -3.43 37.12 -24.86
CA VAL A 197 -3.11 38.39 -25.50
C VAL A 197 -2.40 38.13 -26.82
N ASP A 198 -3.14 37.52 -27.75
CA ASP A 198 -2.59 37.23 -29.07
C ASP A 198 -2.92 38.30 -30.09
N LEU A 199 -3.75 39.27 -29.72
CA LEU A 199 -4.23 40.30 -30.63
C LEU A 199 -5.00 39.73 -31.87
N ASN A 200 -5.85 38.70 -31.68
CA ASN A 200 -6.74 38.27 -32.78
C ASN A 200 -7.73 39.37 -33.20
N HIS A 201 -8.04 40.30 -32.30
CA HIS A 201 -8.89 41.46 -32.64
C HIS A 201 -8.28 42.48 -33.65
N ILE A 202 -6.98 42.39 -33.93
CA ILE A 202 -6.39 43.15 -35.02
C ILE A 202 -6.13 42.26 -36.25
N TYR A 203 -5.69 41.02 -36.02
CA TYR A 203 -5.17 40.17 -37.09
C TYR A 203 -6.05 38.97 -37.49
N GLY A 204 -6.97 38.57 -36.61
CA GLY A 204 -7.88 37.44 -36.89
C GLY A 204 -7.58 36.16 -36.11
N GLU A 205 -8.62 35.34 -35.90
CA GLU A 205 -8.48 34.04 -35.23
C GLU A 205 -7.78 33.03 -36.10
N THR A 206 -8.09 33.04 -37.40
CA THR A 206 -7.59 32.00 -38.29
C THR A 206 -6.71 32.59 -39.37
N LEU A 207 -5.82 31.75 -39.91
CA LEU A 207 -4.84 32.15 -40.94
C LEU A 207 -5.59 32.55 -42.22
N ASP A 208 -6.72 31.89 -42.44
CA ASP A 208 -7.67 32.29 -43.47
C ASP A 208 -7.98 33.80 -43.45
N ARG A 209 -8.52 34.26 -42.33
CA ARG A 209 -8.99 35.64 -42.19
C ARG A 209 -7.84 36.65 -42.28
N GLN A 210 -6.73 36.33 -41.62
CA GLN A 210 -5.55 37.21 -41.54
C GLN A 210 -5.00 37.54 -42.94
N HIS A 211 -4.87 36.49 -43.73
CA HIS A 211 -4.43 36.61 -45.11
C HIS A 211 -5.35 37.55 -45.92
N LYS A 212 -6.65 37.44 -45.72
CA LYS A 212 -7.60 38.37 -46.33
C LYS A 212 -7.41 39.83 -45.88
N LEU A 213 -6.81 40.05 -44.71
CA LEU A 213 -6.63 41.38 -44.15
C LEU A 213 -5.29 42.03 -44.51
N ARG A 214 -4.37 41.25 -45.09
CA ARG A 214 -2.97 41.69 -45.29
C ARG A 214 -2.65 42.24 -46.67
N LEU A 215 -1.67 43.13 -46.74
CA LEU A 215 -1.26 43.77 -48.00
C LEU A 215 -0.23 42.96 -48.76
N PHE A 216 0.48 42.09 -48.04
CA PHE A 216 1.58 41.28 -48.60
C PHE A 216 2.71 42.10 -49.27
N LYS A 217 2.97 43.29 -48.75
CA LYS A 217 4.10 44.12 -49.17
C LYS A 217 4.60 44.90 -47.97
N ASP A 218 5.91 44.85 -47.73
CA ASP A 218 6.56 45.47 -46.56
C ASP A 218 6.02 45.00 -45.19
N GLY A 219 5.27 43.90 -45.18
CA GLY A 219 4.72 43.33 -43.94
C GLY A 219 3.44 44.00 -43.44
N LYS A 220 2.85 44.87 -44.25
CA LYS A 220 1.76 45.77 -43.81
C LYS A 220 0.35 45.15 -43.83
N LEU A 221 -0.57 45.81 -43.12
CA LEU A 221 -2.00 45.52 -43.21
C LEU A 221 -2.65 46.43 -44.25
N LYS A 222 -3.64 45.90 -44.96
CA LYS A 222 -4.43 46.67 -45.93
C LYS A 222 -5.08 47.90 -45.29
N TYR A 223 -5.45 48.87 -46.14
CA TYR A 223 -6.07 50.10 -45.68
C TYR A 223 -6.68 50.93 -46.85
N GLN A 224 -7.48 51.93 -46.49
CA GLN A 224 -8.01 52.89 -47.46
C GLN A 224 -7.82 54.31 -46.93
N VAL A 225 -7.92 55.29 -47.84
CA VAL A 225 -7.80 56.71 -47.51
C VAL A 225 -9.13 57.44 -47.80
N ILE A 226 -9.78 57.93 -46.74
CA ILE A 226 -11.00 58.76 -46.86
C ILE A 226 -10.72 60.20 -46.42
N GLY A 227 -10.64 61.11 -47.40
CA GLY A 227 -10.39 62.52 -47.13
C GLY A 227 -9.04 62.80 -46.48
N GLY A 228 -8.01 62.08 -46.90
CA GLY A 228 -6.67 62.25 -46.35
C GLY A 228 -6.39 61.49 -45.06
N GLU A 229 -7.36 60.74 -44.56
CA GLU A 229 -7.20 60.01 -43.29
C GLU A 229 -7.21 58.50 -43.54
N VAL A 230 -6.23 57.79 -42.99
CA VAL A 230 -6.10 56.33 -43.22
C VAL A 230 -7.02 55.53 -42.31
N TYR A 231 -7.94 54.77 -42.91
CA TYR A 231 -8.88 53.90 -42.17
C TYR A 231 -8.73 52.44 -42.63
N PRO A 232 -9.31 51.49 -41.86
CA PRO A 232 -9.35 50.08 -42.28
C PRO A 232 -10.10 49.88 -43.60
N PRO A 233 -9.82 48.78 -44.30
CA PRO A 233 -10.40 48.53 -45.64
C PRO A 233 -11.87 48.03 -45.62
N THR A 234 -12.49 47.99 -46.79
CA THR A 234 -13.90 47.55 -46.91
C THR A 234 -14.03 46.04 -46.83
N VAL A 235 -15.28 45.57 -46.73
CA VAL A 235 -15.60 44.14 -46.87
C VAL A 235 -15.55 43.70 -48.34
N LYS A 236 -15.96 44.59 -49.26
CA LYS A 236 -15.88 44.31 -50.71
C LYS A 236 -14.47 43.88 -51.07
N ASP A 237 -13.50 44.74 -50.74
CA ASP A 237 -12.07 44.54 -51.05
C ASP A 237 -11.46 43.28 -50.38
N THR A 238 -11.79 43.05 -49.10
CA THR A 238 -11.15 42.00 -48.29
C THR A 238 -11.84 40.65 -48.33
N GLN A 239 -13.17 40.67 -48.39
CA GLN A 239 -14.01 39.47 -48.32
C GLN A 239 -14.10 38.88 -46.90
N VAL A 240 -13.62 39.62 -45.90
CA VAL A 240 -13.69 39.18 -44.50
C VAL A 240 -15.10 39.40 -43.96
N GLU A 241 -15.54 38.51 -43.06
CA GLU A 241 -16.90 38.55 -42.52
C GLU A 241 -17.03 39.49 -41.34
N MET A 242 -18.01 40.40 -41.41
CA MET A 242 -18.34 41.31 -40.32
C MET A 242 -19.86 41.28 -40.04
N ILE A 243 -20.27 41.88 -38.92
CA ILE A 243 -21.67 41.93 -38.50
C ILE A 243 -22.19 43.37 -38.50
N TYR A 244 -22.79 43.76 -39.64
CA TYR A 244 -23.42 45.07 -39.78
C TYR A 244 -24.94 44.91 -40.03
N PRO A 245 -25.75 45.88 -39.56
CA PRO A 245 -27.17 45.87 -39.96
C PRO A 245 -27.33 46.21 -41.45
N PRO A 246 -28.40 45.69 -42.08
CA PRO A 246 -28.62 45.73 -43.53
C PRO A 246 -28.43 47.09 -44.21
N HIS A 247 -28.80 48.17 -43.55
CA HIS A 247 -28.79 49.50 -44.19
C HIS A 247 -27.40 50.10 -44.42
N ILE A 248 -26.37 49.60 -43.74
CA ILE A 248 -25.01 50.13 -43.87
C ILE A 248 -24.52 49.96 -45.32
N PRO A 249 -24.18 51.07 -46.01
CA PRO A 249 -23.74 51.03 -47.41
C PRO A 249 -22.35 50.41 -47.56
N GLU A 250 -22.00 50.01 -48.77
CA GLU A 250 -20.76 49.24 -49.01
C GLU A 250 -19.48 49.92 -48.51
N ASN A 251 -19.43 51.24 -48.61
CA ASN A 251 -18.21 51.98 -48.26
C ASN A 251 -17.97 52.18 -46.77
N LEU A 252 -18.94 51.82 -45.93
CA LEU A 252 -18.78 51.95 -44.47
C LEU A 252 -18.75 50.60 -43.74
N GLN A 253 -18.61 49.51 -44.48
CA GLN A 253 -18.48 48.19 -43.86
C GLN A 253 -16.99 47.87 -43.72
N PHE A 254 -16.40 48.42 -42.66
CA PHE A 254 -14.96 48.30 -42.40
C PHE A 254 -14.59 46.86 -42.03
N ALA A 255 -13.34 46.47 -42.30
CA ALA A 255 -12.83 45.11 -42.05
C ALA A 255 -11.69 45.07 -41.02
N VAL A 256 -11.92 44.40 -39.91
CA VAL A 256 -10.98 44.39 -38.79
C VAL A 256 -10.95 43.02 -38.14
N GLY A 257 -9.94 42.80 -37.28
CA GLY A 257 -9.75 41.49 -36.64
C GLY A 257 -11.03 40.91 -36.06
N GLN A 258 -11.63 41.65 -35.14
CA GLN A 258 -12.80 41.18 -34.41
C GLN A 258 -14.05 41.64 -35.15
N GLU A 259 -14.89 40.67 -35.53
CA GLU A 259 -16.04 40.91 -36.42
C GLU A 259 -17.14 41.80 -35.85
N VAL A 260 -17.11 42.01 -34.54
CA VAL A 260 -18.20 42.70 -33.82
C VAL A 260 -17.95 44.21 -33.66
N PHE A 261 -16.71 44.62 -33.90
CA PHE A 261 -16.22 45.98 -33.65
C PHE A 261 -16.84 47.10 -34.50
N GLY A 262 -17.44 46.74 -35.62
CA GLY A 262 -18.15 47.71 -36.45
C GLY A 262 -19.37 48.30 -35.79
N LEU A 263 -19.91 47.59 -34.80
CA LEU A 263 -21.14 48.00 -34.13
C LEU A 263 -20.97 49.24 -33.22
N VAL A 264 -19.74 49.51 -32.76
CA VAL A 264 -19.46 50.59 -31.79
C VAL A 264 -18.32 51.54 -32.21
N PRO A 265 -18.63 52.82 -32.51
CA PRO A 265 -17.64 53.79 -33.01
C PRO A 265 -16.39 54.00 -32.17
N GLY A 266 -16.47 53.79 -30.85
CA GLY A 266 -15.32 53.90 -29.96
C GLY A 266 -14.31 52.76 -30.13
N LEU A 267 -14.85 51.57 -30.37
CA LEU A 267 -14.03 50.41 -30.73
C LEU A 267 -13.31 50.68 -32.06
N MET A 268 -14.03 51.19 -33.04
CA MET A 268 -13.43 51.46 -34.35
C MET A 268 -12.29 52.49 -34.24
N MET A 269 -12.38 53.40 -33.27
CA MET A 269 -11.31 54.35 -33.00
C MET A 269 -9.98 53.60 -32.75
N TYR A 270 -9.97 52.72 -31.75
CA TYR A 270 -8.78 51.97 -31.36
C TYR A 270 -8.28 51.00 -32.44
N ALA A 271 -9.21 50.38 -33.16
CA ALA A 271 -8.87 49.50 -34.27
C ALA A 271 -8.15 50.24 -35.39
N THR A 272 -8.53 51.49 -35.66
CA THR A 272 -7.84 52.31 -36.65
C THR A 272 -6.50 52.81 -36.12
N ILE A 273 -6.43 53.11 -34.82
CA ILE A 273 -5.18 53.54 -34.19
C ILE A 273 -4.10 52.45 -34.22
N TRP A 274 -4.46 51.23 -33.80
CA TRP A 274 -3.50 50.11 -33.81
C TRP A 274 -3.11 49.68 -35.24
N LEU A 275 -3.99 49.90 -36.21
CA LEU A 275 -3.66 49.56 -37.60
C LEU A 275 -2.60 50.55 -38.12
N ARG A 276 -2.81 51.85 -37.88
CA ARG A 276 -1.80 52.86 -38.19
C ARG A 276 -0.46 52.56 -37.51
N GLU A 277 -0.53 52.09 -36.26
CA GLU A 277 0.66 51.70 -35.53
C GLU A 277 1.40 50.54 -36.21
N HIS A 278 0.69 49.44 -36.49
CA HIS A 278 1.32 48.24 -37.08
C HIS A 278 2.15 48.64 -38.28
N ASN A 279 1.50 49.28 -39.23
CA ASN A 279 2.18 49.76 -40.41
C ASN A 279 3.34 50.71 -40.06
N ARG A 280 3.17 51.55 -39.05
CA ARG A 280 4.26 52.43 -38.61
C ARG A 280 5.48 51.61 -38.18
N VAL A 281 5.24 50.49 -37.48
CA VAL A 281 6.34 49.66 -36.99
C VAL A 281 7.05 48.94 -38.16
N CYS A 282 6.29 48.61 -39.21
CA CYS A 282 6.87 48.04 -40.42
C CYS A 282 7.90 48.98 -41.12
N ASP A 283 7.53 50.25 -41.29
CA ASP A 283 8.44 51.23 -41.90
C ASP A 283 9.77 51.35 -41.15
N ILE A 284 9.70 51.39 -39.82
CA ILE A 284 10.92 51.42 -39.01
C ILE A 284 11.73 50.16 -39.27
N LEU A 285 11.08 49.00 -39.19
CA LEU A 285 11.80 47.73 -39.37
C LEU A 285 12.41 47.51 -40.77
N LYS A 286 12.07 48.36 -41.75
CA LYS A 286 12.65 48.26 -43.10
C LYS A 286 13.90 49.14 -43.27
N GLN A 287 13.92 50.28 -42.58
CA GLN A 287 15.11 51.14 -42.53
C GLN A 287 16.24 50.38 -41.84
N GLU A 288 15.88 49.44 -40.96
CA GLU A 288 16.83 48.63 -40.21
C GLU A 288 17.24 47.38 -40.97
N HIS A 289 16.24 46.65 -41.46
CA HIS A 289 16.46 45.39 -42.15
C HIS A 289 16.01 45.42 -43.63
N PRO A 290 16.77 46.12 -44.49
CA PRO A 290 16.44 46.09 -45.92
C PRO A 290 16.65 44.73 -46.61
N GLU A 291 17.18 43.73 -45.90
CA GLU A 291 17.25 42.36 -46.42
C GLU A 291 15.91 41.66 -46.27
N TRP A 292 15.20 41.97 -45.18
CA TRP A 292 14.02 41.21 -44.79
C TRP A 292 12.92 41.21 -45.87
N GLY A 293 12.06 40.19 -45.83
CA GLY A 293 10.86 40.13 -46.71
C GLY A 293 9.54 40.41 -45.99
N ASP A 294 8.43 40.06 -46.65
CA ASP A 294 7.06 40.33 -46.14
C ASP A 294 6.69 39.54 -44.89
N GLU A 295 6.95 38.23 -44.88
CA GLU A 295 6.61 37.43 -43.70
C GLU A 295 7.30 37.98 -42.45
N GLN A 296 8.62 38.10 -42.50
CA GLN A 296 9.43 38.49 -41.35
C GLN A 296 9.09 39.90 -40.86
N LEU A 297 8.75 40.80 -41.78
CA LEU A 297 8.29 42.13 -41.39
C LEU A 297 6.94 42.01 -40.65
N PHE A 298 5.97 41.33 -41.27
CA PHE A 298 4.62 41.25 -40.67
C PHE A 298 4.68 40.59 -39.31
N GLN A 299 5.50 39.55 -39.21
CA GLN A 299 5.56 38.71 -38.02
C GLN A 299 6.31 39.37 -36.86
N THR A 300 7.39 40.09 -37.13
CA THR A 300 8.11 40.81 -36.07
C THR A 300 7.32 42.02 -35.58
N SER A 301 6.67 42.74 -36.49
CA SER A 301 5.75 43.81 -36.12
C SER A 301 4.68 43.28 -35.15
N ARG A 302 3.99 42.21 -35.53
CA ARG A 302 2.96 41.63 -34.66
C ARG A 302 3.48 41.18 -33.30
N LEU A 303 4.75 40.77 -33.20
CA LEU A 303 5.36 40.46 -31.90
C LEU A 303 5.59 41.75 -31.12
N ILE A 304 6.06 42.80 -31.79
CA ILE A 304 6.32 44.10 -31.13
C ILE A 304 5.04 44.73 -30.58
N LEU A 305 3.95 44.65 -31.35
CA LEU A 305 2.69 45.24 -30.92
C LEU A 305 2.11 44.51 -29.70
N ILE A 306 2.36 43.21 -29.61
CA ILE A 306 1.95 42.45 -28.43
C ILE A 306 2.62 43.05 -27.18
N GLY A 307 3.93 43.24 -27.24
CA GLY A 307 4.70 43.84 -26.14
C GLY A 307 4.26 45.25 -25.77
N GLU A 308 3.87 46.04 -26.76
CA GLU A 308 3.36 47.39 -26.50
C GLU A 308 2.01 47.32 -25.77
N THR A 309 1.12 46.42 -26.21
CA THR A 309 -0.13 46.20 -25.50
C THR A 309 0.12 45.88 -24.01
N ILE A 310 0.87 44.82 -23.74
CA ILE A 310 1.27 44.49 -22.37
C ILE A 310 1.93 45.69 -21.60
N LYS A 311 2.83 46.42 -22.23
CA LYS A 311 3.54 47.56 -21.60
C LYS A 311 2.55 48.64 -21.15
N ILE A 312 1.74 49.10 -22.09
CA ILE A 312 0.69 50.07 -21.81
C ILE A 312 -0.37 49.56 -20.79
N VAL A 313 -0.71 48.27 -20.87
CA VAL A 313 -1.67 47.68 -19.93
C VAL A 313 -1.20 47.85 -18.47
N ILE A 314 0.04 47.44 -18.19
CA ILE A 314 0.59 47.56 -16.83
C ILE A 314 0.91 49.00 -16.39
N GLU A 315 1.61 49.76 -17.23
CA GLU A 315 2.15 51.03 -16.76
C GLU A 315 1.25 52.27 -16.94
N ASP A 316 0.17 52.14 -17.70
CA ASP A 316 -0.86 53.19 -17.76
C ASP A 316 -2.21 52.69 -17.21
N TYR A 317 -2.80 51.69 -17.88
CA TYR A 317 -4.15 51.18 -17.60
C TYR A 317 -4.34 50.62 -16.21
N VAL A 318 -3.49 49.70 -15.78
CA VAL A 318 -3.62 49.15 -14.42
C VAL A 318 -3.10 50.11 -13.37
N GLN A 319 -2.02 50.85 -13.69
CA GLN A 319 -1.52 51.93 -12.82
C GLN A 319 -2.63 52.90 -12.44
N HIS A 320 -3.46 53.25 -13.41
CA HIS A 320 -4.58 54.15 -13.19
C HIS A 320 -5.69 53.59 -12.30
N LEU A 321 -5.99 52.30 -12.40
CA LEU A 321 -6.97 51.68 -11.48
C LEU A 321 -6.44 51.68 -10.06
N SER A 322 -5.19 51.24 -9.91
CA SER A 322 -4.53 51.08 -8.61
C SER A 322 -4.71 52.26 -7.64
N GLY A 323 -4.59 53.47 -8.17
CA GLY A 323 -4.55 54.68 -7.35
C GLY A 323 -3.25 54.84 -6.56
N TYR A 324 -2.25 54.01 -6.87
CA TYR A 324 -1.02 53.92 -6.08
C TYR A 324 -0.14 55.13 -6.39
N HIS A 325 0.64 55.58 -5.41
CA HIS A 325 1.67 56.61 -5.66
C HIS A 325 2.94 55.97 -6.20
N PHE A 326 3.15 54.70 -5.86
CA PHE A 326 4.24 53.87 -6.41
C PHE A 326 3.98 53.55 -7.88
N LYS A 327 5.04 53.59 -8.70
CA LYS A 327 4.95 53.44 -10.16
C LYS A 327 5.28 52.00 -10.64
N LEU A 328 4.29 51.30 -11.18
CA LEU A 328 4.45 49.90 -11.59
C LEU A 328 5.38 49.75 -12.78
N LYS A 329 6.02 48.58 -12.88
CA LYS A 329 6.96 48.27 -13.94
C LYS A 329 6.52 47.04 -14.74
N PHE A 330 6.72 47.07 -16.06
CA PHE A 330 6.59 45.86 -16.87
C PHE A 330 7.97 45.32 -17.17
N ASP A 331 8.39 44.30 -16.41
CA ASP A 331 9.74 43.76 -16.53
C ASP A 331 9.75 42.25 -16.31
N PRO A 332 9.82 41.46 -17.40
CA PRO A 332 9.91 39.99 -17.38
C PRO A 332 11.12 39.38 -16.64
N GLU A 333 12.15 40.18 -16.37
CA GLU A 333 13.33 39.65 -15.71
C GLU A 333 13.13 39.50 -14.21
N LEU A 334 12.02 40.05 -13.69
CA LEU A 334 11.69 39.90 -12.28
C LEU A 334 11.21 38.49 -11.96
N LEU A 335 10.72 37.76 -12.97
CA LEU A 335 10.23 36.39 -12.76
C LEU A 335 11.22 35.29 -13.19
N PHE A 336 12.38 35.65 -13.73
CA PHE A 336 13.37 34.64 -14.16
C PHE A 336 13.97 33.78 -13.05
N ASN A 337 13.96 34.24 -11.81
CA ASN A 337 14.39 33.38 -10.70
C ASN A 337 13.23 32.99 -9.79
N GLN A 338 12.01 33.14 -10.30
CA GLN A 338 10.81 32.61 -9.64
C GLN A 338 10.27 31.39 -10.36
N GLN A 339 9.49 30.60 -9.64
CA GLN A 339 8.64 29.56 -10.24
C GLN A 339 7.39 30.22 -10.73
N PHE A 340 7.14 30.07 -12.03
CA PHE A 340 5.95 30.63 -12.69
C PHE A 340 5.75 29.91 -13.99
N GLN A 341 4.55 29.36 -14.19
CA GLN A 341 4.18 28.67 -15.43
C GLN A 341 3.80 29.69 -16.51
N TYR A 342 4.39 29.56 -17.70
CA TYR A 342 4.12 30.50 -18.79
C TYR A 342 2.98 29.98 -19.69
N GLN A 343 1.77 30.02 -19.15
CA GLN A 343 0.56 29.63 -19.87
C GLN A 343 -0.65 30.25 -19.19
N ASN A 344 -1.84 30.10 -19.80
CA ASN A 344 -3.08 30.65 -19.27
C ASN A 344 -4.28 29.94 -19.92
N ARG A 345 -5.41 29.99 -19.22
CA ARG A 345 -6.69 29.68 -19.77
C ARG A 345 -7.67 30.70 -19.20
N ILE A 346 -8.45 31.32 -20.07
CA ILE A 346 -9.45 32.29 -19.62
C ILE A 346 -10.52 31.54 -18.81
N ALA A 347 -11.04 32.20 -17.76
CA ALA A 347 -12.00 31.58 -16.85
C ALA A 347 -13.31 32.33 -16.87
N SER A 348 -14.39 31.56 -16.74
CA SER A 348 -15.74 32.12 -16.77
C SER A 348 -15.86 33.30 -15.79
N GLU A 349 -15.35 33.12 -14.57
CA GLU A 349 -15.53 34.13 -13.54
C GLU A 349 -14.79 35.43 -13.86
N PHE A 350 -13.68 35.32 -14.57
CA PHE A 350 -13.01 36.49 -15.09
C PHE A 350 -13.94 37.17 -16.09
N ASN A 351 -14.46 36.41 -17.05
CA ASN A 351 -15.47 36.91 -18.00
C ASN A 351 -16.63 37.62 -17.29
N THR A 352 -17.23 36.98 -16.27
CA THR A 352 -18.38 37.55 -15.56
C THR A 352 -18.02 38.81 -14.81
N LEU A 353 -16.91 38.81 -14.09
CA LEU A 353 -16.53 39.96 -13.26
C LEU A 353 -16.17 41.20 -14.06
N TYR A 354 -15.83 41.03 -15.34
CA TYR A 354 -15.39 42.15 -16.19
C TYR A 354 -16.55 42.73 -17.01
N HIS A 355 -17.81 42.45 -16.64
CA HIS A 355 -18.96 43.13 -17.25
C HIS A 355 -19.19 44.49 -16.56
N TRP A 356 -18.31 45.45 -16.86
CA TRP A 356 -18.28 46.76 -16.23
C TRP A 356 -19.08 47.81 -17.00
N HIS A 357 -20.34 47.49 -17.28
CA HIS A 357 -21.19 48.41 -18.03
C HIS A 357 -21.59 49.66 -17.27
N PRO A 358 -21.39 49.71 -15.94
CA PRO A 358 -21.57 51.01 -15.25
C PRO A 358 -20.61 52.15 -15.69
N LEU A 359 -19.52 51.82 -16.38
CA LEU A 359 -18.65 52.83 -17.00
C LEU A 359 -19.41 53.77 -17.96
N LEU A 360 -20.45 53.25 -18.62
CA LEU A 360 -21.12 53.98 -19.70
C LEU A 360 -21.90 55.21 -19.18
N PRO A 361 -21.76 56.35 -19.87
CA PRO A 361 -22.49 57.55 -19.52
C PRO A 361 -23.89 57.57 -20.10
N ASP A 362 -24.64 58.62 -19.81
CA ASP A 362 -26.00 58.78 -20.28
C ASP A 362 -26.02 59.11 -21.76
N THR A 363 -25.01 59.84 -22.21
CA THR A 363 -24.80 60.11 -23.63
C THR A 363 -23.32 60.18 -23.96
N PHE A 364 -23.00 60.00 -25.24
CA PHE A 364 -21.63 60.07 -25.71
C PHE A 364 -21.38 61.47 -26.27
N ASN A 365 -20.47 62.22 -25.62
CA ASN A 365 -20.24 63.64 -25.90
C ASN A 365 -19.01 63.89 -26.78
N ILE A 366 -19.22 64.53 -27.93
CA ILE A 366 -18.15 64.88 -28.89
C ILE A 366 -18.36 66.31 -29.38
N GLU A 367 -17.25 67.05 -29.53
CA GLU A 367 -17.31 68.51 -29.70
C GLU A 367 -18.49 69.11 -28.93
N ASP A 368 -19.52 69.58 -29.65
CA ASP A 368 -20.68 70.22 -29.04
C ASP A 368 -21.91 69.34 -29.20
N GLN A 369 -21.70 68.03 -29.24
CA GLN A 369 -22.77 67.07 -29.57
C GLN A 369 -22.92 66.01 -28.47
N GLU A 370 -24.17 65.76 -28.09
CA GLU A 370 -24.49 64.75 -27.10
C GLU A 370 -25.37 63.71 -27.79
N TYR A 371 -24.74 62.62 -28.23
CA TYR A 371 -25.42 61.56 -28.96
C TYR A 371 -25.97 60.49 -28.02
N SER A 372 -27.22 60.09 -28.22
CA SER A 372 -27.82 59.00 -27.44
C SER A 372 -27.32 57.63 -27.91
N PHE A 373 -27.57 56.61 -27.08
CA PHE A 373 -27.28 55.21 -27.45
C PHE A 373 -27.80 54.89 -28.85
N LYS A 374 -29.08 55.18 -29.05
CA LYS A 374 -29.78 54.92 -30.31
C LYS A 374 -29.03 55.56 -31.50
N GLN A 375 -28.53 56.77 -31.31
CA GLN A 375 -27.83 57.49 -32.37
C GLN A 375 -26.38 57.06 -32.51
N PHE A 376 -25.76 56.69 -31.40
CA PHE A 376 -24.33 56.42 -31.37
C PHE A 376 -23.95 55.05 -31.94
N LEU A 377 -24.72 54.03 -31.57
CA LEU A 377 -24.43 52.65 -31.99
C LEU A 377 -24.69 52.43 -33.49
N TYR A 378 -23.85 51.58 -34.10
CA TYR A 378 -23.92 51.22 -35.52
C TYR A 378 -23.57 52.34 -36.52
N ASN A 379 -23.21 53.53 -36.03
CA ASN A 379 -23.11 54.70 -36.90
C ASN A 379 -21.69 55.26 -36.96
N ASN A 380 -20.89 54.73 -37.89
CA ASN A 380 -19.50 55.13 -38.04
C ASN A 380 -19.28 56.44 -38.78
N SER A 381 -20.33 56.99 -39.38
CA SER A 381 -20.24 58.31 -40.03
C SER A 381 -19.83 59.37 -39.01
N ILE A 382 -20.25 59.17 -37.77
CA ILE A 382 -19.93 60.06 -36.67
C ILE A 382 -18.42 60.15 -36.51
N LEU A 383 -17.75 59.01 -36.63
CA LEU A 383 -16.28 58.95 -36.57
C LEU A 383 -15.61 59.62 -37.77
N LEU A 384 -16.19 59.45 -38.95
CA LEU A 384 -15.70 60.13 -40.15
C LEU A 384 -15.98 61.63 -40.14
N GLU A 385 -17.07 62.05 -39.50
CA GLU A 385 -17.42 63.48 -39.46
C GLU A 385 -16.46 64.29 -38.55
N HIS A 386 -16.14 63.76 -37.37
CA HIS A 386 -15.33 64.48 -36.40
C HIS A 386 -13.85 64.20 -36.57
N GLY A 387 -13.52 62.95 -36.90
CA GLY A 387 -12.13 62.54 -37.10
C GLY A 387 -11.43 62.12 -35.83
N LEU A 388 -10.32 61.38 -36.00
CA LEU A 388 -9.58 60.80 -34.89
C LEU A 388 -9.16 61.85 -33.84
N THR A 389 -8.50 62.92 -34.28
CA THR A 389 -8.04 63.94 -33.35
C THR A 389 -9.15 64.37 -32.40
N GLN A 390 -10.29 64.76 -32.96
CA GLN A 390 -11.39 65.31 -32.19
C GLN A 390 -12.15 64.27 -31.36
N PHE A 391 -12.13 63.01 -31.79
CA PHE A 391 -12.65 61.93 -30.97
C PHE A 391 -11.83 61.82 -29.69
N VAL A 392 -10.51 61.93 -29.81
CA VAL A 392 -9.60 61.75 -28.69
C VAL A 392 -9.75 62.89 -27.68
N GLU A 393 -9.74 64.12 -28.18
CA GLU A 393 -9.80 65.29 -27.30
C GLU A 393 -11.09 65.24 -26.49
N SER A 394 -12.19 64.93 -27.16
CA SER A 394 -13.51 64.81 -26.52
C SER A 394 -13.56 63.71 -25.47
N PHE A 395 -12.93 62.57 -25.78
CA PHE A 395 -12.97 61.41 -24.88
C PHE A 395 -11.95 61.49 -23.74
N THR A 396 -10.90 62.29 -23.92
CA THR A 396 -10.00 62.56 -22.80
C THR A 396 -10.71 63.43 -21.75
N ARG A 397 -11.66 64.26 -22.18
CA ARG A 397 -12.39 65.19 -21.30
C ARG A 397 -13.60 64.59 -20.58
N GLN A 398 -14.22 63.54 -21.13
CA GLN A 398 -15.48 63.00 -20.61
C GLN A 398 -15.31 61.88 -19.57
N ILE A 399 -15.75 62.18 -18.33
CA ILE A 399 -15.69 61.23 -17.22
C ILE A 399 -16.72 60.08 -17.37
N ALA A 400 -16.26 58.87 -17.05
CA ALA A 400 -17.09 57.66 -17.11
C ALA A 400 -17.62 57.38 -15.71
N GLY A 401 -18.48 56.37 -15.59
CA GLY A 401 -19.18 56.12 -14.35
C GLY A 401 -18.49 55.17 -13.39
N ARG A 402 -18.86 55.30 -12.11
CA ARG A 402 -18.40 54.40 -11.05
C ARG A 402 -19.07 53.03 -11.16
N VAL A 403 -18.28 51.98 -10.98
CA VAL A 403 -18.79 50.60 -11.09
C VAL A 403 -19.32 50.07 -9.76
N ALA A 404 -18.46 49.95 -8.75
CA ALA A 404 -18.89 49.52 -7.42
C ALA A 404 -19.84 50.56 -6.79
N GLY A 405 -20.33 50.29 -5.60
CA GLY A 405 -21.16 51.25 -4.87
C GLY A 405 -22.64 51.28 -5.21
N GLY A 406 -23.05 50.51 -6.24
CA GLY A 406 -24.47 50.29 -6.52
C GLY A 406 -25.13 51.31 -7.46
N ARG A 407 -26.24 50.88 -8.07
CA ARG A 407 -27.16 51.74 -8.81
C ARG A 407 -26.52 52.69 -9.84
N ASN A 408 -25.85 52.11 -10.82
CA ASN A 408 -25.16 52.88 -11.87
C ASN A 408 -25.09 52.20 -13.26
N VAL A 409 -25.88 51.15 -13.48
CA VAL A 409 -26.05 50.55 -14.81
C VAL A 409 -27.07 51.38 -15.60
N PRO A 410 -26.66 51.98 -16.73
CA PRO A 410 -27.58 52.82 -17.51
C PRO A 410 -28.69 52.01 -18.18
N ILE A 411 -29.87 52.60 -18.28
CA ILE A 411 -31.10 51.87 -18.65
C ILE A 411 -31.03 51.21 -20.02
N ALA A 412 -30.44 51.89 -21.01
CA ALA A 412 -30.34 51.38 -22.39
C ALA A 412 -29.87 49.93 -22.49
N VAL A 413 -29.00 49.55 -21.57
CA VAL A 413 -28.31 48.26 -21.60
C VAL A 413 -28.72 47.35 -20.42
N GLN A 414 -29.95 47.51 -19.92
CA GLN A 414 -30.39 46.72 -18.76
C GLN A 414 -30.50 45.22 -19.06
N ALA A 415 -30.96 44.85 -20.25
CA ALA A 415 -31.06 43.43 -20.61
C ALA A 415 -29.71 42.69 -20.51
N VAL A 416 -28.62 43.39 -20.78
CA VAL A 416 -27.25 42.89 -20.58
C VAL A 416 -26.99 42.53 -19.10
N ALA A 417 -27.40 43.42 -18.20
CA ALA A 417 -27.19 43.23 -16.76
C ALA A 417 -27.93 42.02 -16.22
N LYS A 418 -29.20 41.90 -16.60
CA LYS A 418 -30.04 40.75 -16.25
C LYS A 418 -29.43 39.48 -16.79
N ALA A 419 -29.08 39.47 -18.06
CA ALA A 419 -28.43 38.32 -18.66
C ALA A 419 -27.18 37.92 -17.86
N SER A 420 -26.37 38.89 -17.43
CA SER A 420 -25.22 38.58 -16.56
C SER A 420 -25.68 37.79 -15.33
N ILE A 421 -26.77 38.21 -14.71
CA ILE A 421 -27.32 37.44 -13.59
C ILE A 421 -27.72 36.05 -14.04
N ASP A 422 -28.62 35.96 -15.01
CA ASP A 422 -29.27 34.69 -15.37
C ASP A 422 -28.29 33.62 -15.92
N GLN A 423 -27.29 34.05 -16.69
CA GLN A 423 -26.28 33.12 -17.24
C GLN A 423 -25.39 32.50 -16.17
N SER A 424 -25.19 33.23 -15.07
CA SER A 424 -24.37 32.74 -13.97
C SER A 424 -25.09 31.58 -13.34
N ARG A 425 -26.35 31.81 -13.01
CA ARG A 425 -27.22 30.78 -12.45
C ARG A 425 -27.30 29.58 -13.40
N GLU A 426 -27.43 29.88 -14.70
CA GLU A 426 -27.43 28.85 -15.74
C GLU A 426 -26.17 28.00 -15.68
N MET A 427 -25.00 28.61 -15.47
CA MET A 427 -23.68 27.91 -15.37
C MET A 427 -23.32 27.33 -13.97
N LYS A 428 -24.31 27.25 -13.08
CA LYS A 428 -24.16 26.75 -11.70
C LYS A 428 -23.02 27.36 -10.89
N TYR A 429 -22.89 28.68 -10.93
CA TYR A 429 -21.92 29.40 -10.09
C TYR A 429 -22.26 29.14 -8.62
N GLN A 430 -21.25 29.21 -7.75
CA GLN A 430 -21.47 29.14 -6.30
C GLN A 430 -21.72 30.56 -5.74
N SER A 431 -21.87 30.67 -4.42
CA SER A 431 -22.12 31.95 -3.74
C SER A 431 -20.93 32.91 -3.74
N LEU A 432 -21.20 34.15 -3.34
CA LEU A 432 -20.18 35.20 -3.24
C LEU A 432 -19.16 34.86 -2.18
N ASN A 433 -19.64 34.40 -1.04
CA ASN A 433 -18.76 34.07 0.08
C ASN A 433 -17.89 32.84 -0.20
N GLU A 434 -18.42 31.88 -0.95
CA GLU A 434 -17.61 30.73 -1.40
C GLU A 434 -16.47 31.21 -2.29
N TYR A 435 -16.73 32.25 -3.10
CA TYR A 435 -15.69 32.86 -3.95
C TYR A 435 -14.70 33.73 -3.13
N ARG A 436 -15.17 34.43 -2.11
CA ARG A 436 -14.29 35.24 -1.28
C ARG A 436 -13.32 34.36 -0.51
N LYS A 437 -13.84 33.27 0.05
CA LYS A 437 -12.98 32.27 0.70
C LYS A 437 -11.90 31.76 -0.27
N ARG A 438 -12.33 31.36 -1.45
CA ARG A 438 -11.41 30.83 -2.47
C ARG A 438 -10.20 31.76 -2.76
N PHE A 439 -10.40 33.08 -2.65
CA PHE A 439 -9.32 34.04 -2.90
C PHE A 439 -8.79 34.65 -1.60
N SER A 440 -8.83 33.84 -0.53
CA SER A 440 -8.27 34.17 0.79
C SER A 440 -8.72 35.53 1.33
N LEU A 441 -10.01 35.84 1.12
CA LEU A 441 -10.65 37.03 1.67
C LEU A 441 -11.57 36.62 2.83
N LYS A 442 -11.98 37.59 3.65
CA LYS A 442 -12.91 37.31 4.77
C LYS A 442 -14.38 37.25 4.31
N PRO A 443 -15.07 36.12 4.56
CA PRO A 443 -16.50 36.08 4.23
C PRO A 443 -17.29 37.24 4.85
N TYR A 444 -18.27 37.77 4.12
CA TYR A 444 -19.09 38.85 4.65
C TYR A 444 -20.10 38.27 5.65
N THR A 445 -20.37 38.99 6.73
CA THR A 445 -21.24 38.51 7.82
C THR A 445 -22.63 39.17 7.84
N SER A 446 -22.87 40.09 6.90
CA SER A 446 -24.17 40.75 6.73
C SER A 446 -24.18 41.58 5.45
N PHE A 447 -25.37 41.83 4.93
CA PHE A 447 -25.53 42.67 3.74
C PHE A 447 -25.08 44.12 3.97
N GLU A 448 -25.24 44.63 5.19
CA GLU A 448 -24.82 46.00 5.53
C GLU A 448 -23.29 46.18 5.53
N GLU A 449 -22.55 45.14 5.95
CA GLU A 449 -21.09 45.14 5.89
C GLU A 449 -20.62 45.17 4.44
N LEU A 450 -21.33 44.45 3.57
CA LEU A 450 -20.97 44.36 2.14
C LEU A 450 -21.09 45.68 1.42
N THR A 451 -22.21 46.36 1.62
CA THR A 451 -22.53 47.57 0.87
C THR A 451 -21.93 48.82 1.51
N GLY A 452 -21.87 48.82 2.84
CA GLY A 452 -21.42 49.98 3.60
C GLY A 452 -22.51 51.00 3.87
N GLU A 453 -23.76 50.66 3.54
CA GLU A 453 -24.94 51.54 3.74
C GLU A 453 -26.12 50.71 4.27
N LYS A 454 -27.32 51.30 4.32
CA LYS A 454 -28.50 50.62 4.88
C LYS A 454 -29.56 50.20 3.86
N GLU A 455 -29.89 51.08 2.92
CA GLU A 455 -31.10 50.92 2.08
C GLU A 455 -31.06 49.70 1.14
N MET A 456 -29.98 49.56 0.38
CA MET A 456 -29.81 48.42 -0.51
C MET A 456 -29.65 47.12 0.28
N ALA A 457 -29.01 47.21 1.45
CA ALA A 457 -28.84 46.06 2.32
C ALA A 457 -30.21 45.48 2.73
N ALA A 458 -31.15 46.34 3.07
CA ALA A 458 -32.48 45.90 3.50
C ALA A 458 -33.23 45.20 2.37
N GLU A 459 -33.11 45.73 1.16
CA GLU A 459 -33.83 45.18 0.01
C GLU A 459 -33.20 43.86 -0.42
N LEU A 460 -31.88 43.75 -0.30
CA LEU A 460 -31.15 42.53 -0.65
C LEU A 460 -31.37 41.41 0.38
N LYS A 461 -31.48 41.77 1.66
CA LYS A 461 -31.81 40.80 2.71
C LYS A 461 -33.24 40.29 2.52
N ALA A 462 -34.15 41.22 2.20
CA ALA A 462 -35.54 40.89 1.88
C ALA A 462 -35.68 39.85 0.76
N LEU A 463 -34.77 39.89 -0.21
CA LEU A 463 -34.81 39.00 -1.36
C LEU A 463 -34.10 37.66 -1.13
N TYR A 464 -32.85 37.73 -0.67
CA TYR A 464 -31.97 36.56 -0.50
C TYR A 464 -32.09 35.87 0.88
N SER A 465 -32.42 36.62 1.92
CA SER A 465 -32.61 36.09 3.30
C SER A 465 -31.32 35.79 4.07
N ASP A 466 -30.28 35.33 3.39
CA ASP A 466 -29.05 34.93 4.05
C ASP A 466 -27.81 35.40 3.29
N ILE A 467 -26.94 36.15 3.95
CA ILE A 467 -25.69 36.61 3.36
C ILE A 467 -24.99 35.51 2.57
N ASP A 468 -24.99 34.29 3.10
CA ASP A 468 -24.28 33.17 2.46
C ASP A 468 -24.86 32.74 1.10
N VAL A 469 -26.01 33.29 0.72
CA VAL A 469 -26.69 32.94 -0.53
C VAL A 469 -26.50 34.04 -1.58
N MET A 470 -25.82 35.12 -1.22
CA MET A 470 -25.60 36.20 -2.18
C MET A 470 -24.78 35.71 -3.38
N GLU A 471 -25.13 36.27 -4.54
CA GLU A 471 -24.51 35.99 -5.83
C GLU A 471 -23.37 36.94 -6.10
N LEU A 472 -22.43 36.46 -6.90
CA LEU A 472 -21.13 37.10 -7.13
C LEU A 472 -21.29 38.41 -7.85
N TYR A 473 -21.86 38.36 -9.05
CA TYR A 473 -21.86 39.51 -9.93
C TYR A 473 -22.60 40.71 -9.35
N PRO A 474 -23.88 40.54 -8.94
CA PRO A 474 -24.51 41.72 -8.34
C PRO A 474 -23.73 42.25 -7.11
N ALA A 475 -23.08 41.34 -6.37
CA ALA A 475 -22.23 41.73 -5.23
C ALA A 475 -21.14 42.71 -5.65
N LEU A 476 -20.48 42.40 -6.75
CA LEU A 476 -19.40 43.24 -7.27
C LEU A 476 -19.81 44.71 -7.49
N LEU A 477 -21.02 44.93 -8.02
CA LEU A 477 -21.48 46.28 -8.35
C LEU A 477 -22.24 46.93 -7.19
N VAL A 478 -22.33 46.24 -6.04
CA VAL A 478 -23.00 46.79 -4.85
C VAL A 478 -21.99 47.13 -3.75
N GLU A 479 -20.79 46.54 -3.87
CA GLU A 479 -19.77 46.54 -2.82
C GLU A 479 -19.30 47.96 -2.42
N LYS A 480 -19.12 48.13 -1.11
CA LYS A 480 -18.53 49.34 -0.56
C LYS A 480 -17.19 49.56 -1.23
N PRO A 481 -17.05 50.68 -1.96
CA PRO A 481 -15.78 50.91 -2.63
C PRO A 481 -14.65 51.24 -1.67
N ARG A 482 -13.42 51.07 -2.12
CA ARG A 482 -12.27 51.63 -1.41
C ARG A 482 -12.42 53.16 -1.37
N PRO A 483 -11.77 53.82 -0.39
CA PRO A 483 -11.81 55.26 -0.31
C PRO A 483 -11.58 55.93 -1.66
N ASP A 484 -12.52 56.80 -2.04
CA ASP A 484 -12.60 57.47 -3.36
C ASP A 484 -12.14 56.62 -4.55
N ALA A 485 -12.50 55.33 -4.53
CA ALA A 485 -12.05 54.35 -5.53
C ALA A 485 -13.17 53.92 -6.45
N ILE A 486 -12.80 53.39 -7.61
CA ILE A 486 -13.79 52.94 -8.60
C ILE A 486 -14.33 51.52 -8.30
N PHE A 487 -13.49 50.66 -7.70
CA PHE A 487 -13.87 49.29 -7.31
C PHE A 487 -13.78 49.09 -5.81
N GLY A 488 -14.19 47.91 -5.36
CA GLY A 488 -14.00 47.44 -3.99
C GLY A 488 -13.04 46.27 -3.92
N GLU A 489 -12.86 45.73 -2.70
CA GLU A 489 -11.93 44.61 -2.42
C GLU A 489 -12.08 43.42 -3.38
N THR A 490 -13.26 42.80 -3.42
CA THR A 490 -13.51 41.60 -4.23
C THR A 490 -13.11 41.72 -5.70
N MET A 491 -13.59 42.75 -6.38
CA MET A 491 -13.29 42.92 -7.80
C MET A 491 -11.79 42.85 -8.07
N VAL A 492 -10.98 43.58 -7.30
CA VAL A 492 -9.52 43.59 -7.51
C VAL A 492 -8.84 42.24 -7.19
N GLU A 493 -9.09 41.72 -5.99
CA GLU A 493 -8.37 40.53 -5.51
C GLU A 493 -8.66 39.26 -6.33
N LEU A 494 -9.82 39.19 -6.97
CA LEU A 494 -10.09 38.14 -7.97
C LEU A 494 -9.50 38.55 -9.32
N GLY A 495 -9.73 39.81 -9.69
CA GLY A 495 -9.30 40.33 -10.99
C GLY A 495 -7.81 40.28 -11.25
N ALA A 496 -7.01 40.71 -10.29
CA ALA A 496 -5.57 40.88 -10.52
C ALA A 496 -4.82 39.57 -10.81
N PRO A 497 -5.08 38.49 -10.03
CA PRO A 497 -4.41 37.22 -10.32
C PRO A 497 -4.77 36.60 -11.67
N PHE A 498 -6.06 36.63 -12.05
CA PHE A 498 -6.46 36.18 -13.39
C PHE A 498 -5.71 36.98 -14.45
N SER A 499 -5.60 38.28 -14.25
CA SER A 499 -5.05 39.13 -15.29
C SER A 499 -3.53 39.00 -15.42
N LEU A 500 -2.81 39.02 -14.29
CA LEU A 500 -1.36 38.85 -14.34
C LEU A 500 -0.96 37.57 -15.06
N LYS A 501 -1.80 36.54 -14.93
CA LYS A 501 -1.62 35.27 -15.68
C LYS A 501 -1.72 35.42 -17.20
N GLY A 502 -2.47 36.42 -17.65
CA GLY A 502 -2.71 36.66 -19.07
C GLY A 502 -1.71 37.64 -19.62
N LEU A 503 -1.38 38.65 -18.83
CA LEU A 503 -0.23 39.51 -19.15
C LEU A 503 1.12 38.77 -19.10
N MET A 504 1.55 38.31 -17.91
CA MET A 504 2.94 37.82 -17.74
C MET A 504 3.19 36.39 -18.24
N GLY A 505 2.13 35.59 -18.40
CA GLY A 505 2.24 34.23 -18.90
C GLY A 505 2.36 34.16 -20.42
N ASN A 506 2.36 35.32 -21.07
CA ASN A 506 2.46 35.38 -22.52
C ASN A 506 3.77 34.75 -22.92
N PRO A 507 3.75 33.89 -23.95
CA PRO A 507 5.00 33.33 -24.48
C PRO A 507 6.15 34.35 -24.75
N ILE A 508 5.84 35.61 -25.04
CA ILE A 508 6.91 36.61 -25.27
C ILE A 508 7.70 37.03 -24.02
N CYS A 509 7.21 36.67 -22.82
CA CYS A 509 7.87 37.04 -21.55
C CYS A 509 8.77 35.95 -20.92
N SER A 510 8.89 34.80 -21.58
CA SER A 510 9.79 33.75 -21.09
C SER A 510 11.25 34.19 -21.30
N PRO A 511 12.22 33.44 -20.74
CA PRO A 511 13.62 33.61 -21.05
C PRO A 511 13.96 33.55 -22.54
N GLN A 512 13.60 32.45 -23.22
CA GLN A 512 14.03 32.27 -24.61
C GLN A 512 13.43 33.27 -25.60
N TYR A 513 12.30 33.90 -25.25
CA TYR A 513 11.63 34.84 -26.16
C TYR A 513 12.03 36.29 -25.91
N TRP A 514 12.28 36.62 -24.65
CA TRP A 514 12.47 38.02 -24.25
C TRP A 514 13.93 38.45 -24.36
N LYS A 515 14.31 38.90 -25.55
CA LYS A 515 15.65 39.38 -25.84
C LYS A 515 15.61 40.14 -27.16
N PRO A 516 16.61 41.03 -27.40
CA PRO A 516 16.49 41.92 -28.56
C PRO A 516 16.15 41.22 -29.88
N SER A 517 16.87 40.14 -30.19
CA SER A 517 16.78 39.53 -31.52
C SER A 517 15.38 39.02 -31.87
N THR A 518 14.57 38.65 -30.87
CA THR A 518 13.17 38.28 -31.12
C THR A 518 12.41 39.45 -31.77
N PHE A 519 12.81 40.67 -31.42
CA PHE A 519 12.10 41.88 -31.88
C PHE A 519 12.87 42.62 -32.96
N GLY A 520 13.73 41.90 -33.66
CA GLY A 520 14.43 42.44 -34.82
C GLY A 520 15.57 43.40 -34.54
N GLY A 521 16.07 43.43 -33.31
CA GLY A 521 17.19 44.31 -32.92
C GLY A 521 16.91 45.18 -31.72
N GLU A 522 17.89 46.00 -31.33
CA GLU A 522 17.79 46.87 -30.16
C GLU A 522 16.79 47.99 -30.42
N VAL A 523 16.74 48.47 -31.67
CA VAL A 523 15.76 49.46 -32.10
C VAL A 523 14.34 48.96 -31.81
N GLY A 524 14.03 47.75 -32.25
CA GLY A 524 12.71 47.15 -32.06
C GLY A 524 12.33 46.92 -30.61
N PHE A 525 13.30 46.50 -29.81
CA PHE A 525 13.13 46.29 -28.36
C PHE A 525 12.85 47.62 -27.63
N LYS A 526 13.40 48.73 -28.15
CA LYS A 526 13.19 50.06 -27.58
C LYS A 526 11.73 50.51 -27.71
N ILE A 527 11.06 50.06 -28.76
CA ILE A 527 9.68 50.48 -29.04
C ILE A 527 8.70 49.88 -28.05
N ILE A 528 9.03 48.68 -27.53
CA ILE A 528 8.26 48.07 -26.44
C ILE A 528 8.63 48.77 -25.13
N ASN A 529 9.92 48.88 -24.86
CA ASN A 529 10.37 49.31 -23.54
C ASN A 529 10.17 50.79 -23.19
N THR A 530 9.72 51.59 -24.17
CA THR A 530 9.31 52.97 -23.93
C THR A 530 7.90 53.25 -24.48
N ALA A 531 7.01 52.25 -24.39
CA ALA A 531 5.65 52.38 -24.91
C ALA A 531 4.75 53.01 -23.85
N SER A 532 3.71 53.71 -24.31
CA SER A 532 2.76 54.38 -23.43
C SER A 532 1.53 54.78 -24.23
N ILE A 533 0.43 55.03 -23.55
CA ILE A 533 -0.80 55.47 -24.22
C ILE A 533 -0.61 56.82 -24.91
N GLN A 534 0.18 57.69 -24.29
CA GLN A 534 0.47 59.02 -24.81
C GLN A 534 1.19 58.95 -26.17
N SER A 535 2.21 58.10 -26.27
CA SER A 535 2.94 57.97 -27.53
C SER A 535 2.13 57.23 -28.60
N LEU A 536 1.34 56.23 -28.19
CA LEU A 536 0.50 55.53 -29.16
C LEU A 536 -0.37 56.51 -29.94
N ILE A 537 -0.99 57.44 -29.20
CA ILE A 537 -1.84 58.47 -29.80
C ILE A 537 -0.99 59.46 -30.59
N CYS A 538 0.12 59.90 -30.00
CA CYS A 538 0.92 60.98 -30.55
C CYS A 538 1.41 60.67 -31.96
N ASN A 539 2.03 59.49 -32.11
CA ASN A 539 2.57 59.02 -33.40
C ASN A 539 1.53 58.60 -34.43
N ASN A 540 0.31 58.27 -34.00
CA ASN A 540 -0.73 57.78 -34.90
C ASN A 540 -1.98 58.66 -35.01
N VAL A 541 -1.97 59.87 -34.43
CA VAL A 541 -3.11 60.78 -34.54
C VAL A 541 -2.64 62.18 -34.91
N LYS A 542 -3.31 62.78 -35.90
CA LYS A 542 -2.87 64.04 -36.51
C LYS A 542 -2.78 65.14 -35.47
N GLY A 543 -1.68 65.87 -35.48
CA GLY A 543 -1.40 66.93 -34.52
C GLY A 543 -0.92 66.48 -33.14
N CYS A 544 -0.53 65.22 -32.99
CA CYS A 544 -0.12 64.67 -31.69
C CYS A 544 -0.88 65.25 -30.47
N PRO A 545 -2.20 64.99 -30.40
CA PRO A 545 -2.96 65.46 -29.24
C PRO A 545 -2.53 64.82 -27.92
N PHE A 546 -2.69 65.57 -26.84
CA PHE A 546 -2.42 65.06 -25.50
C PHE A 546 -3.55 64.10 -25.07
N THR A 547 -3.20 62.97 -24.46
CA THR A 547 -4.21 62.07 -23.90
C THR A 547 -3.77 61.51 -22.54
N SER A 548 -4.66 60.71 -21.94
CA SER A 548 -4.52 60.21 -20.57
C SER A 548 -5.76 59.34 -20.27
N PHE A 549 -5.70 58.48 -19.26
CA PHE A 549 -6.88 57.68 -18.87
C PHE A 549 -7.74 58.37 -17.81
N ASN A 550 -7.41 59.60 -17.42
CA ASN A 550 -8.29 60.34 -16.52
C ASN A 550 -8.43 61.84 -16.81
N VAL A 551 -9.67 62.34 -16.66
CA VAL A 551 -10.00 63.75 -16.82
C VAL A 551 -9.12 64.61 -15.92
N GLN A 552 -8.66 65.75 -16.43
CA GLN A 552 -7.79 66.66 -15.65
C GLN A 552 -8.51 67.23 -14.42
N ALA B 1 22.57 34.61 -50.07
CA ALA B 1 23.48 35.70 -49.58
C ALA B 1 23.09 36.15 -48.16
N ASN B 2 22.11 35.45 -47.57
CA ASN B 2 21.83 35.58 -46.14
C ASN B 2 23.12 35.27 -45.38
N PRO B 3 23.63 36.26 -44.61
CA PRO B 3 24.90 36.07 -43.89
C PRO B 3 24.82 35.17 -42.65
N CYS B 4 23.62 34.61 -42.37
CA CYS B 4 23.45 33.60 -41.32
C CYS B 4 23.45 32.15 -41.82
N CYS B 5 23.61 31.93 -43.12
CA CYS B 5 23.65 30.56 -43.69
C CYS B 5 24.76 29.67 -43.11
N SER B 6 25.88 30.27 -42.69
CA SER B 6 27.02 29.50 -42.18
C SER B 6 26.91 29.18 -40.68
N ASN B 7 25.77 29.49 -40.07
CA ASN B 7 25.58 29.23 -38.64
C ASN B 7 26.71 29.81 -37.76
N PRO B 8 27.02 31.14 -37.92
CA PRO B 8 28.17 31.75 -37.23
C PRO B 8 28.05 31.81 -35.70
N CYS B 9 26.85 32.09 -35.18
CA CYS B 9 26.66 32.32 -33.75
C CYS B 9 26.84 31.03 -32.99
N GLN B 10 27.44 31.08 -31.81
CA GLN B 10 27.81 29.86 -31.09
C GLN B 10 27.33 29.85 -29.64
N ASN B 11 27.36 28.66 -29.03
CA ASN B 11 26.83 28.41 -27.69
C ASN B 11 25.38 28.85 -27.48
N ARG B 12 24.54 28.64 -28.51
CA ARG B 12 23.07 28.87 -28.45
C ARG B 12 22.63 30.32 -28.70
N GLY B 13 23.59 31.21 -28.94
CA GLY B 13 23.29 32.58 -29.36
C GLY B 13 22.52 32.55 -30.68
N GLU B 14 21.97 33.70 -31.06
CA GLU B 14 21.12 33.78 -32.23
C GLU B 14 21.59 34.77 -33.30
N CYS B 15 21.53 34.33 -34.55
CA CYS B 15 21.97 35.12 -35.70
C CYS B 15 20.84 35.94 -36.28
N MET B 16 21.04 37.25 -36.29
CA MET B 16 20.15 38.16 -36.99
C MET B 16 20.98 38.91 -38.03
N SER B 17 20.43 39.07 -39.23
CA SER B 17 21.06 39.86 -40.28
C SER B 17 20.79 41.35 -40.09
N THR B 18 21.82 42.18 -40.28
CA THR B 18 21.75 43.65 -40.05
C THR B 18 22.03 44.48 -41.31
N GLY B 19 21.77 43.89 -42.47
CA GLY B 19 22.12 44.48 -43.77
C GLY B 19 22.29 43.35 -44.76
N PHE B 20 22.34 43.66 -46.05
CA PHE B 20 22.39 42.62 -47.09
C PHE B 20 23.49 41.59 -46.88
N ASP B 21 24.65 42.03 -46.37
CA ASP B 21 25.78 41.12 -46.18
C ASP B 21 26.35 41.05 -44.75
N GLN B 22 25.65 41.62 -43.76
CA GLN B 22 26.13 41.64 -42.37
C GLN B 22 25.19 40.91 -41.41
N TYR B 23 25.78 40.31 -40.37
CA TYR B 23 25.02 39.58 -39.36
C TYR B 23 25.38 40.10 -37.98
N LYS B 24 24.71 39.58 -36.96
CA LYS B 24 25.00 39.97 -35.56
C LYS B 24 24.40 38.97 -34.58
N CYS B 25 25.26 38.45 -33.72
CA CYS B 25 24.85 37.51 -32.70
C CYS B 25 24.27 38.21 -31.43
N ASP B 26 23.11 37.71 -30.98
CA ASP B 26 22.55 38.07 -29.69
C ASP B 26 22.91 37.00 -28.65
N CYS B 27 23.87 37.31 -27.78
CA CYS B 27 24.42 36.35 -26.83
C CYS B 27 23.71 36.29 -25.46
N THR B 28 22.59 37.01 -25.31
CA THR B 28 21.91 37.15 -24.01
C THR B 28 21.71 35.83 -23.27
N ARG B 29 22.10 35.84 -22.00
CA ARG B 29 21.95 34.72 -21.07
C ARG B 29 22.82 33.49 -21.39
N THR B 30 23.55 33.51 -22.50
CA THR B 30 24.29 32.33 -22.95
C THR B 30 25.59 32.04 -22.19
N GLY B 31 25.98 32.91 -21.25
CA GLY B 31 27.24 32.75 -20.52
C GLY B 31 28.50 32.94 -21.34
N PHE B 32 28.35 33.50 -22.55
CA PHE B 32 29.48 33.86 -23.41
C PHE B 32 29.18 35.22 -24.04
N TYR B 33 30.24 36.00 -24.29
CA TYR B 33 30.16 37.24 -25.07
C TYR B 33 31.21 37.22 -26.20
N GLY B 34 31.32 38.32 -26.95
CA GLY B 34 32.16 38.34 -28.15
C GLY B 34 31.31 38.22 -29.41
N GLU B 35 31.94 38.40 -30.56
CA GLU B 35 31.21 38.56 -31.83
C GLU B 35 30.32 37.36 -32.15
N ASN B 36 30.86 36.15 -31.99
CA ASN B 36 30.13 34.91 -32.26
C ASN B 36 29.82 34.17 -30.96
N CYS B 37 29.72 34.90 -29.85
CA CYS B 37 29.47 34.31 -28.52
C CYS B 37 30.43 33.15 -28.13
N THR B 38 31.73 33.35 -28.38
CA THR B 38 32.75 32.35 -28.02
C THR B 38 33.63 32.69 -26.81
N THR B 39 33.54 33.91 -26.27
CA THR B 39 34.32 34.25 -25.06
C THR B 39 33.51 34.07 -23.78
N PRO B 40 34.00 33.19 -22.88
CA PRO B 40 33.27 32.87 -21.67
C PRO B 40 33.37 33.92 -20.56
N GLU B 41 32.29 34.08 -19.81
CA GLU B 41 32.33 34.77 -18.52
C GLU B 41 33.16 33.94 -17.53
N PHE B 42 33.55 34.57 -16.43
CA PHE B 42 34.42 33.93 -15.45
C PHE B 42 33.76 32.70 -14.85
N LEU B 43 32.51 32.86 -14.42
CA LEU B 43 31.76 31.77 -13.81
C LEU B 43 31.63 30.59 -14.76
N THR B 44 31.32 30.88 -16.03
CA THR B 44 31.11 29.85 -17.05
C THR B 44 32.35 29.00 -17.34
N ARG B 45 33.55 29.52 -17.05
CA ARG B 45 34.79 28.76 -17.25
C ARG B 45 34.90 27.65 -16.20
N ILE B 46 34.60 28.01 -14.96
CA ILE B 46 34.65 27.09 -13.83
C ILE B 46 33.61 25.98 -14.00
N LYS B 47 32.37 26.37 -14.32
CA LYS B 47 31.31 25.42 -14.65
C LYS B 47 31.78 24.35 -15.64
N LEU B 48 32.53 24.76 -16.67
CA LEU B 48 32.96 23.82 -17.73
C LEU B 48 34.02 22.83 -17.25
N LEU B 49 35.05 23.34 -16.56
CA LEU B 49 36.11 22.50 -15.98
C LEU B 49 35.58 21.42 -15.04
N LEU B 50 34.59 21.77 -14.23
CA LEU B 50 34.03 20.87 -13.21
C LEU B 50 33.00 19.88 -13.79
N LYS B 51 32.21 20.32 -14.77
CA LYS B 51 31.23 19.47 -15.45
C LYS B 51 31.91 18.28 -16.13
N PRO B 52 31.32 17.07 -16.00
CA PRO B 52 31.85 15.90 -16.71
C PRO B 52 31.16 15.66 -18.06
N THR B 53 31.62 14.64 -18.78
CA THR B 53 31.09 14.34 -20.10
C THR B 53 29.92 13.33 -20.04
N PRO B 54 29.11 13.23 -21.12
CA PRO B 54 28.02 12.24 -21.16
C PRO B 54 28.51 10.81 -21.09
N ASN B 55 29.70 10.57 -21.63
CA ASN B 55 30.29 9.24 -21.71
C ASN B 55 30.93 8.82 -20.38
N THR B 56 31.35 9.78 -19.56
CA THR B 56 31.89 9.49 -18.21
C THR B 56 30.76 9.23 -17.22
N VAL B 57 29.72 10.06 -17.29
CA VAL B 57 28.54 9.89 -16.46
C VAL B 57 27.92 8.52 -16.76
N HIS B 58 27.97 8.11 -18.03
CA HIS B 58 27.51 6.77 -18.45
C HIS B 58 28.30 5.63 -17.83
N TYR B 59 29.62 5.81 -17.67
CA TYR B 59 30.50 4.79 -17.08
C TYR B 59 30.10 4.52 -15.66
N ILE B 60 29.99 5.60 -14.87
CA ILE B 60 29.67 5.48 -13.47
C ILE B 60 28.34 4.75 -13.32
N LEU B 61 27.29 5.29 -13.93
CA LEU B 61 25.94 4.69 -13.82
C LEU B 61 25.86 3.20 -14.26
N THR B 62 26.83 2.72 -15.04
CA THR B 62 26.85 1.33 -15.52
C THR B 62 27.98 0.48 -14.92
N HIS B 63 28.65 1.00 -13.90
CA HIS B 63 29.62 0.25 -13.10
C HIS B 63 29.30 0.44 -11.61
N PHE B 64 30.07 -0.21 -10.73
CA PHE B 64 29.89 -0.09 -9.28
C PHE B 64 28.53 -0.58 -8.81
N LYS B 65 28.16 -1.78 -9.23
CA LYS B 65 26.86 -2.36 -8.88
C LYS B 65 26.60 -2.39 -7.36
N GLY B 66 27.67 -2.53 -6.58
CA GLY B 66 27.56 -2.58 -5.11
C GLY B 66 27.24 -1.25 -4.43
N VAL B 67 27.84 -0.17 -4.94
CA VAL B 67 27.53 1.18 -4.48
C VAL B 67 26.09 1.55 -4.86
N TRP B 68 25.71 1.27 -6.11
CA TRP B 68 24.36 1.56 -6.57
C TRP B 68 23.31 0.73 -5.86
N ASN B 69 23.68 -0.40 -5.28
CA ASN B 69 22.70 -1.16 -4.50
C ASN B 69 22.41 -0.49 -3.17
N ILE B 70 23.44 0.05 -2.54
CA ILE B 70 23.28 0.85 -1.33
C ILE B 70 22.39 2.06 -1.63
N VAL B 71 22.73 2.79 -2.70
CA VAL B 71 21.96 3.95 -3.12
C VAL B 71 20.50 3.60 -3.42
N ASN B 72 20.28 2.47 -4.07
CA ASN B 72 18.93 2.03 -4.47
C ASN B 72 18.00 1.65 -3.32
N ASN B 73 18.56 1.39 -2.14
CA ASN B 73 17.78 0.96 -0.97
C ASN B 73 17.69 2.01 0.13
N ILE B 74 18.31 3.17 -0.09
CA ILE B 74 18.09 4.35 0.74
C ILE B 74 17.14 5.29 -0.01
N PRO B 75 15.84 5.32 0.36
CA PRO B 75 14.86 6.14 -0.36
C PRO B 75 15.30 7.58 -0.58
N PHE B 76 15.90 8.17 0.44
CA PHE B 76 16.32 9.58 0.39
C PHE B 76 17.39 9.87 -0.68
N LEU B 77 18.39 8.99 -0.80
CA LEU B 77 19.48 9.17 -1.78
C LEU B 77 19.01 8.91 -3.21
N ARG B 78 18.28 7.81 -3.38
CA ARG B 78 17.65 7.46 -4.66
C ARG B 78 16.93 8.66 -5.27
N SER B 79 16.15 9.37 -4.45
CA SER B 79 15.38 10.54 -4.92
C SER B 79 16.29 11.68 -5.38
N LEU B 80 17.27 12.01 -4.54
CA LEU B 80 18.25 13.05 -4.85
C LEU B 80 18.95 12.76 -6.17
N ILE B 81 19.38 11.52 -6.37
CA ILE B 81 20.01 11.11 -7.62
C ILE B 81 19.08 11.31 -8.83
N MET B 82 17.83 10.87 -8.69
CA MET B 82 16.84 10.97 -9.78
C MET B 82 16.49 12.43 -10.11
N LYS B 83 16.42 13.26 -9.07
CA LYS B 83 16.19 14.70 -9.25
C LYS B 83 17.24 15.29 -10.18
N TYR B 84 18.49 14.83 -10.02
CA TYR B 84 19.60 15.30 -10.84
C TYR B 84 19.47 14.85 -12.30
N VAL B 85 19.03 13.61 -12.55
CA VAL B 85 18.76 13.19 -13.95
C VAL B 85 17.70 14.08 -14.59
N LEU B 86 16.70 14.50 -13.81
CA LEU B 86 15.59 15.30 -14.34
C LEU B 86 16.00 16.75 -14.63
N THR B 87 16.53 17.41 -13.60
CA THR B 87 16.90 18.83 -13.69
C THR B 87 18.05 19.10 -14.69
N SER B 88 19.04 18.20 -14.73
CA SER B 88 20.22 18.39 -15.59
C SER B 88 19.94 18.42 -17.09
N ARG B 89 18.68 18.24 -17.48
CA ARG B 89 18.31 18.14 -18.88
C ARG B 89 17.22 19.12 -19.35
N SER B 90 16.44 19.66 -18.42
CA SER B 90 15.34 20.57 -18.76
C SER B 90 15.82 21.74 -19.61
N TYR B 91 16.91 22.38 -19.19
CA TYR B 91 17.48 23.52 -19.93
C TYR B 91 17.81 23.22 -21.42
N LEU B 92 18.02 21.94 -21.76
CA LEU B 92 18.33 21.56 -23.16
C LEU B 92 17.14 21.71 -24.13
N ILE B 93 15.92 21.79 -23.62
CA ILE B 93 14.76 21.98 -24.48
C ILE B 93 14.17 23.38 -24.31
N ASP B 94 13.74 23.98 -25.42
CA ASP B 94 13.05 25.27 -25.42
C ASP B 94 11.55 25.07 -25.13
N SER B 95 11.05 25.75 -24.09
CA SER B 95 9.67 25.63 -23.64
C SER B 95 9.33 26.86 -22.80
N PRO B 96 8.36 27.69 -23.24
CA PRO B 96 7.51 27.57 -24.43
C PRO B 96 8.30 27.39 -25.76
N PRO B 97 7.71 26.66 -26.74
CA PRO B 97 8.40 26.26 -27.96
C PRO B 97 8.71 27.43 -28.87
N THR B 98 9.46 27.16 -29.95
CA THR B 98 9.99 28.21 -30.82
C THR B 98 9.84 27.95 -32.35
N TYR B 99 10.70 27.14 -32.94
CA TYR B 99 10.73 27.03 -34.42
C TYR B 99 9.90 25.88 -35.02
N ASN B 100 9.72 25.95 -36.34
CA ASN B 100 9.13 24.86 -37.12
C ASN B 100 9.62 24.91 -38.58
N VAL B 101 9.24 23.91 -39.38
CA VAL B 101 9.64 23.78 -40.78
C VAL B 101 9.57 25.05 -41.64
N HIS B 102 8.66 25.96 -41.33
CA HIS B 102 8.48 27.19 -42.12
C HIS B 102 9.04 28.45 -41.46
N TYR B 103 9.54 28.34 -40.23
CA TYR B 103 10.00 29.53 -39.50
C TYR B 103 11.38 29.38 -38.84
N GLY B 104 12.35 30.11 -39.36
CA GLY B 104 13.71 30.16 -38.79
C GLY B 104 13.94 31.30 -37.79
N TYR B 105 12.90 32.13 -37.59
CA TYR B 105 12.85 33.15 -36.55
C TYR B 105 11.60 32.96 -35.71
N LYS B 106 11.65 33.39 -34.44
CA LYS B 106 10.48 33.26 -33.56
C LYS B 106 9.36 34.12 -34.10
N SER B 107 8.18 33.52 -34.27
CA SER B 107 7.00 34.26 -34.75
C SER B 107 5.82 33.81 -33.94
N TRP B 108 4.72 34.56 -34.01
CA TRP B 108 3.49 34.13 -33.35
C TRP B 108 2.89 32.90 -34.03
N GLU B 109 3.04 32.83 -35.37
CA GLU B 109 2.56 31.69 -36.16
C GLU B 109 3.23 30.38 -35.74
N ALA B 110 4.54 30.45 -35.48
CA ALA B 110 5.33 29.28 -35.07
C ALA B 110 4.98 28.88 -33.65
N PHE B 111 4.57 29.83 -32.83
CA PHE B 111 4.12 29.48 -31.49
C PHE B 111 2.68 28.95 -31.48
N SER B 112 1.74 29.63 -32.15
CA SER B 112 0.29 29.39 -31.93
C SER B 112 -0.31 28.14 -32.59
N ASN B 113 0.25 27.72 -33.72
CA ASN B 113 -0.37 26.72 -34.60
C ASN B 113 -0.06 25.26 -34.23
N LEU B 114 -1.01 24.58 -33.58
CA LEU B 114 -0.71 23.25 -33.02
C LEU B 114 -0.61 22.11 -34.05
N SER B 115 -0.73 22.42 -35.35
CA SER B 115 -0.59 21.39 -36.40
C SER B 115 0.85 21.10 -36.85
N TYR B 116 1.80 21.98 -36.54
CA TYR B 116 3.23 21.72 -36.80
C TYR B 116 3.85 20.91 -35.67
N TYR B 117 4.82 20.07 -36.02
CA TYR B 117 5.83 19.64 -35.07
C TYR B 117 6.78 20.83 -34.88
N THR B 118 7.21 21.07 -33.66
CA THR B 118 8.22 22.10 -33.41
C THR B 118 9.62 21.61 -33.81
N ARG B 119 10.62 22.46 -33.66
CA ARG B 119 11.98 22.10 -34.08
C ARG B 119 13.02 22.55 -33.06
N ALA B 120 13.91 21.63 -32.70
CA ALA B 120 15.08 21.93 -31.84
C ALA B 120 16.03 22.95 -32.47
N LEU B 121 16.42 22.75 -33.73
CA LEU B 121 17.22 23.72 -34.47
C LEU B 121 16.44 24.15 -35.69
N PRO B 122 16.57 25.43 -36.09
CA PRO B 122 15.82 25.97 -37.21
C PRO B 122 16.29 25.38 -38.54
N PRO B 123 15.49 25.56 -39.59
CA PRO B 123 15.88 25.01 -40.88
C PRO B 123 16.80 25.96 -41.63
N VAL B 124 17.74 25.39 -42.38
CA VAL B 124 18.56 26.14 -43.33
C VAL B 124 17.63 26.94 -44.25
N ALA B 125 17.97 28.21 -44.48
CA ALA B 125 17.16 29.10 -45.29
C ALA B 125 17.18 28.68 -46.76
N ASP B 126 16.11 28.96 -47.49
CA ASP B 126 15.99 28.53 -48.90
C ASP B 126 16.99 29.21 -49.82
N ASP B 127 17.48 30.38 -49.41
CA ASP B 127 18.44 31.13 -50.22
C ASP B 127 19.91 30.80 -49.88
N CYS B 128 20.17 29.67 -49.22
CA CYS B 128 21.54 29.32 -48.89
C CYS B 128 22.19 28.50 -50.01
N PRO B 129 23.47 28.79 -50.33
CA PRO B 129 24.13 28.14 -51.47
C PRO B 129 24.13 26.60 -51.46
N THR B 130 24.36 25.99 -50.30
CA THR B 130 24.39 24.53 -50.16
C THR B 130 23.26 24.08 -49.23
N PRO B 131 22.90 22.78 -49.26
CA PRO B 131 21.83 22.28 -48.39
C PRO B 131 22.10 22.47 -46.89
N MET B 132 23.31 22.16 -46.45
CA MET B 132 23.69 22.37 -45.03
C MET B 132 23.92 23.85 -44.70
N GLY B 133 24.37 24.64 -45.66
CA GLY B 133 24.53 26.08 -45.45
C GLY B 133 25.50 26.63 -46.46
N VAL B 134 26.77 26.63 -46.10
CA VAL B 134 27.85 26.99 -47.03
C VAL B 134 28.90 25.88 -47.19
N LYS B 135 28.67 24.73 -46.55
CA LYS B 135 29.55 23.55 -46.68
C LYS B 135 28.91 22.49 -47.56
N GLY B 136 29.76 21.65 -48.15
CA GLY B 136 29.32 20.51 -48.98
C GLY B 136 29.04 20.80 -50.45
N ASN B 137 28.90 19.74 -51.24
CA ASN B 137 28.47 19.84 -52.63
C ASN B 137 27.08 20.48 -52.78
N LYS B 138 26.80 20.96 -53.99
CA LYS B 138 25.51 21.61 -54.31
C LYS B 138 24.30 20.74 -53.97
N GLU B 139 24.44 19.43 -54.16
CA GLU B 139 23.40 18.48 -53.78
C GLU B 139 23.99 17.42 -52.86
N LEU B 140 23.19 16.96 -51.89
CA LEU B 140 23.59 15.84 -51.03
C LEU B 140 23.77 14.56 -51.85
N PRO B 141 24.48 13.57 -51.30
CA PRO B 141 24.58 12.27 -51.96
C PRO B 141 23.23 11.59 -52.17
N ASP B 142 23.22 10.63 -53.10
CA ASP B 142 22.03 9.87 -53.40
C ASP B 142 21.61 9.05 -52.19
N SER B 143 20.35 9.19 -51.79
CA SER B 143 19.86 8.53 -50.58
C SER B 143 19.80 7.02 -50.77
N LYS B 144 19.41 6.57 -51.96
CA LYS B 144 19.38 5.13 -52.30
C LYS B 144 20.73 4.48 -52.04
N GLU B 145 21.79 5.23 -52.35
CA GLU B 145 23.18 4.76 -52.21
C GLU B 145 23.58 4.68 -50.73
N VAL B 146 23.20 5.69 -49.95
CA VAL B 146 23.43 5.66 -48.49
C VAL B 146 22.65 4.50 -47.86
N LEU B 147 21.39 4.32 -48.30
CA LEU B 147 20.55 3.19 -47.87
C LEU B 147 21.24 1.84 -48.10
N GLU B 148 21.71 1.63 -49.32
CA GLU B 148 22.31 0.37 -49.74
C GLU B 148 23.72 0.15 -49.15
N LYS B 149 24.57 1.17 -49.17
CA LYS B 149 25.94 0.99 -48.66
C LYS B 149 26.04 0.78 -47.15
N VAL B 150 25.37 1.59 -46.33
CA VAL B 150 25.60 1.52 -44.86
C VAL B 150 24.38 1.21 -43.95
N LEU B 151 23.17 1.11 -44.52
CA LEU B 151 21.98 0.88 -43.72
C LEU B 151 21.35 -0.50 -43.85
N LEU B 152 21.13 -0.99 -45.06
CA LEU B 152 20.43 -2.27 -45.25
C LEU B 152 21.15 -3.44 -44.58
N ARG B 153 20.40 -4.50 -44.33
CA ARG B 153 20.88 -5.64 -43.55
C ARG B 153 21.46 -6.71 -44.48
N ARG B 154 22.56 -7.33 -44.07
CA ARG B 154 23.14 -8.46 -44.79
C ARG B 154 22.76 -9.71 -43.99
N GLU B 155 23.24 -9.73 -42.75
CA GLU B 155 23.05 -10.83 -41.80
C GLU B 155 22.48 -10.20 -40.54
N PHE B 156 21.51 -10.84 -39.93
CA PHE B 156 20.79 -10.22 -38.81
C PHE B 156 21.73 -9.96 -37.62
N ILE B 157 21.69 -8.74 -37.08
CA ILE B 157 22.47 -8.40 -35.89
C ILE B 157 21.54 -8.22 -34.70
N PRO B 158 21.71 -9.04 -33.65
CA PRO B 158 20.82 -8.98 -32.49
C PRO B 158 21.27 -7.94 -31.47
N ASP B 159 20.31 -7.35 -30.76
CA ASP B 159 20.59 -6.43 -29.66
C ASP B 159 21.34 -7.17 -28.58
N PRO B 160 22.57 -6.71 -28.27
CA PRO B 160 23.32 -7.35 -27.20
C PRO B 160 22.82 -6.97 -25.81
N GLN B 161 21.85 -6.06 -25.73
CA GLN B 161 21.14 -5.82 -24.47
C GLN B 161 19.91 -6.72 -24.34
N GLY B 162 19.71 -7.65 -25.26
CA GLY B 162 18.66 -8.63 -25.15
C GLY B 162 17.22 -8.12 -25.24
N SER B 163 16.98 -7.04 -25.98
CA SER B 163 15.61 -6.59 -26.23
C SER B 163 14.76 -7.65 -26.95
N ASN B 164 13.44 -7.59 -26.81
CA ASN B 164 12.53 -8.57 -27.43
C ASN B 164 11.28 -7.95 -28.12
N MET B 165 10.45 -8.80 -28.71
CA MET B 165 9.27 -8.31 -29.45
C MET B 165 8.19 -7.66 -28.57
N MET B 166 8.09 -8.09 -27.31
CA MET B 166 7.25 -7.36 -26.34
C MET B 166 7.72 -5.91 -26.24
N PHE B 167 9.04 -5.70 -26.25
CA PHE B 167 9.62 -4.36 -26.19
C PHE B 167 9.47 -3.59 -27.51
N ALA B 168 9.78 -4.23 -28.64
CA ALA B 168 9.63 -3.54 -29.92
C ALA B 168 8.15 -3.17 -30.19
N PHE B 169 7.23 -4.13 -30.14
CA PHE B 169 5.81 -3.77 -30.33
C PHE B 169 5.28 -2.77 -29.28
N PHE B 170 5.88 -2.73 -28.09
CA PHE B 170 5.47 -1.73 -27.10
C PHE B 170 6.04 -0.35 -27.45
N ALA B 171 7.27 -0.32 -27.97
CA ALA B 171 7.84 0.93 -28.48
C ALA B 171 6.89 1.50 -29.54
N GLN B 172 6.62 0.70 -30.55
CA GLN B 172 5.71 1.06 -31.67
C GLN B 172 4.30 1.44 -31.21
N HIS B 173 3.81 0.78 -30.16
CA HIS B 173 2.49 1.09 -29.64
C HIS B 173 2.46 2.46 -28.94
N PHE B 174 3.23 2.59 -27.86
CA PHE B 174 3.37 3.87 -27.13
C PHE B 174 3.54 5.10 -28.07
N THR B 175 4.54 5.06 -28.93
CA THR B 175 4.91 6.23 -29.73
C THR B 175 3.82 6.68 -30.72
N HIS B 176 3.11 5.72 -31.30
CA HIS B 176 2.12 6.00 -32.34
C HIS B 176 0.84 6.71 -31.86
N GLN B 177 0.80 7.12 -30.59
CA GLN B 177 -0.22 8.07 -30.13
C GLN B 177 0.18 9.52 -30.38
N PHE B 178 1.47 9.85 -30.26
CA PHE B 178 1.90 11.25 -30.43
C PHE B 178 2.59 11.54 -31.76
N PHE B 179 3.30 10.55 -32.28
CA PHE B 179 3.82 10.60 -33.64
C PHE B 179 2.72 10.15 -34.61
N LYS B 180 2.10 11.10 -35.31
CA LYS B 180 1.08 10.80 -36.32
C LYS B 180 1.16 11.81 -37.48
N THR B 181 2.07 11.58 -38.41
CA THR B 181 2.36 12.57 -39.44
C THR B 181 1.16 12.67 -40.40
N ASP B 182 0.72 13.91 -40.67
CA ASP B 182 -0.33 14.16 -41.66
C ASP B 182 0.31 14.29 -43.04
N HIS B 183 0.39 13.19 -43.75
CA HIS B 183 1.08 13.13 -45.06
C HIS B 183 0.43 13.96 -46.15
N LYS B 184 -0.85 14.34 -45.97
CA LYS B 184 -1.52 15.27 -46.89
C LYS B 184 -0.90 16.67 -46.83
N ARG B 185 -0.65 17.16 -45.62
CA ARG B 185 -0.06 18.47 -45.43
C ARG B 185 1.48 18.45 -45.59
N GLY B 186 2.13 17.41 -45.05
CA GLY B 186 3.58 17.23 -45.23
C GLY B 186 4.32 16.59 -44.07
N PRO B 187 5.63 16.33 -44.24
CA PRO B 187 6.45 15.63 -43.23
C PRO B 187 6.57 16.33 -41.89
N GLY B 188 6.45 17.66 -41.89
CA GLY B 188 6.56 18.46 -40.66
C GLY B 188 5.25 18.83 -39.96
N PHE B 189 4.14 18.20 -40.33
CA PHE B 189 2.84 18.44 -39.69
C PHE B 189 2.33 17.20 -38.96
N THR B 190 1.42 17.39 -38.01
CA THR B 190 0.98 16.34 -37.07
C THR B 190 -0.54 16.31 -36.85
N ARG B 191 -1.08 15.13 -36.52
CA ARG B 191 -2.53 14.95 -36.23
C ARG B 191 -2.80 14.70 -34.74
N GLY B 192 -1.72 14.56 -33.95
CA GLY B 192 -1.81 14.45 -32.49
C GLY B 192 -1.74 15.82 -31.83
N LEU B 193 -2.87 16.51 -31.83
CA LEU B 193 -2.96 17.87 -31.28
C LEU B 193 -2.85 17.92 -29.75
N GLY B 194 -2.77 16.75 -29.11
CA GLY B 194 -2.47 16.66 -27.68
C GLY B 194 -0.99 16.71 -27.33
N HIS B 195 -0.11 16.64 -28.34
CA HIS B 195 1.35 16.75 -28.19
C HIS B 195 1.88 16.17 -26.88
N GLY B 196 2.05 14.84 -26.83
CA GLY B 196 2.29 14.08 -25.57
C GLY B 196 1.40 12.85 -25.33
N VAL B 197 1.33 12.39 -24.07
CA VAL B 197 0.72 11.08 -23.71
C VAL B 197 -0.77 11.13 -23.28
N ASP B 198 -1.66 11.44 -24.22
CA ASP B 198 -3.09 11.55 -23.92
C ASP B 198 -3.91 10.24 -24.11
N LEU B 199 -3.23 9.16 -24.45
CA LEU B 199 -3.84 7.87 -24.78
C LEU B 199 -4.92 7.93 -25.87
N ASN B 200 -4.73 8.78 -26.88
CA ASN B 200 -5.66 8.80 -28.01
C ASN B 200 -5.67 7.49 -28.81
N HIS B 201 -4.66 6.65 -28.63
CA HIS B 201 -4.61 5.41 -29.39
C HIS B 201 -5.61 4.33 -28.90
N ILE B 202 -6.23 4.57 -27.75
CA ILE B 202 -7.27 3.70 -27.19
C ILE B 202 -8.66 4.37 -27.23
N TYR B 203 -8.70 5.67 -26.89
CA TYR B 203 -9.96 6.40 -26.75
C TYR B 203 -10.38 7.25 -27.97
N GLY B 204 -9.46 7.55 -28.89
CA GLY B 204 -9.74 8.42 -30.07
C GLY B 204 -9.39 9.90 -29.87
N GLU B 205 -9.15 10.62 -30.97
CA GLU B 205 -8.75 12.06 -30.92
C GLU B 205 -9.95 12.98 -30.66
N THR B 206 -10.92 12.89 -31.57
CA THR B 206 -12.18 13.64 -31.49
C THR B 206 -13.13 13.05 -30.45
N LEU B 207 -14.13 13.83 -30.03
CA LEU B 207 -15.18 13.33 -29.14
C LEU B 207 -16.07 12.36 -29.90
N ASP B 208 -16.31 12.66 -31.16
CA ASP B 208 -17.22 11.88 -32.02
C ASP B 208 -16.83 10.39 -32.04
N ARG B 209 -15.55 10.14 -32.31
CA ARG B 209 -14.98 8.80 -32.37
C ARG B 209 -15.07 8.13 -31.00
N GLN B 210 -14.76 8.87 -29.94
CA GLN B 210 -14.77 8.35 -28.58
C GLN B 210 -16.13 7.72 -28.21
N HIS B 211 -17.20 8.38 -28.58
CA HIS B 211 -18.54 7.92 -28.22
C HIS B 211 -18.93 6.62 -28.96
N LYS B 212 -18.56 6.51 -30.23
CA LYS B 212 -18.77 5.28 -30.99
C LYS B 212 -18.16 4.03 -30.35
N LEU B 213 -17.04 4.18 -29.64
CA LEU B 213 -16.32 3.05 -29.01
C LEU B 213 -16.72 2.75 -27.56
N ARG B 214 -17.67 3.52 -27.02
CA ARG B 214 -18.13 3.39 -25.61
C ARG B 214 -19.50 2.68 -25.44
N LEU B 215 -19.61 1.92 -24.36
CA LEU B 215 -20.82 1.16 -24.08
C LEU B 215 -21.93 1.98 -23.42
N PHE B 216 -21.53 3.07 -22.75
CA PHE B 216 -22.39 3.88 -21.88
C PHE B 216 -23.06 3.16 -20.68
N LYS B 217 -22.45 2.07 -20.23
CA LYS B 217 -22.76 1.46 -18.94
C LYS B 217 -21.47 1.24 -18.15
N ASP B 218 -21.45 1.64 -16.88
CA ASP B 218 -20.33 1.36 -15.96
C ASP B 218 -18.94 1.92 -16.38
N GLY B 219 -18.95 2.92 -17.27
CA GLY B 219 -17.74 3.58 -17.75
C GLY B 219 -16.92 2.87 -18.82
N LYS B 220 -17.44 1.74 -19.31
CA LYS B 220 -16.68 0.79 -20.16
C LYS B 220 -16.55 1.15 -21.65
N LEU B 221 -15.69 0.40 -22.34
CA LEU B 221 -15.55 0.45 -23.78
C LEU B 221 -16.24 -0.76 -24.38
N LYS B 222 -16.87 -0.56 -25.54
CA LYS B 222 -17.47 -1.65 -26.29
C LYS B 222 -16.48 -2.79 -26.50
N TYR B 223 -17.00 -4.02 -26.57
CA TYR B 223 -16.22 -5.23 -26.87
C TYR B 223 -17.08 -6.37 -27.40
N GLN B 224 -16.44 -7.47 -27.80
CA GLN B 224 -17.13 -8.70 -28.20
C GLN B 224 -16.42 -9.94 -27.68
N VAL B 225 -17.18 -11.02 -27.49
CA VAL B 225 -16.60 -12.31 -27.10
C VAL B 225 -16.48 -13.24 -28.32
N ILE B 226 -15.27 -13.75 -28.55
CA ILE B 226 -15.00 -14.84 -29.50
C ILE B 226 -14.17 -15.89 -28.79
N GLY B 227 -14.49 -17.17 -29.00
CA GLY B 227 -13.78 -18.24 -28.31
C GLY B 227 -13.72 -18.06 -26.80
N GLY B 228 -14.79 -17.47 -26.24
CA GLY B 228 -14.85 -17.15 -24.81
C GLY B 228 -13.70 -16.26 -24.34
N GLU B 229 -13.44 -15.18 -25.08
CA GLU B 229 -12.26 -14.32 -24.89
C GLU B 229 -12.56 -12.87 -25.39
N VAL B 230 -12.32 -11.89 -24.53
CA VAL B 230 -12.71 -10.49 -24.81
C VAL B 230 -11.82 -9.87 -25.88
N TYR B 231 -12.45 -9.37 -26.94
CA TYR B 231 -11.73 -8.72 -28.05
C TYR B 231 -12.42 -7.41 -28.39
N PRO B 232 -11.71 -6.50 -29.10
CA PRO B 232 -12.33 -5.24 -29.58
C PRO B 232 -13.50 -5.47 -30.54
N PRO B 233 -14.43 -4.51 -30.65
CA PRO B 233 -15.62 -4.71 -31.48
C PRO B 233 -15.31 -4.50 -32.95
N THR B 234 -16.30 -4.69 -33.80
CA THR B 234 -16.12 -4.64 -35.24
C THR B 234 -16.32 -3.23 -35.79
N VAL B 235 -15.92 -3.01 -37.04
CA VAL B 235 -16.28 -1.79 -37.77
C VAL B 235 -17.78 -1.80 -38.13
N LYS B 236 -18.28 -2.95 -38.58
CA LYS B 236 -19.73 -3.10 -38.89
C LYS B 236 -20.67 -2.76 -37.73
N ASP B 237 -20.21 -2.96 -36.48
CA ASP B 237 -21.00 -2.60 -35.30
C ASP B 237 -20.94 -1.10 -34.94
N THR B 238 -19.74 -0.54 -34.97
CA THR B 238 -19.47 0.72 -34.26
C THR B 238 -19.40 2.00 -35.13
N GLN B 239 -18.92 1.86 -36.38
CA GLN B 239 -18.81 2.93 -37.39
C GLN B 239 -17.50 3.72 -37.34
N VAL B 240 -16.47 3.16 -36.72
CA VAL B 240 -15.21 3.90 -36.58
C VAL B 240 -14.35 3.55 -37.79
N GLU B 241 -13.92 4.57 -38.52
CA GLU B 241 -13.11 4.33 -39.72
C GLU B 241 -11.77 3.70 -39.35
N MET B 242 -11.42 2.62 -40.03
CA MET B 242 -10.12 1.97 -39.87
C MET B 242 -9.50 1.83 -41.26
N ILE B 243 -8.18 1.74 -41.31
CA ILE B 243 -7.47 1.50 -42.56
C ILE B 243 -7.25 0.00 -42.74
N TYR B 244 -8.22 -0.65 -43.39
CA TYR B 244 -8.06 -2.03 -43.84
C TYR B 244 -8.13 -2.05 -45.35
N PRO B 245 -7.45 -3.00 -45.98
CA PRO B 245 -7.74 -3.28 -47.37
C PRO B 245 -9.04 -4.09 -47.50
N PRO B 246 -9.67 -4.03 -48.68
CA PRO B 246 -11.03 -4.53 -48.88
C PRO B 246 -11.21 -6.05 -48.80
N HIS B 247 -10.13 -6.83 -48.92
CA HIS B 247 -10.21 -8.30 -48.85
C HIS B 247 -10.26 -8.84 -47.42
N ILE B 248 -10.31 -7.98 -46.41
CA ILE B 248 -10.53 -8.41 -45.03
C ILE B 248 -12.03 -8.52 -44.82
N PRO B 249 -12.49 -9.61 -44.20
CA PRO B 249 -13.94 -9.77 -44.04
C PRO B 249 -14.49 -8.89 -42.92
N GLU B 250 -15.79 -8.62 -42.95
CA GLU B 250 -16.42 -7.74 -41.97
C GLU B 250 -16.17 -8.17 -40.52
N ASN B 251 -16.25 -9.48 -40.28
CA ASN B 251 -16.09 -10.05 -38.93
C ASN B 251 -14.66 -10.07 -38.39
N LEU B 252 -13.71 -9.61 -39.21
CA LEU B 252 -12.30 -9.47 -38.80
C LEU B 252 -11.81 -8.01 -38.83
N GLN B 253 -12.71 -7.07 -39.13
CA GLN B 253 -12.38 -5.64 -39.07
C GLN B 253 -12.63 -5.10 -37.66
N PHE B 254 -11.56 -5.09 -36.86
CA PHE B 254 -11.62 -4.64 -35.47
C PHE B 254 -11.59 -3.12 -35.41
N ALA B 255 -12.24 -2.54 -34.42
CA ALA B 255 -12.27 -1.08 -34.23
C ALA B 255 -11.52 -0.70 -32.95
N VAL B 256 -10.49 0.14 -33.08
CA VAL B 256 -9.80 0.72 -31.90
C VAL B 256 -9.49 2.22 -32.06
N GLY B 257 -8.88 2.79 -31.03
CA GLY B 257 -8.61 4.23 -30.98
C GLY B 257 -7.77 4.79 -32.11
N GLN B 258 -6.72 4.05 -32.47
CA GLN B 258 -5.78 4.48 -33.50
C GLN B 258 -6.10 3.80 -34.83
N GLU B 259 -6.50 4.59 -35.81
CA GLU B 259 -7.03 4.05 -37.06
C GLU B 259 -6.09 3.07 -37.77
N VAL B 260 -4.79 3.12 -37.49
CA VAL B 260 -3.79 2.34 -38.22
C VAL B 260 -3.38 0.99 -37.55
N PHE B 261 -3.94 0.69 -36.37
CA PHE B 261 -3.49 -0.47 -35.59
C PHE B 261 -3.99 -1.83 -36.09
N GLY B 262 -4.89 -1.83 -37.04
CA GLY B 262 -5.33 -3.09 -37.63
C GLY B 262 -4.31 -3.76 -38.54
N LEU B 263 -3.23 -3.06 -38.90
CA LEU B 263 -2.35 -3.53 -39.97
C LEU B 263 -1.17 -4.36 -39.49
N VAL B 264 -0.98 -4.46 -38.18
CA VAL B 264 0.00 -5.38 -37.58
C VAL B 264 -0.65 -6.13 -36.40
N PRO B 265 -0.49 -7.45 -36.33
CA PRO B 265 -1.02 -8.16 -35.16
C PRO B 265 -0.34 -7.88 -33.81
N GLY B 266 0.87 -7.32 -33.80
CA GLY B 266 1.55 -6.95 -32.56
C GLY B 266 0.96 -5.68 -31.95
N LEU B 267 0.56 -4.75 -32.82
CA LEU B 267 -0.15 -3.54 -32.42
C LEU B 267 -1.50 -3.90 -31.82
N MET B 268 -2.20 -4.81 -32.49
CA MET B 268 -3.53 -5.21 -32.09
C MET B 268 -3.50 -6.11 -30.84
N MET B 269 -2.34 -6.68 -30.53
CA MET B 269 -2.16 -7.42 -29.27
C MET B 269 -2.18 -6.46 -28.07
N TYR B 270 -1.35 -5.40 -28.08
CA TYR B 270 -1.41 -4.40 -27.02
C TYR B 270 -2.78 -3.74 -27.04
N ALA B 271 -3.28 -3.46 -28.24
CA ALA B 271 -4.61 -2.84 -28.40
C ALA B 271 -5.62 -3.48 -27.45
N THR B 272 -5.64 -4.81 -27.43
CA THR B 272 -6.64 -5.58 -26.71
C THR B 272 -6.37 -5.67 -25.18
N ILE B 273 -5.10 -5.81 -24.84
CA ILE B 273 -4.62 -5.71 -23.44
C ILE B 273 -4.96 -4.35 -22.76
N TRP B 274 -4.78 -3.24 -23.46
CA TRP B 274 -5.07 -1.93 -22.87
C TRP B 274 -6.55 -1.72 -22.69
N LEU B 275 -7.33 -2.18 -23.68
CA LEU B 275 -8.80 -2.13 -23.61
C LEU B 275 -9.30 -2.94 -22.42
N ARG B 276 -8.80 -4.16 -22.26
CA ARG B 276 -9.18 -5.01 -21.12
C ARG B 276 -8.86 -4.37 -19.77
N GLU B 277 -7.71 -3.70 -19.69
CA GLU B 277 -7.26 -2.96 -18.51
C GLU B 277 -8.25 -1.85 -18.14
N HIS B 278 -8.74 -1.12 -19.13
CA HIS B 278 -9.72 -0.07 -18.87
C HIS B 278 -10.96 -0.62 -18.18
N ASN B 279 -11.55 -1.67 -18.77
CA ASN B 279 -12.77 -2.28 -18.25
C ASN B 279 -12.53 -2.94 -16.88
N ARG B 280 -11.32 -3.44 -16.67
CA ARG B 280 -10.91 -3.94 -15.36
C ARG B 280 -10.87 -2.81 -14.30
N VAL B 281 -10.34 -1.64 -14.68
CA VAL B 281 -10.29 -0.48 -13.78
C VAL B 281 -11.70 0.09 -13.53
N CYS B 282 -12.56 0.02 -14.52
CA CYS B 282 -13.97 0.36 -14.35
C CYS B 282 -14.61 -0.46 -13.24
N ASP B 283 -14.34 -1.76 -13.22
CA ASP B 283 -14.95 -2.61 -12.20
C ASP B 283 -14.43 -2.27 -10.80
N ILE B 284 -13.14 -1.96 -10.68
CA ILE B 284 -12.55 -1.56 -9.39
C ILE B 284 -13.16 -0.25 -8.83
N LEU B 285 -13.26 0.79 -9.67
CA LEU B 285 -13.80 2.08 -9.24
C LEU B 285 -15.30 1.97 -8.93
N LYS B 286 -15.99 1.08 -9.65
CA LYS B 286 -17.44 0.91 -9.46
C LYS B 286 -17.75 0.43 -8.06
N GLN B 287 -17.01 -0.57 -7.60
CA GLN B 287 -17.17 -1.08 -6.24
C GLN B 287 -16.87 -0.02 -5.18
N GLU B 288 -15.82 0.75 -5.39
CA GLU B 288 -15.47 1.87 -4.52
C GLU B 288 -16.53 2.99 -4.53
N HIS B 289 -17.23 3.13 -5.65
CA HIS B 289 -18.18 4.22 -5.80
C HIS B 289 -19.47 3.80 -6.51
N PRO B 290 -20.30 2.97 -5.85
CA PRO B 290 -21.59 2.64 -6.46
C PRO B 290 -22.49 3.85 -6.68
N GLU B 291 -22.13 5.02 -6.13
CA GLU B 291 -22.87 6.27 -6.39
C GLU B 291 -22.49 6.96 -7.69
N TRP B 292 -21.35 6.58 -8.25
CA TRP B 292 -20.87 7.20 -9.49
C TRP B 292 -21.65 6.73 -10.74
N GLY B 293 -21.67 7.57 -11.76
CA GLY B 293 -22.31 7.26 -13.03
C GLY B 293 -21.32 6.86 -14.11
N ASP B 294 -21.79 6.78 -15.36
CA ASP B 294 -20.99 6.28 -16.48
C ASP B 294 -19.81 7.19 -16.81
N GLU B 295 -20.04 8.50 -16.82
CA GLU B 295 -19.01 9.45 -17.25
C GLU B 295 -17.83 9.51 -16.30
N GLN B 296 -18.12 9.66 -15.01
CA GLN B 296 -17.07 9.76 -14.01
C GLN B 296 -16.31 8.43 -13.85
N LEU B 297 -16.99 7.31 -14.10
CA LEU B 297 -16.31 6.01 -14.11
C LEU B 297 -15.35 5.91 -15.31
N PHE B 298 -15.71 6.55 -16.42
CA PHE B 298 -14.89 6.52 -17.63
C PHE B 298 -13.73 7.50 -17.51
N GLN B 299 -14.05 8.75 -17.22
CA GLN B 299 -13.07 9.83 -17.22
C GLN B 299 -11.99 9.61 -16.18
N THR B 300 -12.36 8.99 -15.05
CA THR B 300 -11.38 8.67 -14.03
C THR B 300 -10.49 7.51 -14.48
N SER B 301 -11.11 6.48 -15.07
CA SER B 301 -10.35 5.34 -15.58
C SER B 301 -9.25 5.74 -16.59
N ARG B 302 -9.56 6.69 -17.46
CA ARG B 302 -8.59 7.20 -18.43
C ARG B 302 -7.42 7.89 -17.73
N LEU B 303 -7.72 8.63 -16.66
CA LEU B 303 -6.67 9.27 -15.88
C LEU B 303 -5.75 8.21 -15.26
N ILE B 304 -6.32 7.15 -14.73
CA ILE B 304 -5.51 6.07 -14.14
C ILE B 304 -4.56 5.42 -15.17
N LEU B 305 -5.00 5.25 -16.40
CA LEU B 305 -4.18 4.53 -17.42
C LEU B 305 -3.10 5.42 -18.02
N ILE B 306 -3.29 6.74 -17.92
CA ILE B 306 -2.29 7.71 -18.29
C ILE B 306 -1.20 7.65 -17.19
N GLY B 307 -1.64 7.52 -15.94
CA GLY B 307 -0.72 7.23 -14.83
C GLY B 307 0.08 5.94 -14.99
N GLU B 308 -0.58 4.85 -15.41
CA GLU B 308 0.09 3.55 -15.61
C GLU B 308 1.11 3.63 -16.75
N THR B 309 0.69 4.19 -17.87
CA THR B 309 1.59 4.31 -19.03
C THR B 309 2.87 5.01 -18.61
N ILE B 310 2.77 6.22 -18.06
CA ILE B 310 3.97 6.99 -17.69
C ILE B 310 4.87 6.21 -16.72
N LYS B 311 4.27 5.55 -15.73
CA LYS B 311 4.99 4.75 -14.73
C LYS B 311 5.85 3.63 -15.34
N ILE B 312 5.26 2.88 -16.24
CA ILE B 312 5.94 1.77 -16.92
C ILE B 312 7.03 2.30 -17.85
N VAL B 313 6.75 3.35 -18.60
CA VAL B 313 7.73 3.92 -19.52
C VAL B 313 9.03 4.31 -18.75
N ILE B 314 8.89 4.88 -17.57
CA ILE B 314 10.06 5.27 -16.79
C ILE B 314 10.75 4.10 -16.09
N GLU B 315 9.99 3.15 -15.53
CA GLU B 315 10.60 2.13 -14.66
C GLU B 315 10.86 0.74 -15.28
N ASP B 316 10.32 0.46 -16.47
CA ASP B 316 10.59 -0.79 -17.17
C ASP B 316 11.23 -0.51 -18.54
N TYR B 317 10.59 0.34 -19.34
CA TYR B 317 11.03 0.67 -20.71
C TYR B 317 12.38 1.43 -20.72
N VAL B 318 12.38 2.65 -20.20
CA VAL B 318 13.62 3.46 -20.13
C VAL B 318 14.66 2.83 -19.20
N GLN B 319 14.20 2.13 -18.16
CA GLN B 319 15.13 1.39 -17.30
C GLN B 319 15.92 0.38 -18.12
N HIS B 320 15.21 -0.34 -18.99
CA HIS B 320 15.82 -1.39 -19.82
C HIS B 320 16.83 -0.79 -20.79
N LEU B 321 16.43 0.27 -21.48
CA LEU B 321 17.30 0.97 -22.40
C LEU B 321 18.54 1.46 -21.69
N SER B 322 18.35 2.15 -20.57
CA SER B 322 19.42 2.92 -19.92
C SER B 322 20.69 2.13 -19.66
N GLY B 323 20.55 0.88 -19.21
CA GLY B 323 21.69 0.08 -18.77
C GLY B 323 21.99 0.20 -17.30
N TYR B 324 21.47 1.24 -16.65
CA TYR B 324 21.95 1.66 -15.34
C TYR B 324 21.71 0.63 -14.24
N HIS B 325 22.59 0.61 -13.25
CA HIS B 325 22.40 -0.18 -12.04
C HIS B 325 21.54 0.60 -11.05
N PHE B 326 21.64 1.93 -11.13
CA PHE B 326 20.72 2.82 -10.43
C PHE B 326 19.28 2.59 -10.92
N LYS B 327 18.36 2.52 -9.96
CA LYS B 327 16.94 2.34 -10.25
C LYS B 327 16.24 3.70 -10.42
N LEU B 328 15.75 3.94 -11.64
CA LEU B 328 15.03 5.17 -11.96
C LEU B 328 13.68 5.16 -11.23
N LYS B 329 13.08 6.34 -11.06
CA LYS B 329 11.82 6.46 -10.35
C LYS B 329 10.85 7.44 -11.02
N PHE B 330 9.59 7.02 -11.16
CA PHE B 330 8.48 7.92 -11.48
C PHE B 330 7.84 8.41 -10.18
N ASP B 331 8.08 9.69 -9.89
CA ASP B 331 7.64 10.36 -8.68
C ASP B 331 7.70 11.86 -8.99
N PRO B 332 6.57 12.44 -9.44
CA PRO B 332 6.45 13.86 -9.75
C PRO B 332 6.87 14.86 -8.66
N GLU B 333 6.91 14.44 -7.40
CA GLU B 333 7.29 15.36 -6.31
C GLU B 333 8.69 15.97 -6.43
N LEU B 334 9.59 15.27 -7.11
CA LEU B 334 10.97 15.72 -7.20
C LEU B 334 11.12 17.10 -7.85
N LEU B 335 10.08 17.55 -8.58
CA LEU B 335 10.10 18.81 -9.35
C LEU B 335 9.27 19.97 -8.75
N PHE B 336 8.63 19.76 -7.60
CA PHE B 336 7.75 20.80 -7.03
C PHE B 336 8.51 22.02 -6.53
N ASN B 337 9.77 21.86 -6.14
CA ASN B 337 10.58 23.00 -5.71
C ASN B 337 11.57 23.51 -6.77
N GLN B 338 11.44 23.00 -8.01
CA GLN B 338 12.33 23.36 -9.13
C GLN B 338 11.64 24.25 -10.16
N GLN B 339 12.35 24.65 -11.21
CA GLN B 339 11.78 25.51 -12.27
C GLN B 339 11.39 24.68 -13.49
N PHE B 340 10.22 24.05 -13.43
CA PHE B 340 9.75 23.19 -14.50
C PHE B 340 8.45 23.74 -15.13
N GLN B 341 8.43 23.80 -16.46
CA GLN B 341 7.24 24.18 -17.21
C GLN B 341 6.40 22.96 -17.56
N TYR B 342 5.30 22.75 -16.84
CA TYR B 342 4.37 21.65 -17.12
C TYR B 342 3.67 21.91 -18.44
N GLN B 343 4.30 21.44 -19.53
CA GLN B 343 3.81 21.64 -20.92
C GLN B 343 4.78 21.01 -21.92
N ASN B 344 4.27 20.74 -23.13
CA ASN B 344 5.04 20.00 -24.15
C ASN B 344 4.59 20.27 -25.59
N ARG B 345 5.54 20.16 -26.52
CA ARG B 345 5.24 20.20 -27.94
C ARG B 345 6.19 19.28 -28.72
N ILE B 346 5.63 18.38 -29.53
CA ILE B 346 6.43 17.34 -30.19
C ILE B 346 7.42 17.88 -31.24
N ALA B 347 8.70 17.57 -31.05
CA ALA B 347 9.75 18.06 -31.94
C ALA B 347 9.89 17.10 -33.13
N SER B 348 10.08 17.67 -34.32
CA SER B 348 10.28 16.88 -35.54
C SER B 348 11.44 15.90 -35.36
N GLU B 349 12.50 16.38 -34.73
CA GLU B 349 13.73 15.62 -34.52
C GLU B 349 13.55 14.43 -33.57
N PHE B 350 12.55 14.49 -32.69
CA PHE B 350 12.18 13.36 -31.84
C PHE B 350 11.49 12.26 -32.66
N ASN B 351 10.62 12.67 -33.58
CA ASN B 351 9.98 11.73 -34.48
C ASN B 351 11.02 11.07 -35.37
N THR B 352 11.90 11.85 -35.98
CA THR B 352 12.92 11.33 -36.89
C THR B 352 13.82 10.30 -36.21
N LEU B 353 14.29 10.62 -35.02
CA LEU B 353 15.22 9.74 -34.31
C LEU B 353 14.59 8.44 -33.77
N TYR B 354 13.26 8.35 -33.76
CA TYR B 354 12.56 7.18 -33.18
C TYR B 354 12.11 6.19 -34.27
N HIS B 355 12.81 6.18 -35.41
CA HIS B 355 12.50 5.26 -36.50
C HIS B 355 13.39 4.02 -36.35
N TRP B 356 13.11 3.26 -35.30
CA TRP B 356 13.93 2.12 -34.86
C TRP B 356 13.57 0.82 -35.57
N HIS B 357 13.49 0.89 -36.90
CA HIS B 357 13.10 -0.24 -37.73
C HIS B 357 14.12 -1.36 -37.71
N PRO B 358 15.40 -1.07 -37.38
CA PRO B 358 16.35 -2.17 -37.23
C PRO B 358 16.07 -3.12 -36.09
N LEU B 359 15.05 -2.81 -35.28
CA LEU B 359 14.60 -3.73 -34.23
C LEU B 359 13.93 -4.96 -34.84
N LEU B 360 13.22 -4.78 -35.96
CA LEU B 360 12.35 -5.84 -36.50
C LEU B 360 13.13 -7.03 -37.07
N PRO B 361 12.69 -8.27 -36.76
CA PRO B 361 13.31 -9.49 -37.31
C PRO B 361 12.86 -9.84 -38.74
N ASP B 362 13.60 -10.73 -39.39
CA ASP B 362 13.27 -11.17 -40.75
C ASP B 362 11.96 -11.98 -40.80
N THR B 363 11.70 -12.76 -39.75
CA THR B 363 10.42 -13.48 -39.61
C THR B 363 9.84 -13.31 -38.21
N PHE B 364 8.57 -13.66 -38.04
CA PHE B 364 7.87 -13.53 -36.75
C PHE B 364 7.46 -14.89 -36.23
N ASN B 365 7.98 -15.25 -35.06
CA ASN B 365 8.03 -16.64 -34.61
C ASN B 365 7.05 -16.93 -33.46
N ILE B 366 5.84 -17.36 -33.81
CA ILE B 366 4.79 -17.59 -32.82
C ILE B 366 4.50 -19.08 -32.71
N GLU B 367 4.72 -19.62 -31.52
CA GLU B 367 4.53 -21.04 -31.25
C GLU B 367 5.42 -21.83 -32.24
N ASP B 368 4.84 -22.67 -33.08
CA ASP B 368 5.64 -23.49 -33.99
C ASP B 368 5.80 -22.92 -35.41
N GLN B 369 5.35 -21.68 -35.63
CA GLN B 369 5.36 -21.06 -36.96
C GLN B 369 6.48 -20.03 -37.08
N GLU B 370 6.90 -19.76 -38.31
CA GLU B 370 7.78 -18.62 -38.62
C GLU B 370 7.10 -17.81 -39.71
N TYR B 371 6.36 -16.77 -39.34
CA TYR B 371 5.64 -15.97 -40.33
C TYR B 371 6.53 -14.91 -41.00
N SER B 372 6.35 -14.76 -42.31
CA SER B 372 7.03 -13.72 -43.08
C SER B 372 6.28 -12.41 -42.97
N PHE B 373 6.90 -11.30 -43.39
CA PHE B 373 6.22 -9.99 -43.39
C PHE B 373 4.90 -10.03 -44.17
N LYS B 374 4.93 -10.65 -45.35
CA LYS B 374 3.75 -10.69 -46.21
C LYS B 374 2.59 -11.47 -45.55
N GLN B 375 2.95 -12.45 -44.72
CA GLN B 375 1.99 -13.29 -43.98
C GLN B 375 1.52 -12.64 -42.68
N PHE B 376 2.42 -11.91 -42.05
CA PHE B 376 2.17 -11.30 -40.75
C PHE B 376 1.28 -10.06 -40.88
N LEU B 377 1.61 -9.19 -41.82
CA LEU B 377 0.91 -7.92 -42.01
C LEU B 377 -0.56 -8.11 -42.40
N TYR B 378 -1.42 -7.22 -41.89
CA TYR B 378 -2.88 -7.21 -42.15
C TYR B 378 -3.63 -8.45 -41.66
N ASN B 379 -2.97 -9.40 -40.99
CA ASN B 379 -3.54 -10.73 -40.78
C ASN B 379 -3.93 -11.02 -39.33
N ASN B 380 -5.07 -10.51 -38.89
CA ASN B 380 -5.56 -10.81 -37.54
C ASN B 380 -6.04 -12.26 -37.34
N SER B 381 -6.25 -13.02 -38.43
CA SER B 381 -6.56 -14.46 -38.34
C SER B 381 -5.61 -15.19 -37.41
N ILE B 382 -4.34 -14.76 -37.45
CA ILE B 382 -3.27 -15.29 -36.60
C ILE B 382 -3.57 -15.12 -35.12
N LEU B 383 -4.01 -13.93 -34.75
CA LEU B 383 -4.28 -13.61 -33.35
C LEU B 383 -5.27 -14.62 -32.74
N LEU B 384 -6.47 -14.72 -33.35
CA LEU B 384 -7.55 -15.64 -32.91
C LEU B 384 -7.10 -17.11 -32.83
N GLU B 385 -6.45 -17.56 -33.90
CA GLU B 385 -5.79 -18.87 -33.95
C GLU B 385 -4.98 -19.19 -32.68
N HIS B 386 -3.99 -18.36 -32.37
CA HIS B 386 -3.05 -18.61 -31.26
C HIS B 386 -3.56 -18.13 -29.89
N GLY B 387 -4.17 -16.94 -29.87
CA GLY B 387 -4.62 -16.33 -28.60
C GLY B 387 -3.57 -15.43 -27.92
N LEU B 388 -4.04 -14.52 -27.07
CA LEU B 388 -3.16 -13.61 -26.34
C LEU B 388 -2.04 -14.32 -25.56
N THR B 389 -2.38 -15.42 -24.90
CA THR B 389 -1.41 -16.14 -24.05
C THR B 389 -0.22 -16.58 -24.87
N GLN B 390 -0.47 -17.36 -25.91
CA GLN B 390 0.61 -17.86 -26.76
C GLN B 390 1.50 -16.71 -27.29
N PHE B 391 0.86 -15.62 -27.73
CA PHE B 391 1.59 -14.43 -28.23
C PHE B 391 2.62 -13.89 -27.22
N VAL B 392 2.23 -13.81 -25.96
CA VAL B 392 3.10 -13.28 -24.91
C VAL B 392 4.31 -14.18 -24.65
N GLU B 393 4.06 -15.48 -24.48
CA GLU B 393 5.15 -16.43 -24.27
C GLU B 393 6.16 -16.31 -25.40
N SER B 394 5.64 -16.41 -26.62
CA SER B 394 6.42 -16.42 -27.85
C SER B 394 7.21 -15.14 -28.12
N PHE B 395 6.61 -13.98 -27.87
CA PHE B 395 7.31 -12.71 -28.11
C PHE B 395 8.26 -12.31 -26.98
N THR B 396 8.08 -12.90 -25.80
CA THR B 396 9.04 -12.69 -24.71
C THR B 396 10.34 -13.42 -25.04
N ARG B 397 10.24 -14.55 -25.77
CA ARG B 397 11.41 -15.30 -26.25
C ARG B 397 12.16 -14.65 -27.41
N GLN B 398 11.43 -14.21 -28.45
CA GLN B 398 12.05 -13.76 -29.69
C GLN B 398 12.86 -12.48 -29.51
N ILE B 399 14.10 -12.51 -29.96
CA ILE B 399 15.06 -11.43 -29.75
C ILE B 399 15.01 -10.38 -30.90
N ALA B 400 14.97 -9.10 -30.53
CA ALA B 400 14.95 -7.98 -31.48
C ALA B 400 16.36 -7.53 -31.86
N GLY B 401 16.46 -6.75 -32.93
CA GLY B 401 17.75 -6.35 -33.51
C GLY B 401 18.34 -5.05 -32.98
N ARG B 402 19.63 -4.86 -33.25
CA ARG B 402 20.38 -3.70 -32.78
C ARG B 402 20.11 -2.49 -33.69
N VAL B 403 19.79 -1.35 -33.07
CA VAL B 403 19.52 -0.11 -33.79
C VAL B 403 20.82 0.58 -34.26
N ALA B 404 21.64 1.06 -33.33
CA ALA B 404 22.95 1.66 -33.70
C ALA B 404 23.88 0.55 -34.17
N GLY B 405 25.02 0.91 -34.74
CA GLY B 405 26.01 -0.09 -35.15
C GLY B 405 26.10 -0.30 -36.65
N GLY B 406 25.08 0.14 -37.38
CA GLY B 406 25.12 0.10 -38.85
C GLY B 406 24.62 -1.19 -39.48
N ARG B 407 24.13 -1.07 -40.72
CA ARG B 407 23.81 -2.21 -41.58
C ARG B 407 22.91 -3.26 -40.94
N ASN B 408 21.78 -2.85 -40.38
CA ASN B 408 20.85 -3.81 -39.79
C ASN B 408 19.37 -3.43 -40.01
N VAL B 409 19.08 -2.77 -41.13
CA VAL B 409 17.71 -2.39 -41.50
C VAL B 409 17.12 -3.45 -42.42
N PRO B 410 15.95 -4.02 -42.06
CA PRO B 410 15.35 -5.12 -42.84
C PRO B 410 14.86 -4.73 -44.23
N ILE B 411 15.11 -5.59 -45.22
CA ILE B 411 14.85 -5.30 -46.64
C ILE B 411 13.35 -5.15 -46.95
N ALA B 412 12.54 -5.91 -46.22
CA ALA B 412 11.08 -5.72 -46.25
C ALA B 412 10.73 -4.23 -46.18
N VAL B 413 11.44 -3.49 -45.34
CA VAL B 413 11.06 -2.13 -44.99
C VAL B 413 12.09 -1.07 -45.52
N GLN B 414 12.80 -1.40 -46.60
CA GLN B 414 13.79 -0.47 -47.21
C GLN B 414 13.15 0.88 -47.62
N ALA B 415 11.93 0.82 -48.16
CA ALA B 415 11.19 2.03 -48.55
C ALA B 415 11.12 3.08 -47.43
N VAL B 416 10.89 2.59 -46.20
CA VAL B 416 10.60 3.43 -45.05
C VAL B 416 11.85 4.17 -44.59
N ALA B 417 12.96 3.43 -44.46
CA ALA B 417 14.22 4.02 -44.06
C ALA B 417 14.72 5.03 -45.10
N LYS B 418 14.45 4.79 -46.38
CA LYS B 418 14.79 5.78 -47.42
C LYS B 418 13.97 7.06 -47.25
N ALA B 419 12.67 6.92 -46.97
CA ALA B 419 11.80 8.06 -46.72
C ALA B 419 12.30 8.93 -45.56
N SER B 420 12.89 8.28 -44.56
CA SER B 420 13.40 9.00 -43.40
C SER B 420 14.47 10.03 -43.79
N ILE B 421 15.37 9.61 -44.69
CA ILE B 421 16.44 10.47 -45.18
C ILE B 421 15.88 11.58 -46.06
N ASP B 422 15.00 11.20 -46.98
CA ASP B 422 14.51 12.15 -48.00
C ASP B 422 13.70 13.28 -47.35
N GLN B 423 12.78 12.88 -46.47
CA GLN B 423 11.92 13.83 -45.78
C GLN B 423 12.71 14.73 -44.82
N SER B 424 13.86 14.26 -44.32
CA SER B 424 14.72 15.13 -43.50
C SER B 424 15.21 16.34 -44.30
N ARG B 425 15.90 16.05 -45.39
CA ARG B 425 16.36 17.06 -46.35
C ARG B 425 15.21 18.00 -46.78
N GLU B 426 14.04 17.42 -47.05
CA GLU B 426 12.89 18.20 -47.49
C GLU B 426 12.48 19.15 -46.39
N MET B 427 12.66 18.73 -45.14
CA MET B 427 12.37 19.60 -44.00
C MET B 427 13.55 20.51 -43.64
N LYS B 428 14.62 20.45 -44.44
CA LYS B 428 15.83 21.26 -44.25
C LYS B 428 16.55 21.10 -42.89
N TYR B 429 16.81 19.85 -42.50
CA TYR B 429 17.55 19.56 -41.27
C TYR B 429 19.03 20.03 -41.35
N GLN B 430 19.49 20.76 -40.34
CA GLN B 430 20.93 21.05 -40.18
C GLN B 430 21.71 19.75 -39.93
N SER B 431 23.04 19.82 -40.02
CA SER B 431 23.90 18.64 -40.01
C SER B 431 24.03 18.01 -38.64
N LEU B 432 24.73 16.87 -38.58
CA LEU B 432 24.93 16.12 -37.34
C LEU B 432 25.72 16.93 -36.32
N ASN B 433 26.82 17.55 -36.74
CA ASN B 433 27.69 18.32 -35.83
C ASN B 433 27.03 19.55 -35.23
N GLU B 434 26.24 20.26 -36.04
CA GLU B 434 25.42 21.36 -35.52
C GLU B 434 24.39 20.85 -34.51
N TYR B 435 23.85 19.65 -34.75
CA TYR B 435 22.92 18.99 -33.79
C TYR B 435 23.58 18.49 -32.50
N ARG B 436 24.82 18.03 -32.58
CA ARG B 436 25.58 17.61 -31.38
C ARG B 436 26.03 18.82 -30.54
N LYS B 437 26.39 19.93 -31.19
CA LYS B 437 26.67 21.20 -30.48
C LYS B 437 25.42 21.74 -29.78
N ARG B 438 24.27 21.63 -30.44
CA ARG B 438 22.99 22.06 -29.86
C ARG B 438 22.68 21.36 -28.54
N PHE B 439 23.12 20.11 -28.39
CA PHE B 439 22.91 19.37 -27.16
C PHE B 439 24.22 19.19 -26.39
N SER B 440 25.10 20.19 -26.51
CA SER B 440 26.27 20.32 -25.66
C SER B 440 27.32 19.20 -25.81
N LEU B 441 27.47 18.69 -27.02
CA LEU B 441 28.38 17.55 -27.29
C LEU B 441 29.56 17.99 -28.15
N LYS B 442 30.68 17.27 -28.04
CA LYS B 442 31.85 17.52 -28.90
C LYS B 442 31.59 17.07 -30.35
N PRO B 443 31.83 17.96 -31.34
CA PRO B 443 31.61 17.55 -32.73
C PRO B 443 32.58 16.46 -33.18
N TYR B 444 32.07 15.45 -33.91
CA TYR B 444 32.94 14.43 -34.47
C TYR B 444 33.88 15.10 -35.49
N THR B 445 35.18 14.88 -35.33
CA THR B 445 36.20 15.43 -36.23
C THR B 445 36.50 14.51 -37.43
N SER B 446 35.86 13.34 -37.49
CA SER B 446 36.05 12.40 -38.60
C SER B 446 34.98 11.31 -38.66
N PHE B 447 34.85 10.72 -39.84
CA PHE B 447 33.94 9.58 -40.05
C PHE B 447 34.39 8.33 -39.30
N GLU B 448 35.69 8.19 -39.05
CA GLU B 448 36.19 7.04 -38.30
C GLU B 448 35.90 7.21 -36.80
N GLU B 449 35.85 8.46 -36.34
CA GLU B 449 35.48 8.76 -34.95
C GLU B 449 34.01 8.38 -34.73
N LEU B 450 33.18 8.66 -35.73
CA LEU B 450 31.73 8.37 -35.68
C LEU B 450 31.44 6.88 -35.54
N THR B 451 31.98 6.08 -36.47
CA THR B 451 31.63 4.65 -36.55
C THR B 451 32.56 3.71 -35.77
N GLY B 452 33.71 4.21 -35.30
CA GLY B 452 34.64 3.40 -34.50
C GLY B 452 35.27 2.24 -35.26
N GLU B 453 35.32 2.36 -36.59
CA GLU B 453 35.79 1.29 -37.49
C GLU B 453 36.23 1.92 -38.82
N LYS B 454 36.63 1.10 -39.79
CA LYS B 454 37.22 1.62 -41.04
C LYS B 454 36.41 1.43 -42.33
N GLU B 455 35.57 0.39 -42.40
CA GLU B 455 34.87 0.06 -43.66
C GLU B 455 33.72 1.02 -44.03
N MET B 456 32.79 1.26 -43.09
CA MET B 456 31.69 2.17 -43.36
C MET B 456 32.19 3.62 -43.31
N ALA B 457 33.14 3.87 -42.42
CA ALA B 457 33.79 5.18 -42.34
C ALA B 457 34.42 5.56 -43.68
N ALA B 458 35.13 4.62 -44.29
CA ALA B 458 35.75 4.83 -45.61
C ALA B 458 34.71 5.10 -46.72
N GLU B 459 33.57 4.39 -46.68
CA GLU B 459 32.47 4.60 -47.62
C GLU B 459 31.86 5.99 -47.45
N LEU B 460 31.54 6.32 -46.20
CA LEU B 460 30.92 7.59 -45.86
C LEU B 460 31.78 8.81 -46.21
N LYS B 461 33.10 8.65 -46.18
CA LYS B 461 34.01 9.74 -46.60
C LYS B 461 33.84 10.04 -48.08
N ALA B 462 34.06 9.03 -48.93
CA ALA B 462 33.87 9.16 -50.37
C ALA B 462 32.56 9.85 -50.77
N LEU B 463 31.46 9.43 -50.13
CA LEU B 463 30.11 9.98 -50.39
C LEU B 463 29.86 11.43 -49.90
N TYR B 464 30.40 11.81 -48.73
CA TYR B 464 30.13 13.13 -48.13
C TYR B 464 31.30 14.14 -48.12
N SER B 465 32.53 13.65 -48.31
CA SER B 465 33.76 14.49 -48.33
C SER B 465 34.16 15.09 -46.97
N ASP B 466 33.32 15.98 -46.44
CA ASP B 466 33.58 16.70 -45.18
C ASP B 466 32.70 16.13 -44.08
N ILE B 467 33.28 15.75 -42.95
CA ILE B 467 32.52 15.18 -41.83
C ILE B 467 31.45 16.17 -41.29
N ASP B 468 31.72 17.46 -41.40
CA ASP B 468 30.75 18.51 -41.00
C ASP B 468 29.48 18.54 -41.86
N VAL B 469 29.50 17.82 -42.99
CA VAL B 469 28.31 17.65 -43.85
C VAL B 469 27.46 16.39 -43.54
N MET B 470 27.96 15.47 -42.70
CA MET B 470 27.21 14.24 -42.39
C MET B 470 25.81 14.54 -41.79
N GLU B 471 24.82 13.72 -42.14
CA GLU B 471 23.40 13.93 -41.75
C GLU B 471 22.98 13.16 -40.49
N LEU B 472 21.88 13.59 -39.86
CA LEU B 472 21.49 13.10 -38.54
C LEU B 472 20.86 11.71 -38.53
N TYR B 473 19.86 11.46 -39.37
CA TYR B 473 19.21 10.15 -39.35
C TYR B 473 20.18 9.03 -39.66
N PRO B 474 20.97 9.15 -40.74
CA PRO B 474 21.90 8.05 -41.03
C PRO B 474 22.97 7.88 -39.96
N ALA B 475 23.49 8.98 -39.42
CA ALA B 475 24.52 8.94 -38.37
C ALA B 475 24.06 8.17 -37.15
N LEU B 476 22.77 8.33 -36.81
CA LEU B 476 22.19 7.65 -35.65
C LEU B 476 22.18 6.12 -35.82
N LEU B 477 21.85 5.63 -37.02
CA LEU B 477 21.80 4.18 -37.27
C LEU B 477 23.17 3.55 -37.56
N VAL B 478 24.19 4.38 -37.78
CA VAL B 478 25.56 3.90 -38.00
C VAL B 478 26.51 4.17 -36.82
N GLU B 479 26.12 5.04 -35.89
CA GLU B 479 26.99 5.50 -34.78
C GLU B 479 27.59 4.34 -33.98
N LYS B 480 28.80 4.57 -33.47
CA LYS B 480 29.49 3.57 -32.65
C LYS B 480 28.68 3.38 -31.37
N PRO B 481 28.39 2.12 -31.02
CA PRO B 481 27.61 1.94 -29.79
C PRO B 481 28.42 2.13 -28.52
N ARG B 482 27.71 2.44 -27.45
CA ARG B 482 28.27 2.27 -26.13
C ARG B 482 28.54 0.77 -25.96
N PRO B 483 29.48 0.40 -25.07
CA PRO B 483 29.79 -1.01 -24.77
C PRO B 483 28.57 -1.91 -24.57
N ASP B 484 28.45 -2.90 -25.45
CA ASP B 484 27.35 -3.87 -25.44
C ASP B 484 25.98 -3.20 -25.35
N ALA B 485 25.90 -1.96 -25.86
CA ALA B 485 24.70 -1.13 -25.75
C ALA B 485 23.91 -1.17 -27.06
N ILE B 486 22.62 -0.85 -26.98
CA ILE B 486 21.77 -0.84 -28.16
C ILE B 486 22.01 0.40 -29.01
N PHE B 487 22.36 1.52 -28.37
CA PHE B 487 22.44 2.86 -29.01
C PHE B 487 23.82 3.50 -28.85
N GLY B 488 24.07 4.52 -29.66
CA GLY B 488 25.27 5.37 -29.52
C GLY B 488 25.01 6.53 -28.57
N GLU B 489 25.88 7.55 -28.63
CA GLU B 489 25.82 8.70 -27.70
C GLU B 489 24.80 9.75 -28.14
N THR B 490 24.81 10.09 -29.43
CA THR B 490 23.91 11.08 -29.98
C THR B 490 22.41 10.71 -29.85
N MET B 491 22.07 9.43 -30.05
CA MET B 491 20.69 8.99 -29.93
C MET B 491 20.19 9.29 -28.51
N VAL B 492 20.92 8.83 -27.50
CA VAL B 492 20.47 8.98 -26.10
C VAL B 492 20.43 10.43 -25.62
N GLU B 493 21.45 11.22 -25.94
CA GLU B 493 21.53 12.60 -25.44
C GLU B 493 20.54 13.55 -26.11
N LEU B 494 20.16 13.26 -27.35
CA LEU B 494 19.03 13.98 -27.97
C LEU B 494 17.70 13.38 -27.51
N GLY B 495 17.59 12.06 -27.60
CA GLY B 495 16.34 11.38 -27.25
C GLY B 495 15.77 11.70 -25.87
N ALA B 496 16.62 11.68 -24.86
CA ALA B 496 16.17 11.75 -23.47
C ALA B 496 15.53 13.10 -23.09
N PRO B 497 16.19 14.23 -23.41
CA PRO B 497 15.57 15.50 -23.02
C PRO B 497 14.21 15.72 -23.68
N PHE B 498 14.06 15.34 -24.94
CA PHE B 498 12.73 15.31 -25.59
C PHE B 498 11.71 14.45 -24.81
N SER B 499 12.09 13.22 -24.49
CA SER B 499 11.18 12.28 -23.83
C SER B 499 10.69 12.73 -22.43
N LEU B 500 11.62 13.24 -21.62
CA LEU B 500 11.33 13.62 -20.24
C LEU B 500 10.32 14.78 -20.13
N LYS B 501 10.34 15.68 -21.10
CA LYS B 501 9.38 16.79 -21.14
C LYS B 501 7.98 16.33 -21.47
N GLY B 502 7.86 15.32 -22.32
CA GLY B 502 6.56 14.76 -22.66
C GLY B 502 6.00 13.82 -21.61
N LEU B 503 6.86 13.34 -20.70
CA LEU B 503 6.42 12.47 -19.61
C LEU B 503 6.07 13.28 -18.35
N MET B 504 6.98 14.16 -17.92
CA MET B 504 6.78 14.94 -16.72
C MET B 504 5.95 16.23 -16.93
N GLY B 505 5.98 16.76 -18.15
CA GLY B 505 5.14 17.91 -18.51
C GLY B 505 3.67 17.57 -18.70
N ASN B 506 3.25 16.35 -18.38
CA ASN B 506 1.86 15.99 -18.46
C ASN B 506 1.15 16.60 -17.26
N PRO B 507 -0.03 17.18 -17.47
CA PRO B 507 -0.72 17.84 -16.36
C PRO B 507 -1.03 16.98 -15.14
N ILE B 508 -1.00 15.65 -15.25
CA ILE B 508 -1.25 14.81 -14.07
C ILE B 508 -0.03 14.72 -13.17
N CYS B 509 1.11 15.24 -13.63
CA CYS B 509 2.30 15.41 -12.78
C CYS B 509 2.33 16.77 -12.08
N SER B 510 1.35 17.62 -12.40
CA SER B 510 1.33 18.98 -11.87
C SER B 510 0.84 18.91 -10.42
N PRO B 511 1.37 19.77 -9.53
CA PRO B 511 1.01 19.72 -8.12
C PRO B 511 -0.49 19.60 -7.85
N GLN B 512 -1.31 20.34 -8.58
CA GLN B 512 -2.75 20.37 -8.31
C GLN B 512 -3.52 19.13 -8.83
N TYR B 513 -2.86 18.36 -9.70
CA TYR B 513 -3.38 17.06 -10.12
C TYR B 513 -2.84 15.88 -9.33
N TRP B 514 -1.56 15.92 -8.96
CA TRP B 514 -0.91 14.75 -8.36
C TRP B 514 -1.33 14.57 -6.92
N LYS B 515 -2.57 14.15 -6.72
CA LYS B 515 -3.11 13.88 -5.39
C LYS B 515 -4.26 12.87 -5.54
N PRO B 516 -4.56 12.11 -4.47
CA PRO B 516 -5.36 10.89 -4.61
C PRO B 516 -6.79 11.10 -5.14
N SER B 517 -7.40 12.22 -4.78
CA SER B 517 -8.78 12.48 -5.19
C SER B 517 -8.91 12.62 -6.72
N THR B 518 -7.83 13.06 -7.37
CA THR B 518 -7.77 13.13 -8.83
C THR B 518 -8.16 11.80 -9.49
N PHE B 519 -7.79 10.69 -8.86
CA PHE B 519 -7.93 9.36 -9.46
C PHE B 519 -8.94 8.43 -8.76
N GLY B 520 -9.82 8.98 -7.92
CA GLY B 520 -10.88 8.18 -7.27
C GLY B 520 -10.58 7.68 -5.87
N GLY B 521 -9.53 8.23 -5.24
CA GLY B 521 -9.15 7.86 -3.88
C GLY B 521 -7.82 7.13 -3.83
N GLU B 522 -7.49 6.56 -2.67
CA GLU B 522 -6.20 5.90 -2.46
C GLU B 522 -6.12 4.64 -3.30
N VAL B 523 -7.22 3.90 -3.37
CA VAL B 523 -7.30 2.69 -4.20
C VAL B 523 -6.85 2.98 -5.64
N GLY B 524 -7.35 4.06 -6.22
CA GLY B 524 -6.92 4.47 -7.56
C GLY B 524 -5.45 4.85 -7.65
N PHE B 525 -5.04 5.81 -6.82
CA PHE B 525 -3.65 6.32 -6.78
C PHE B 525 -2.61 5.19 -6.73
N LYS B 526 -2.94 4.09 -6.04
CA LYS B 526 -2.09 2.90 -5.93
C LYS B 526 -1.92 2.10 -7.26
N ILE B 527 -2.91 2.15 -8.14
CA ILE B 527 -2.79 1.50 -9.44
C ILE B 527 -1.64 2.16 -10.20
N ILE B 528 -1.67 3.48 -10.26
CA ILE B 528 -0.60 4.25 -10.88
C ILE B 528 0.76 3.96 -10.21
N ASN B 529 0.83 4.03 -8.89
CA ASN B 529 2.11 3.91 -8.17
C ASN B 529 2.63 2.49 -7.90
N THR B 530 1.95 1.47 -8.43
CA THR B 530 2.49 0.10 -8.41
C THR B 530 2.37 -0.62 -9.77
N ALA B 531 2.04 0.12 -10.83
CA ALA B 531 1.86 -0.48 -12.14
C ALA B 531 3.19 -0.94 -12.71
N SER B 532 3.12 -1.97 -13.54
CA SER B 532 4.30 -2.48 -14.23
C SER B 532 3.88 -3.23 -15.49
N ILE B 533 4.86 -3.55 -16.34
CA ILE B 533 4.61 -4.29 -17.57
C ILE B 533 4.17 -5.74 -17.29
N GLN B 534 4.64 -6.29 -16.18
CA GLN B 534 4.32 -7.68 -15.84
C GLN B 534 2.91 -7.82 -15.22
N SER B 535 2.45 -6.80 -14.50
CA SER B 535 1.11 -6.81 -13.91
C SER B 535 0.06 -6.47 -14.95
N LEU B 536 0.40 -5.56 -15.88
CA LEU B 536 -0.49 -5.23 -17.00
C LEU B 536 -0.88 -6.50 -17.76
N ILE B 537 0.10 -7.37 -18.00
CA ILE B 537 -0.14 -8.67 -18.67
C ILE B 537 -0.92 -9.68 -17.78
N CYS B 538 -0.51 -9.83 -16.53
CA CYS B 538 -1.07 -10.82 -15.61
C CYS B 538 -2.56 -10.58 -15.30
N ASN B 539 -2.91 -9.32 -15.04
CA ASN B 539 -4.30 -8.97 -14.73
C ASN B 539 -5.25 -9.17 -15.92
N ASN B 540 -4.72 -9.16 -17.15
CA ASN B 540 -5.56 -9.09 -18.35
C ASN B 540 -5.35 -10.22 -19.38
N VAL B 541 -4.53 -11.23 -19.07
CA VAL B 541 -4.29 -12.36 -19.99
C VAL B 541 -4.40 -13.69 -19.24
N LYS B 542 -5.21 -14.59 -19.80
CA LYS B 542 -5.61 -15.84 -19.15
C LYS B 542 -4.40 -16.65 -18.75
N GLY B 543 -4.35 -17.02 -17.48
CA GLY B 543 -3.26 -17.86 -16.95
C GLY B 543 -2.05 -17.08 -16.42
N CYS B 544 -2.04 -15.77 -16.60
CA CYS B 544 -0.97 -14.90 -16.08
C CYS B 544 0.45 -15.33 -16.50
N PRO B 545 0.77 -15.20 -17.80
CA PRO B 545 2.13 -15.53 -18.27
C PRO B 545 3.23 -14.54 -17.82
N PHE B 546 4.44 -15.05 -17.61
CA PHE B 546 5.58 -14.21 -17.30
C PHE B 546 5.99 -13.39 -18.52
N THR B 547 6.45 -12.15 -18.28
CA THR B 547 6.92 -11.29 -19.37
C THR B 547 7.99 -10.28 -18.93
N SER B 548 8.57 -9.58 -19.92
CA SER B 548 9.72 -8.70 -19.73
C SER B 548 10.09 -8.07 -21.07
N PHE B 549 10.81 -6.94 -20.99
CA PHE B 549 11.39 -6.32 -22.19
C PHE B 549 12.77 -6.86 -22.54
N ASN B 550 13.18 -7.95 -21.90
CA ASN B 550 14.38 -8.65 -22.31
C ASN B 550 14.20 -10.18 -22.40
N VAL B 551 15.04 -10.79 -23.23
CA VAL B 551 15.10 -12.23 -23.40
C VAL B 551 15.72 -12.82 -22.12
N GLN B 552 15.49 -14.09 -21.84
CA GLN B 552 15.91 -14.68 -20.56
C GLN B 552 17.12 -15.60 -20.71
N ALA C 1 32.86 -33.48 37.98
CA ALA C 1 32.37 -34.57 38.86
C ALA C 1 30.92 -34.33 39.31
N ASN C 2 30.03 -34.02 38.37
CA ASN C 2 28.58 -34.00 38.64
C ASN C 2 28.08 -35.44 38.77
N PRO C 3 27.61 -35.83 39.97
CA PRO C 3 27.29 -37.24 40.23
C PRO C 3 26.07 -37.81 39.46
N CYS C 4 25.41 -36.99 38.64
CA CYS C 4 24.37 -37.49 37.75
C CYS C 4 24.94 -37.87 36.36
N CYS C 5 26.20 -37.54 36.09
CA CYS C 5 26.85 -37.85 34.81
C CYS C 5 26.77 -39.30 34.34
N SER C 6 26.68 -40.25 35.28
CA SER C 6 26.59 -41.67 34.94
C SER C 6 25.15 -42.14 34.67
N ASN C 7 24.19 -41.21 34.59
CA ASN C 7 22.79 -41.56 34.34
C ASN C 7 22.29 -42.68 35.25
N PRO C 8 22.46 -42.54 36.58
CA PRO C 8 22.23 -43.68 37.49
C PRO C 8 20.77 -44.10 37.63
N CYS C 9 19.83 -43.17 37.51
CA CYS C 9 18.41 -43.45 37.75
C CYS C 9 17.79 -44.21 36.58
N GLN C 10 16.95 -45.19 36.89
CA GLN C 10 16.29 -46.02 35.87
C GLN C 10 14.77 -45.79 35.82
N ASN C 11 14.14 -46.37 34.80
CA ASN C 11 12.67 -46.33 34.62
C ASN C 11 12.06 -44.94 34.62
N ARG C 12 12.83 -43.97 34.10
CA ARG C 12 12.41 -42.58 33.97
C ARG C 12 12.35 -41.85 35.30
N GLY C 13 13.05 -42.36 36.30
CA GLY C 13 13.32 -41.57 37.51
C GLY C 13 14.27 -40.44 37.14
N GLU C 14 14.08 -39.28 37.77
CA GLU C 14 14.88 -38.09 37.45
C GLU C 14 15.98 -37.88 38.47
N CYS C 15 17.21 -37.67 37.98
CA CYS C 15 18.40 -37.51 38.83
C CYS C 15 18.57 -36.07 39.30
N MET C 16 18.74 -35.88 40.60
CA MET C 16 19.02 -34.58 41.17
C MET C 16 20.20 -34.67 42.12
N SER C 17 21.13 -33.72 42.02
CA SER C 17 22.33 -33.72 42.87
C SER C 17 22.09 -33.04 44.22
N THR C 18 22.64 -33.64 45.28
CA THR C 18 22.42 -33.16 46.64
C THR C 18 23.75 -33.04 47.41
N GLY C 19 24.50 -31.98 47.12
CA GLY C 19 25.87 -31.84 47.58
C GLY C 19 26.81 -32.22 46.46
N PHE C 20 28.10 -31.92 46.63
CA PHE C 20 29.09 -32.14 45.57
C PHE C 20 29.24 -33.62 45.21
N ASP C 21 29.31 -34.48 46.24
CA ASP C 21 29.50 -35.94 46.06
C ASP C 21 28.21 -36.70 45.75
N GLN C 22 27.14 -36.42 46.50
CA GLN C 22 25.94 -37.29 46.52
C GLN C 22 24.87 -36.95 45.48
N TYR C 23 23.96 -37.89 45.24
CA TYR C 23 22.81 -37.67 44.33
C TYR C 23 21.48 -38.19 44.91
N LYS C 24 20.40 -38.02 44.15
CA LYS C 24 19.09 -38.57 44.51
C LYS C 24 18.20 -38.76 43.28
N CYS C 25 17.48 -39.87 43.23
CA CYS C 25 16.47 -40.13 42.19
C CYS C 25 15.07 -39.96 42.74
N ASP C 26 14.23 -39.26 42.00
CA ASP C 26 12.81 -39.19 42.30
C ASP C 26 12.07 -40.23 41.46
N CYS C 27 11.53 -41.26 42.09
CA CYS C 27 10.82 -42.32 41.37
C CYS C 27 9.31 -42.09 41.25
N THR C 28 8.82 -40.88 41.53
CA THR C 28 7.37 -40.63 41.51
C THR C 28 6.73 -41.21 40.24
N ARG C 29 5.66 -41.98 40.45
CA ARG C 29 4.80 -42.51 39.38
C ARG C 29 5.48 -43.41 38.30
N THR C 30 6.66 -43.95 38.59
CA THR C 30 7.38 -44.81 37.64
C THR C 30 7.01 -46.28 37.74
N GLY C 31 6.41 -46.67 38.86
CA GLY C 31 6.09 -48.08 39.10
C GLY C 31 7.21 -48.83 39.80
N PHE C 32 8.32 -48.14 40.11
CA PHE C 32 9.47 -48.71 40.79
C PHE C 32 9.86 -47.85 41.98
N TYR C 33 10.56 -48.43 42.95
CA TYR C 33 11.11 -47.65 44.06
C TYR C 33 12.56 -48.04 44.32
N GLY C 34 13.17 -47.45 45.35
CA GLY C 34 14.57 -47.74 45.71
C GLY C 34 15.55 -46.69 45.21
N GLU C 35 16.82 -46.83 45.58
CA GLU C 35 17.86 -45.82 45.31
C GLU C 35 17.96 -45.37 43.84
N ASN C 36 17.77 -46.29 42.89
CA ASN C 36 17.81 -45.97 41.46
C ASN C 36 16.52 -46.35 40.70
N CYS C 37 15.41 -46.53 41.42
CA CYS C 37 14.11 -46.90 40.81
C CYS C 37 14.19 -48.21 40.02
N THR C 38 14.92 -49.18 40.58
CA THR C 38 15.12 -50.48 39.95
C THR C 38 14.27 -51.59 40.60
N THR C 39 13.69 -51.33 41.77
CA THR C 39 12.84 -52.31 42.46
C THR C 39 11.35 -52.07 42.17
N PRO C 40 10.69 -53.03 41.49
CA PRO C 40 9.31 -52.86 41.03
C PRO C 40 8.24 -53.01 42.10
N GLU C 41 7.04 -52.51 41.81
CA GLU C 41 5.86 -52.77 42.65
C GLU C 41 5.12 -53.96 42.09
N PHE C 42 4.35 -54.62 42.95
CA PHE C 42 3.75 -55.90 42.61
C PHE C 42 2.95 -55.86 41.31
N LEU C 43 2.12 -54.85 41.12
CA LEU C 43 1.27 -54.75 39.93
C LEU C 43 2.09 -54.58 38.65
N THR C 44 3.28 -54.00 38.78
CA THR C 44 4.21 -53.85 37.65
C THR C 44 4.70 -55.21 37.16
N ARG C 45 4.96 -56.13 38.09
CA ARG C 45 5.47 -57.46 37.75
C ARG C 45 4.44 -58.26 36.94
N ILE C 46 3.16 -58.12 37.30
CA ILE C 46 2.06 -58.74 36.55
C ILE C 46 1.86 -58.11 35.15
N LYS C 47 2.27 -56.85 34.97
CA LYS C 47 2.21 -56.21 33.65
C LYS C 47 3.34 -56.65 32.73
N LEU C 48 4.53 -56.87 33.29
CA LEU C 48 5.68 -57.30 32.48
C LEU C 48 5.67 -58.81 32.22
N LEU C 49 5.12 -59.60 33.14
CA LEU C 49 4.84 -61.01 32.88
C LEU C 49 3.99 -61.20 31.60
N LEU C 50 3.04 -60.30 31.38
CA LEU C 50 2.08 -60.43 30.26
C LEU C 50 2.49 -59.71 28.96
N LYS C 51 3.11 -58.52 29.07
CA LYS C 51 3.39 -57.67 27.89
C LYS C 51 4.32 -58.32 26.87
N PRO C 52 3.90 -58.33 25.57
CA PRO C 52 4.72 -58.87 24.49
C PRO C 52 5.77 -57.88 23.98
N THR C 53 6.85 -58.39 23.41
CA THR C 53 7.91 -57.54 22.83
C THR C 53 7.46 -56.93 21.50
N PRO C 54 8.07 -55.80 21.11
CA PRO C 54 7.75 -55.14 19.84
C PRO C 54 7.91 -56.02 18.61
N ASN C 55 8.86 -56.94 18.64
CA ASN C 55 9.06 -57.86 17.52
C ASN C 55 7.94 -58.91 17.45
N THR C 56 7.45 -59.37 18.60
CA THR C 56 6.33 -60.32 18.61
C THR C 56 5.05 -59.66 18.07
N VAL C 57 4.88 -58.38 18.36
CA VAL C 57 3.69 -57.65 17.90
C VAL C 57 3.80 -57.27 16.40
N HIS C 58 5.02 -57.24 15.87
CA HIS C 58 5.29 -56.97 14.45
C HIS C 58 5.10 -58.23 13.59
N TYR C 59 5.51 -59.38 14.14
CA TYR C 59 5.29 -60.69 13.50
C TYR C 59 3.82 -60.94 13.21
N ILE C 60 2.99 -60.78 14.24
CA ILE C 60 1.55 -61.03 14.13
C ILE C 60 0.90 -60.20 13.03
N LEU C 61 1.17 -58.90 13.02
CA LEU C 61 0.57 -58.00 12.02
C LEU C 61 1.13 -58.20 10.60
N THR C 62 2.24 -58.93 10.49
CA THR C 62 2.87 -59.20 9.20
C THR C 62 2.75 -60.69 8.83
N HIS C 63 1.72 -61.35 9.37
CA HIS C 63 1.39 -62.74 9.04
C HIS C 63 -0.13 -62.89 9.16
N PHE C 64 -0.64 -64.07 8.76
CA PHE C 64 -2.07 -64.39 8.83
C PHE C 64 -2.96 -63.42 8.04
N LYS C 65 -2.59 -63.14 6.79
CA LYS C 65 -3.34 -62.21 5.93
C LYS C 65 -4.85 -62.55 5.81
N GLY C 66 -5.17 -63.84 5.85
CA GLY C 66 -6.54 -64.32 5.82
C GLY C 66 -7.34 -63.92 7.06
N VAL C 67 -6.71 -63.97 8.22
CA VAL C 67 -7.36 -63.62 9.49
C VAL C 67 -7.63 -62.12 9.56
N TRP C 68 -6.68 -61.33 9.07
CA TRP C 68 -6.83 -59.88 8.98
C TRP C 68 -7.84 -59.49 7.92
N ASN C 69 -7.95 -60.30 6.87
CA ASN C 69 -8.97 -60.11 5.85
C ASN C 69 -10.38 -60.06 6.47
N ILE C 70 -10.61 -60.88 7.50
CA ILE C 70 -11.86 -60.81 8.29
C ILE C 70 -11.89 -59.50 9.06
N VAL C 71 -10.87 -59.26 9.88
CA VAL C 71 -10.80 -58.07 10.73
C VAL C 71 -10.82 -56.76 9.93
N ASN C 72 -10.14 -56.73 8.79
CA ASN C 72 -10.14 -55.55 7.92
C ASN C 72 -11.51 -55.23 7.32
N ASN C 73 -12.42 -56.20 7.30
CA ASN C 73 -13.72 -56.05 6.67
C ASN C 73 -14.86 -56.17 7.69
N ILE C 74 -14.62 -55.65 8.88
CA ILE C 74 -15.64 -55.52 9.93
C ILE C 74 -15.45 -54.18 10.64
N PRO C 75 -16.30 -53.19 10.33
CA PRO C 75 -16.12 -51.82 10.83
C PRO C 75 -15.67 -51.73 12.29
N PHE C 76 -16.34 -52.48 13.17
CA PHE C 76 -16.05 -52.42 14.60
C PHE C 76 -14.60 -52.82 14.96
N LEU C 77 -14.22 -54.06 14.61
CA LEU C 77 -12.90 -54.63 14.99
C LEU C 77 -11.68 -53.81 14.53
N ARG C 78 -11.77 -53.22 13.34
CA ARG C 78 -10.72 -52.34 12.85
C ARG C 78 -10.57 -51.10 13.76
N SER C 79 -11.67 -50.63 14.32
CA SER C 79 -11.66 -49.48 15.26
C SER C 79 -10.98 -49.84 16.58
N LEU C 80 -11.34 -51.00 17.13
CA LEU C 80 -10.77 -51.47 18.38
C LEU C 80 -9.25 -51.69 18.27
N ILE C 81 -8.80 -52.20 17.12
CA ILE C 81 -7.38 -52.43 16.85
C ILE C 81 -6.59 -51.12 16.62
N MET C 82 -7.16 -50.19 15.86
CA MET C 82 -6.51 -48.90 15.64
C MET C 82 -6.45 -48.11 16.94
N LYS C 83 -7.52 -48.16 17.72
CA LYS C 83 -7.54 -47.48 19.01
C LYS C 83 -6.35 -47.94 19.84
N TYR C 84 -6.10 -49.25 19.85
CA TYR C 84 -4.94 -49.79 20.54
C TYR C 84 -3.61 -49.12 20.11
N VAL C 85 -3.27 -49.18 18.82
CA VAL C 85 -1.98 -48.65 18.32
C VAL C 85 -1.74 -47.18 18.69
N LEU C 86 -2.81 -46.38 18.63
CA LEU C 86 -2.74 -44.98 19.03
C LEU C 86 -2.33 -44.88 20.49
N THR C 87 -3.09 -45.54 21.37
CA THR C 87 -3.04 -45.29 22.81
C THR C 87 -1.86 -45.94 23.55
N SER C 88 -1.42 -47.11 23.08
CA SER C 88 -0.26 -47.79 23.69
C SER C 88 1.06 -47.00 23.55
N ARG C 89 1.17 -46.19 22.50
CA ARG C 89 2.31 -45.29 22.31
C ARG C 89 2.22 -43.99 23.12
N SER C 90 1.00 -43.62 23.52
CA SER C 90 0.74 -42.26 24.00
C SER C 90 1.58 -41.87 25.21
N TYR C 91 1.75 -42.80 26.14
CA TYR C 91 2.52 -42.54 27.38
C TYR C 91 4.04 -42.32 27.19
N LEU C 92 4.58 -42.57 25.99
CA LEU C 92 6.04 -42.52 25.76
C LEU C 92 6.59 -41.09 25.69
N ILE C 93 5.78 -40.16 25.18
CA ILE C 93 6.22 -38.77 24.99
C ILE C 93 5.76 -37.86 26.12
N ASP C 94 6.71 -37.14 26.72
CA ASP C 94 6.39 -36.12 27.71
C ASP C 94 5.60 -35.03 26.99
N SER C 95 4.41 -34.70 27.49
CA SER C 95 3.68 -33.56 26.95
C SER C 95 2.68 -32.98 27.96
N PRO C 96 2.87 -31.72 28.36
CA PRO C 96 3.89 -30.71 28.03
C PRO C 96 5.35 -31.21 27.93
N PRO C 97 6.14 -30.60 27.03
CA PRO C 97 7.56 -30.90 26.90
C PRO C 97 8.43 -30.38 28.04
N THR C 98 9.67 -30.88 28.07
CA THR C 98 10.58 -30.69 29.19
C THR C 98 11.96 -30.16 28.75
N TYR C 99 12.91 -31.03 28.43
CA TYR C 99 14.31 -30.63 28.24
C TYR C 99 14.65 -30.08 26.85
N ASN C 100 15.81 -29.42 26.75
CA ASN C 100 16.37 -29.01 25.44
C ASN C 100 17.91 -29.04 25.49
N VAL C 101 18.57 -28.56 24.44
CA VAL C 101 20.04 -28.54 24.38
C VAL C 101 20.72 -27.90 25.58
N HIS C 102 20.16 -26.81 26.11
CA HIS C 102 20.84 -26.07 27.21
C HIS C 102 20.30 -26.40 28.62
N TYR C 103 19.15 -27.08 28.70
CA TYR C 103 18.54 -27.43 29.99
C TYR C 103 18.29 -28.92 30.17
N GLY C 104 19.03 -29.52 31.10
CA GLY C 104 18.84 -30.92 31.53
C GLY C 104 18.15 -31.04 32.88
N TYR C 105 17.49 -29.95 33.29
CA TYR C 105 16.54 -29.90 34.41
C TYR C 105 15.44 -29.00 33.89
N LYS C 106 14.20 -29.18 34.37
CA LYS C 106 13.08 -28.42 33.80
C LYS C 106 13.20 -26.97 34.26
N SER C 107 12.83 -26.06 33.36
CA SER C 107 12.83 -24.62 33.63
C SER C 107 11.76 -23.92 32.78
N TRP C 108 11.29 -22.75 33.21
CA TRP C 108 10.28 -22.01 32.45
C TRP C 108 10.79 -21.65 31.04
N GLU C 109 12.04 -21.20 30.96
CA GLU C 109 12.72 -20.94 29.69
C GLU C 109 12.63 -22.15 28.75
N ALA C 110 12.93 -23.34 29.28
CA ALA C 110 12.89 -24.58 28.50
C ALA C 110 11.49 -24.95 28.00
N PHE C 111 10.44 -24.56 28.72
CA PHE C 111 9.05 -24.77 28.26
C PHE C 111 8.55 -23.64 27.36
N SER C 112 8.79 -22.39 27.73
CA SER C 112 8.21 -21.26 27.02
C SER C 112 8.81 -20.97 25.62
N ASN C 113 10.11 -21.22 25.46
CA ASN C 113 10.85 -20.77 24.26
C ASN C 113 10.63 -21.74 23.09
N LEU C 114 9.78 -21.33 22.17
CA LEU C 114 9.43 -22.13 21.00
C LEU C 114 10.58 -22.21 19.97
N SER C 115 11.67 -21.48 20.21
CA SER C 115 12.81 -21.44 19.28
C SER C 115 13.68 -22.70 19.32
N TYR C 116 13.74 -23.37 20.48
CA TYR C 116 14.45 -24.65 20.59
C TYR C 116 13.62 -25.80 20.00
N TYR C 117 14.30 -26.88 19.60
CA TYR C 117 13.66 -28.21 19.47
C TYR C 117 13.63 -28.78 20.88
N THR C 118 12.61 -29.54 21.23
CA THR C 118 12.54 -30.17 22.57
C THR C 118 13.38 -31.45 22.53
N ARG C 119 13.54 -32.11 23.67
CA ARG C 119 14.44 -33.26 23.79
C ARG C 119 13.84 -34.39 24.63
N ALA C 120 13.95 -35.62 24.15
CA ALA C 120 13.35 -36.78 24.81
C ALA C 120 14.17 -37.24 26.02
N LEU C 121 15.49 -37.13 25.91
CA LEU C 121 16.41 -37.27 27.07
C LEU C 121 17.31 -36.04 27.11
N PRO C 122 17.73 -35.62 28.31
CA PRO C 122 18.53 -34.41 28.47
C PRO C 122 19.94 -34.54 27.92
N PRO C 123 20.61 -33.41 27.68
CA PRO C 123 22.02 -33.43 27.28
C PRO C 123 22.97 -33.84 28.41
N VAL C 124 24.06 -34.51 28.07
CA VAL C 124 25.13 -34.79 29.01
C VAL C 124 25.82 -33.47 29.39
N ALA C 125 25.92 -33.18 30.69
CA ALA C 125 26.48 -31.90 31.15
C ALA C 125 27.93 -31.70 30.69
N ASP C 126 28.40 -30.45 30.74
CA ASP C 126 29.72 -30.11 30.26
C ASP C 126 30.82 -30.60 31.21
N ASP C 127 30.50 -30.71 32.49
CA ASP C 127 31.49 -31.10 33.51
C ASP C 127 31.65 -32.63 33.68
N CYS C 128 30.98 -33.41 32.84
CA CYS C 128 31.17 -34.87 32.84
C CYS C 128 32.50 -35.22 32.18
N PRO C 129 33.26 -36.16 32.76
CA PRO C 129 34.62 -36.49 32.28
C PRO C 129 34.72 -37.14 30.89
N THR C 130 33.61 -37.71 30.39
CA THR C 130 33.55 -38.29 29.04
C THR C 130 32.26 -37.87 28.30
N PRO C 131 32.29 -37.88 26.96
CA PRO C 131 31.13 -37.43 26.16
C PRO C 131 29.80 -38.18 26.36
N MET C 132 29.84 -39.44 26.79
CA MET C 132 28.61 -40.18 27.10
C MET C 132 28.27 -40.18 28.58
N GLY C 133 29.20 -39.75 29.43
CA GLY C 133 28.97 -39.62 30.87
C GLY C 133 30.21 -39.92 31.69
N VAL C 134 30.41 -41.20 31.98
CA VAL C 134 31.66 -41.69 32.57
C VAL C 134 32.28 -42.87 31.79
N LYS C 135 31.59 -43.34 30.75
CA LYS C 135 32.08 -44.45 29.91
C LYS C 135 32.85 -43.94 28.67
N GLY C 136 33.49 -44.86 27.96
CA GLY C 136 34.27 -44.52 26.75
C GLY C 136 35.60 -43.82 27.02
N ASN C 137 36.21 -43.29 25.95
CA ASN C 137 37.45 -42.51 26.05
C ASN C 137 37.17 -41.02 26.08
N LYS C 138 38.18 -40.25 26.50
CA LYS C 138 38.10 -38.78 26.55
C LYS C 138 37.47 -38.19 25.28
N GLU C 139 37.81 -38.75 24.13
CA GLU C 139 37.22 -38.35 22.85
C GLU C 139 36.55 -39.55 22.15
N LEU C 140 35.46 -39.27 21.44
CA LEU C 140 34.83 -40.27 20.57
C LEU C 140 35.75 -40.55 19.38
N PRO C 141 35.44 -41.60 18.58
CA PRO C 141 36.27 -41.85 17.40
C PRO C 141 36.11 -40.79 16.28
N ASP C 142 37.13 -40.69 15.45
CA ASP C 142 37.10 -39.84 14.25
C ASP C 142 35.82 -40.17 13.49
N SER C 143 34.93 -39.18 13.34
CA SER C 143 33.67 -39.38 12.61
C SER C 143 33.87 -39.70 11.12
N LYS C 144 34.97 -39.20 10.54
CA LYS C 144 35.33 -39.55 9.16
C LYS C 144 35.58 -41.05 9.02
N GLU C 145 36.04 -41.67 10.11
CA GLU C 145 36.29 -43.10 10.13
C GLU C 145 34.99 -43.93 10.21
N VAL C 146 34.10 -43.58 11.14
CA VAL C 146 32.83 -44.31 11.26
C VAL C 146 32.07 -44.25 9.94
N LEU C 147 31.98 -43.05 9.38
CA LEU C 147 31.32 -42.81 8.08
C LEU C 147 31.88 -43.70 6.95
N GLU C 148 33.20 -43.72 6.81
CA GLU C 148 33.87 -44.46 5.73
C GLU C 148 33.92 -45.99 5.92
N LYS C 149 33.65 -46.49 7.13
CA LYS C 149 33.76 -47.94 7.38
C LYS C 149 32.42 -48.70 7.38
N VAL C 150 31.32 -48.04 7.74
CA VAL C 150 30.01 -48.71 7.83
C VAL C 150 28.82 -47.95 7.24
N LEU C 151 29.01 -46.68 6.92
CA LEU C 151 27.92 -45.83 6.39
C LEU C 151 27.97 -45.57 4.87
N LEU C 152 29.15 -45.28 4.33
CA LEU C 152 29.28 -44.98 2.89
C LEU C 152 28.90 -46.17 2.00
N ARG C 153 28.12 -45.90 0.96
CA ARG C 153 27.68 -46.92 0.00
C ARG C 153 28.83 -47.53 -0.79
N ARG C 154 28.86 -48.86 -0.84
CA ARG C 154 29.78 -49.61 -1.72
C ARG C 154 29.04 -49.91 -3.01
N GLU C 155 27.85 -50.49 -2.88
CA GLU C 155 27.03 -50.83 -4.03
C GLU C 155 25.58 -50.66 -3.65
N PHE C 156 24.80 -50.06 -4.53
CA PHE C 156 23.40 -49.75 -4.26
C PHE C 156 22.62 -50.95 -3.71
N ILE C 157 22.07 -50.79 -2.51
CA ILE C 157 21.11 -51.74 -1.94
C ILE C 157 19.71 -51.11 -2.03
N PRO C 158 18.78 -51.74 -2.78
CA PRO C 158 17.39 -51.28 -2.89
C PRO C 158 16.53 -51.74 -1.72
N ASP C 159 15.47 -51.00 -1.43
CA ASP C 159 14.53 -51.38 -0.38
C ASP C 159 13.74 -52.60 -0.88
N PRO C 160 13.70 -53.68 -0.06
CA PRO C 160 12.93 -54.87 -0.44
C PRO C 160 11.40 -54.76 -0.22
N GLN C 161 10.95 -53.77 0.54
CA GLN C 161 9.51 -53.50 0.68
C GLN C 161 8.92 -52.88 -0.59
N GLY C 162 9.79 -52.37 -1.47
CA GLY C 162 9.38 -51.82 -2.76
C GLY C 162 9.34 -50.30 -2.85
N SER C 163 9.64 -49.61 -1.73
CA SER C 163 9.58 -48.14 -1.68
C SER C 163 10.20 -47.41 -2.89
N ASN C 164 9.40 -46.56 -3.54
CA ASN C 164 9.78 -45.89 -4.79
C ASN C 164 10.20 -44.40 -4.61
N MET C 165 10.48 -43.71 -5.70
CA MET C 165 10.91 -42.29 -5.62
C MET C 165 9.76 -41.28 -5.36
N MET C 166 8.51 -41.66 -5.67
CA MET C 166 7.35 -40.87 -5.22
C MET C 166 7.32 -40.86 -3.70
N PHE C 167 7.48 -42.04 -3.11
CA PHE C 167 7.58 -42.16 -1.65
C PHE C 167 8.76 -41.34 -1.08
N ALA C 168 9.94 -41.51 -1.67
CA ALA C 168 11.13 -40.79 -1.21
C ALA C 168 10.93 -39.27 -1.14
N PHE C 169 10.56 -38.65 -2.27
CA PHE C 169 10.32 -37.20 -2.28
C PHE C 169 9.11 -36.75 -1.43
N PHE C 170 8.07 -37.56 -1.35
CA PHE C 170 6.90 -37.26 -0.52
C PHE C 170 7.27 -37.23 0.95
N ALA C 171 8.21 -38.10 1.35
CA ALA C 171 8.80 -38.05 2.69
C ALA C 171 9.55 -36.72 2.89
N GLN C 172 10.48 -36.41 1.98
CA GLN C 172 11.34 -35.22 2.11
C GLN C 172 10.51 -33.92 2.14
N HIS C 173 9.54 -33.84 1.22
CA HIS C 173 8.66 -32.69 1.08
C HIS C 173 7.86 -32.46 2.36
N PHE C 174 7.12 -33.49 2.79
CA PHE C 174 6.22 -33.37 3.94
C PHE C 174 6.94 -33.02 5.24
N THR C 175 8.05 -33.71 5.50
CA THR C 175 8.79 -33.54 6.75
C THR C 175 9.41 -32.16 6.90
N HIS C 176 9.64 -31.47 5.77
CA HIS C 176 10.35 -30.18 5.78
C HIS C 176 9.45 -28.97 6.05
N GLN C 177 8.19 -29.21 6.42
CA GLN C 177 7.38 -28.12 6.98
C GLN C 177 7.75 -27.92 8.44
N PHE C 178 7.99 -29.03 9.13
CA PHE C 178 8.24 -29.01 10.56
C PHE C 178 9.67 -29.35 11.00
N PHE C 179 10.59 -29.54 10.04
CA PHE C 179 12.05 -29.67 10.31
C PHE C 179 12.82 -28.59 9.54
N LYS C 180 13.07 -27.45 10.17
CA LYS C 180 13.73 -26.33 9.50
C LYS C 180 14.77 -25.64 10.41
N THR C 181 15.96 -26.23 10.53
CA THR C 181 16.95 -25.84 11.54
C THR C 181 17.44 -24.40 11.35
N ASP C 182 17.42 -23.59 12.41
CA ASP C 182 18.00 -22.24 12.38
C ASP C 182 19.53 -22.32 12.56
N HIS C 183 20.24 -22.53 11.45
CA HIS C 183 21.69 -22.79 11.46
C HIS C 183 22.54 -21.66 12.08
N LYS C 184 22.04 -20.43 12.07
CA LYS C 184 22.71 -19.29 12.68
C LYS C 184 22.99 -19.51 14.16
N ARG C 185 21.95 -19.92 14.90
CA ARG C 185 22.02 -20.10 16.35
C ARG C 185 22.69 -21.40 16.78
N GLY C 186 22.43 -22.47 16.04
CA GLY C 186 22.93 -23.81 16.36
C GLY C 186 21.97 -24.92 15.93
N PRO C 187 22.42 -26.18 16.01
CA PRO C 187 21.62 -27.32 15.55
C PRO C 187 20.37 -27.61 16.39
N GLY C 188 20.35 -27.16 17.65
CA GLY C 188 19.21 -27.34 18.55
C GLY C 188 18.05 -26.35 18.43
N PHE C 189 18.08 -25.49 17.40
CA PHE C 189 17.07 -24.43 17.19
C PHE C 189 16.25 -24.59 15.89
N THR C 190 14.94 -24.33 15.96
CA THR C 190 14.00 -24.56 14.84
C THR C 190 13.48 -23.23 14.29
N ARG C 191 13.15 -23.17 13.02
CA ARG C 191 12.48 -22.00 12.44
C ARG C 191 10.96 -22.21 12.26
N GLY C 192 10.46 -23.38 12.67
CA GLY C 192 9.06 -23.74 12.47
C GLY C 192 8.27 -23.65 13.76
N LEU C 193 7.76 -22.47 14.08
CA LEU C 193 7.14 -22.24 15.38
C LEU C 193 5.78 -22.96 15.56
N GLY C 194 5.21 -23.49 14.49
CA GLY C 194 3.99 -24.28 14.60
C GLY C 194 4.20 -25.71 15.07
N HIS C 195 5.46 -26.12 15.24
CA HIS C 195 5.82 -27.47 15.68
C HIS C 195 4.82 -28.57 15.21
N GLY C 196 4.61 -28.71 13.89
CA GLY C 196 3.68 -29.75 13.39
C GLY C 196 3.09 -29.59 11.99
N VAL C 197 1.98 -30.30 11.74
CA VAL C 197 1.39 -30.32 10.40
C VAL C 197 0.45 -29.13 10.22
N ASP C 198 1.03 -28.01 9.81
CA ASP C 198 0.27 -26.76 9.56
C ASP C 198 0.28 -26.33 8.08
N LEU C 199 1.01 -27.05 7.24
CA LEU C 199 1.19 -26.67 5.83
C LEU C 199 1.97 -25.32 5.59
N ASN C 200 2.73 -24.83 6.56
CA ASN C 200 3.61 -23.64 6.30
C ASN C 200 4.63 -23.79 5.13
N HIS C 201 4.87 -25.01 4.67
CA HIS C 201 5.72 -25.25 3.50
C HIS C 201 5.02 -24.89 2.18
N ILE C 202 3.71 -24.63 2.27
CA ILE C 202 2.89 -24.19 1.14
C ILE C 202 2.45 -22.75 1.29
N TYR C 203 1.85 -22.43 2.44
CA TYR C 203 1.28 -21.09 2.70
C TYR C 203 2.24 -20.11 3.37
N GLY C 204 3.45 -20.56 3.71
CA GLY C 204 4.46 -19.71 4.36
C GLY C 204 4.32 -19.68 5.88
N GLU C 205 5.38 -19.22 6.56
CA GLU C 205 5.38 -19.17 8.05
C GLU C 205 4.70 -17.96 8.69
N THR C 206 4.57 -16.87 7.94
CA THR C 206 4.15 -15.60 8.51
C THR C 206 3.17 -14.92 7.57
N LEU C 207 2.29 -14.09 8.14
CA LEU C 207 1.27 -13.37 7.37
C LEU C 207 1.88 -12.63 6.17
N ASP C 208 2.94 -11.87 6.43
CA ASP C 208 3.69 -11.18 5.39
C ASP C 208 3.84 -12.07 4.17
N ARG C 209 4.45 -13.23 4.36
CA ARG C 209 4.80 -14.13 3.26
C ARG C 209 3.55 -14.67 2.55
N GLN C 210 2.53 -15.02 3.34
CA GLN C 210 1.28 -15.62 2.85
C GLN C 210 0.55 -14.71 1.86
N HIS C 211 0.42 -13.45 2.24
CA HIS C 211 -0.28 -12.48 1.42
C HIS C 211 0.42 -12.27 0.06
N LYS C 212 1.74 -12.24 0.08
CA LYS C 212 2.50 -12.13 -1.17
C LYS C 212 2.25 -13.32 -2.12
N LEU C 213 1.98 -14.50 -1.54
CA LEU C 213 1.68 -15.73 -2.31
C LEU C 213 0.22 -15.83 -2.80
N ARG C 214 -0.63 -14.90 -2.38
CA ARG C 214 -2.09 -15.03 -2.51
C ARG C 214 -2.71 -14.15 -3.60
N LEU C 215 -3.78 -14.65 -4.20
CA LEU C 215 -4.45 -14.00 -5.32
C LEU C 215 -5.53 -13.02 -4.87
N PHE C 216 -6.14 -13.30 -3.72
CA PHE C 216 -7.28 -12.53 -3.18
C PHE C 216 -8.54 -12.53 -4.07
N LYS C 217 -8.76 -13.62 -4.82
CA LYS C 217 -10.05 -13.91 -5.46
C LYS C 217 -10.36 -15.38 -5.25
N ASP C 218 -11.51 -15.68 -4.65
CA ASP C 218 -11.92 -17.07 -4.42
C ASP C 218 -10.95 -17.88 -3.53
N GLY C 219 -10.14 -17.19 -2.74
CA GLY C 219 -9.24 -17.83 -1.76
C GLY C 219 -8.15 -18.69 -2.36
N LYS C 220 -7.74 -18.38 -3.59
CA LYS C 220 -6.72 -19.14 -4.33
C LYS C 220 -5.30 -18.59 -4.17
N LEU C 221 -4.33 -19.43 -4.54
CA LEU C 221 -2.92 -19.04 -4.53
C LEU C 221 -2.53 -18.53 -5.92
N LYS C 222 -1.68 -17.49 -5.94
CA LYS C 222 -1.13 -16.94 -7.18
C LYS C 222 -0.45 -18.04 -7.98
N TYR C 223 -0.58 -17.96 -9.29
CA TYR C 223 -0.03 -18.97 -10.19
C TYR C 223 0.26 -18.35 -11.55
N GLN C 224 1.11 -19.04 -12.32
CA GLN C 224 1.43 -18.67 -13.70
C GLN C 224 1.26 -19.89 -14.59
N VAL C 225 1.09 -19.65 -15.88
CA VAL C 225 0.98 -20.71 -16.87
C VAL C 225 2.22 -20.75 -17.76
N ILE C 226 2.77 -21.94 -17.94
CA ILE C 226 3.89 -22.18 -18.86
C ILE C 226 3.55 -23.31 -19.82
N GLY C 227 3.10 -22.96 -21.03
CA GLY C 227 2.73 -23.95 -22.02
C GLY C 227 1.42 -24.65 -21.66
N GLY C 228 0.47 -23.90 -21.14
CA GLY C 228 -0.84 -24.44 -20.78
C GLY C 228 -0.87 -25.26 -19.51
N GLU C 229 0.23 -25.26 -18.76
CA GLU C 229 0.32 -26.03 -17.52
C GLU C 229 0.49 -25.07 -16.33
N VAL C 230 -0.24 -25.34 -15.25
CA VAL C 230 -0.23 -24.47 -14.08
C VAL C 230 1.00 -24.71 -13.18
N TYR C 231 1.82 -23.68 -13.00
CA TYR C 231 2.97 -23.72 -12.09
C TYR C 231 2.84 -22.59 -11.09
N PRO C 232 3.72 -22.56 -10.07
CA PRO C 232 3.76 -21.43 -9.11
C PRO C 232 4.32 -20.15 -9.70
N PRO C 233 4.09 -19.01 -9.04
CA PRO C 233 4.51 -17.71 -9.57
C PRO C 233 5.99 -17.40 -9.35
N THR C 234 6.43 -16.33 -10.00
CA THR C 234 7.83 -15.93 -9.98
C THR C 234 8.11 -15.06 -8.76
N VAL C 235 9.38 -15.02 -8.35
CA VAL C 235 9.85 -14.08 -7.33
C VAL C 235 9.65 -12.62 -7.75
N LYS C 236 9.99 -12.31 -9.00
CA LYS C 236 9.80 -10.96 -9.55
C LYS C 236 8.41 -10.42 -9.21
N ASP C 237 7.38 -11.18 -9.56
CA ASP C 237 5.97 -10.78 -9.35
C ASP C 237 5.58 -10.62 -7.86
N THR C 238 5.92 -11.61 -7.02
CA THR C 238 5.43 -11.69 -5.64
C THR C 238 6.34 -11.01 -4.63
N GLN C 239 7.65 -11.01 -4.90
CA GLN C 239 8.64 -10.42 -4.01
C GLN C 239 8.89 -11.25 -2.74
N VAL C 240 8.52 -12.54 -2.79
CA VAL C 240 8.83 -13.46 -1.68
C VAL C 240 10.28 -13.92 -1.78
N GLU C 241 10.95 -13.99 -0.64
CA GLU C 241 12.36 -14.43 -0.60
C GLU C 241 12.49 -15.95 -0.81
N MET C 242 13.34 -16.33 -1.77
CA MET C 242 13.67 -17.72 -2.03
C MET C 242 15.20 -17.86 -2.08
N ILE C 243 15.68 -19.11 -1.99
CA ILE C 243 17.11 -19.43 -2.10
C ILE C 243 17.44 -20.03 -3.48
N TYR C 244 17.99 -19.20 -4.37
CA TYR C 244 18.45 -19.64 -5.68
C TYR C 244 19.90 -19.18 -5.90
N PRO C 245 20.71 -20.01 -6.57
CA PRO C 245 22.03 -19.52 -6.97
C PRO C 245 21.90 -18.50 -8.12
N PRO C 246 22.90 -17.61 -8.26
CA PRO C 246 22.78 -16.43 -9.13
C PRO C 246 22.40 -16.71 -10.60
N HIS C 247 22.88 -17.83 -11.15
CA HIS C 247 22.75 -18.09 -12.58
C HIS C 247 21.32 -18.30 -13.02
N ILE C 248 20.45 -18.75 -12.11
CA ILE C 248 19.04 -18.95 -12.41
C ILE C 248 18.41 -17.63 -12.90
N PRO C 249 17.80 -17.64 -14.10
CA PRO C 249 17.08 -16.45 -14.59
C PRO C 249 15.72 -16.24 -13.89
N GLU C 250 15.07 -15.12 -14.17
CA GLU C 250 13.94 -14.66 -13.38
C GLU C 250 12.64 -15.43 -13.61
N ASN C 251 12.47 -15.97 -14.80
CA ASN C 251 11.25 -16.72 -15.13
C ASN C 251 11.22 -18.10 -14.51
N LEU C 252 12.36 -18.56 -14.00
CA LEU C 252 12.49 -19.85 -13.30
C LEU C 252 12.83 -19.72 -11.79
N GLN C 253 12.51 -18.57 -11.19
CA GLN C 253 12.59 -18.41 -9.73
C GLN C 253 11.18 -18.51 -9.12
N PHE C 254 10.70 -19.75 -9.05
CA PHE C 254 9.37 -20.04 -8.56
C PHE C 254 9.30 -19.62 -7.10
N ALA C 255 8.19 -18.99 -6.72
CA ALA C 255 7.92 -18.63 -5.33
C ALA C 255 6.96 -19.66 -4.74
N VAL C 256 7.38 -20.30 -3.65
CA VAL C 256 6.57 -21.26 -2.89
C VAL C 256 6.81 -21.05 -1.39
N GLY C 257 5.98 -21.67 -0.56
CA GLY C 257 6.01 -21.44 0.89
C GLY C 257 7.32 -21.75 1.60
N GLN C 258 7.98 -22.84 1.21
CA GLN C 258 9.29 -23.20 1.76
C GLN C 258 10.42 -22.61 0.90
N GLU C 259 11.31 -21.85 1.53
CA GLU C 259 12.34 -21.05 0.84
C GLU C 259 13.46 -21.85 0.15
N VAL C 260 13.59 -23.11 0.55
CA VAL C 260 14.59 -24.00 -0.02
C VAL C 260 14.05 -24.94 -1.12
N PHE C 261 12.72 -24.96 -1.34
CA PHE C 261 12.07 -25.98 -2.20
C PHE C 261 12.34 -25.85 -3.70
N GLY C 262 13.04 -24.79 -4.12
CA GLY C 262 13.44 -24.63 -5.52
C GLY C 262 14.79 -25.26 -5.84
N LEU C 263 15.58 -25.54 -4.81
CA LEU C 263 16.91 -26.12 -4.99
C LEU C 263 16.88 -27.57 -5.47
N VAL C 264 15.72 -28.25 -5.37
CA VAL C 264 15.57 -29.68 -5.73
C VAL C 264 14.30 -29.94 -6.57
N PRO C 265 14.47 -30.37 -7.84
CA PRO C 265 13.31 -30.61 -8.73
C PRO C 265 12.19 -31.47 -8.17
N GLY C 266 12.51 -32.49 -7.38
CA GLY C 266 11.49 -33.36 -6.79
C GLY C 266 10.60 -32.66 -5.77
N LEU C 267 11.16 -31.71 -5.04
CA LEU C 267 10.41 -30.88 -4.13
C LEU C 267 9.43 -29.95 -4.88
N MET C 268 9.84 -29.45 -6.04
CA MET C 268 8.98 -28.56 -6.82
C MET C 268 7.79 -29.32 -7.43
N MET C 269 8.01 -30.59 -7.80
CA MET C 269 6.94 -31.46 -8.24
C MET C 269 5.76 -31.45 -7.25
N TYR C 270 6.04 -31.77 -5.99
CA TYR C 270 4.99 -31.84 -4.97
C TYR C 270 4.39 -30.47 -4.69
N ALA C 271 5.22 -29.45 -4.52
CA ALA C 271 4.69 -28.10 -4.29
C ALA C 271 3.66 -27.70 -5.36
N THR C 272 3.89 -28.11 -6.61
CA THR C 272 2.97 -27.81 -7.70
C THR C 272 1.68 -28.62 -7.58
N ILE C 273 1.79 -29.90 -7.24
CA ILE C 273 0.59 -30.74 -7.05
C ILE C 273 -0.35 -30.16 -5.95
N TRP C 274 0.22 -29.85 -4.79
CA TRP C 274 -0.53 -29.34 -3.65
C TRP C 274 -1.17 -27.96 -3.91
N LEU C 275 -0.46 -27.12 -4.64
CA LEU C 275 -0.95 -25.78 -4.96
C LEU C 275 -2.21 -25.86 -5.85
N ARG C 276 -2.20 -26.79 -6.80
CA ARG C 276 -3.35 -27.01 -7.69
C ARG C 276 -4.53 -27.68 -6.97
N GLU C 277 -4.24 -28.39 -5.86
CA GLU C 277 -5.28 -29.01 -5.04
C GLU C 277 -6.04 -27.96 -4.24
N HIS C 278 -5.30 -27.00 -3.68
CA HIS C 278 -5.89 -25.88 -2.96
C HIS C 278 -6.93 -25.16 -3.81
N ASN C 279 -6.56 -24.86 -5.05
CA ASN C 279 -7.43 -24.17 -5.99
C ASN C 279 -8.61 -25.05 -6.41
N ARG C 280 -8.36 -26.33 -6.63
CA ARG C 280 -9.42 -27.27 -6.95
C ARG C 280 -10.49 -27.25 -5.83
N VAL C 281 -10.02 -27.23 -4.58
CA VAL C 281 -10.91 -27.21 -3.41
C VAL C 281 -11.64 -25.85 -3.30
N CYS C 282 -10.97 -24.77 -3.65
CA CYS C 282 -11.59 -23.43 -3.68
C CYS C 282 -12.75 -23.36 -4.67
N ASP C 283 -12.59 -24.00 -5.83
CA ASP C 283 -13.66 -24.10 -6.81
C ASP C 283 -14.84 -24.92 -6.27
N ILE C 284 -14.51 -26.01 -5.56
CA ILE C 284 -15.52 -26.93 -5.00
C ILE C 284 -16.39 -26.24 -3.94
N LEU C 285 -15.74 -25.49 -3.05
CA LEU C 285 -16.45 -24.72 -2.01
C LEU C 285 -17.28 -23.60 -2.59
N LYS C 286 -16.78 -22.96 -3.64
CA LYS C 286 -17.48 -21.84 -4.27
C LYS C 286 -18.79 -22.29 -4.93
N GLN C 287 -18.77 -23.46 -5.57
CA GLN C 287 -19.99 -24.06 -6.12
C GLN C 287 -21.00 -24.29 -4.99
N GLU C 288 -20.51 -24.75 -3.84
CA GLU C 288 -21.36 -25.01 -2.66
C GLU C 288 -21.76 -23.73 -1.91
N HIS C 289 -20.83 -22.78 -1.79
CA HIS C 289 -21.09 -21.53 -1.06
C HIS C 289 -20.82 -20.25 -1.88
N PRO C 290 -21.78 -19.82 -2.71
CA PRO C 290 -21.63 -18.51 -3.35
C PRO C 290 -21.61 -17.31 -2.39
N GLU C 291 -22.23 -17.41 -1.21
CA GLU C 291 -22.19 -16.30 -0.23
C GLU C 291 -20.78 -16.00 0.27
N TRP C 292 -19.95 -17.03 0.32
CA TRP C 292 -18.62 -16.92 0.93
C TRP C 292 -17.68 -15.97 0.19
N GLY C 293 -16.77 -15.36 0.94
CA GLY C 293 -15.76 -14.44 0.39
C GLY C 293 -14.34 -15.01 0.38
N ASP C 294 -13.42 -14.24 -0.18
CA ASP C 294 -12.02 -14.65 -0.30
C ASP C 294 -11.44 -15.23 1.00
N GLU C 295 -11.35 -14.41 2.05
CA GLU C 295 -10.73 -14.85 3.31
C GLU C 295 -11.23 -16.19 3.78
N GLN C 296 -12.55 -16.40 3.72
CA GLN C 296 -13.15 -17.63 4.22
C GLN C 296 -12.87 -18.82 3.30
N LEU C 297 -12.91 -18.60 1.99
CA LEU C 297 -12.59 -19.69 1.06
C LEU C 297 -11.15 -20.17 1.25
N PHE C 298 -10.22 -19.22 1.45
CA PHE C 298 -8.80 -19.57 1.68
C PHE C 298 -8.63 -20.31 2.99
N GLN C 299 -9.14 -19.71 4.07
CA GLN C 299 -8.89 -20.27 5.40
C GLN C 299 -9.43 -21.67 5.55
N THR C 300 -10.61 -21.89 4.99
CA THR C 300 -11.29 -23.18 5.04
C THR C 300 -10.57 -24.24 4.21
N SER C 301 -10.18 -23.90 2.99
CA SER C 301 -9.44 -24.83 2.13
C SER C 301 -8.13 -25.26 2.79
N ARG C 302 -7.47 -24.32 3.49
CA ARG C 302 -6.26 -24.62 4.26
C ARG C 302 -6.52 -25.78 5.22
N LEU C 303 -7.60 -25.69 5.99
CA LEU C 303 -7.94 -26.74 6.95
C LEU C 303 -8.17 -28.11 6.28
N ILE C 304 -8.71 -28.11 5.06
CA ILE C 304 -8.99 -29.36 4.34
C ILE C 304 -7.69 -30.07 3.92
N LEU C 305 -6.78 -29.31 3.33
CA LEU C 305 -5.44 -29.82 2.98
C LEU C 305 -4.60 -30.27 4.20
N ILE C 306 -4.83 -29.67 5.36
CA ILE C 306 -4.17 -30.18 6.59
C ILE C 306 -4.73 -31.54 6.97
N GLY C 307 -6.05 -31.70 6.81
CA GLY C 307 -6.70 -32.97 7.04
C GLY C 307 -6.36 -33.99 5.98
N GLU C 308 -6.33 -33.59 4.72
CA GLU C 308 -6.04 -34.54 3.64
C GLU C 308 -4.66 -35.16 3.80
N THR C 309 -3.70 -34.37 4.26
CA THR C 309 -2.33 -34.83 4.44
C THR C 309 -2.21 -35.86 5.57
N ILE C 310 -2.88 -35.58 6.68
CA ILE C 310 -2.89 -36.51 7.79
C ILE C 310 -3.50 -37.84 7.35
N LYS C 311 -4.58 -37.77 6.56
CA LYS C 311 -5.19 -38.97 6.01
C LYS C 311 -4.19 -39.77 5.15
N ILE C 312 -3.63 -39.13 4.14
CA ILE C 312 -2.65 -39.76 3.25
C ILE C 312 -1.41 -40.27 4.02
N VAL C 313 -0.88 -39.46 4.95
CA VAL C 313 0.26 -39.89 5.77
C VAL C 313 0.00 -41.24 6.50
N ILE C 314 -1.17 -41.36 7.12
CA ILE C 314 -1.48 -42.57 7.84
C ILE C 314 -1.77 -43.75 6.90
N GLU C 315 -2.85 -43.63 6.14
CA GLU C 315 -3.41 -44.78 5.40
C GLU C 315 -2.68 -45.20 4.11
N ASP C 316 -1.79 -44.36 3.58
CA ASP C 316 -0.99 -44.72 2.41
C ASP C 316 0.52 -44.81 2.76
N TYR C 317 1.05 -43.73 3.33
CA TYR C 317 2.47 -43.57 3.64
C TYR C 317 2.94 -44.49 4.77
N VAL C 318 2.33 -44.34 5.95
CA VAL C 318 2.69 -45.19 7.09
C VAL C 318 2.24 -46.63 6.85
N GLN C 319 1.16 -46.82 6.10
CA GLN C 319 0.67 -48.17 5.80
C GLN C 319 1.73 -48.98 5.07
N HIS C 320 2.19 -48.45 3.93
CA HIS C 320 3.23 -49.08 3.12
C HIS C 320 4.53 -49.34 3.92
N LEU C 321 4.99 -48.31 4.63
CA LEU C 321 6.16 -48.37 5.50
C LEU C 321 6.04 -49.47 6.58
N SER C 322 4.83 -49.64 7.15
CA SER C 322 4.60 -50.62 8.23
C SER C 322 4.73 -52.06 7.74
N GLY C 323 4.21 -52.31 6.55
CA GLY C 323 4.11 -53.67 6.02
C GLY C 323 3.06 -54.54 6.71
N TYR C 324 2.01 -53.93 7.24
CA TYR C 324 0.96 -54.66 7.93
C TYR C 324 -0.05 -55.19 6.93
N HIS C 325 -0.58 -56.39 7.18
CA HIS C 325 -1.78 -56.86 6.49
C HIS C 325 -2.99 -56.11 7.02
N PHE C 326 -2.87 -55.60 8.25
CA PHE C 326 -3.94 -54.87 8.90
C PHE C 326 -4.05 -53.45 8.37
N LYS C 327 -5.25 -53.07 7.97
CA LYS C 327 -5.48 -51.80 7.30
C LYS C 327 -5.59 -50.70 8.36
N LEU C 328 -4.60 -49.79 8.38
CA LEU C 328 -4.62 -48.65 9.30
C LEU C 328 -5.75 -47.68 8.94
N LYS C 329 -6.39 -47.11 9.96
CA LYS C 329 -7.45 -46.12 9.77
C LYS C 329 -7.09 -44.80 10.45
N PHE C 330 -7.60 -43.70 9.88
CA PHE C 330 -7.54 -42.38 10.49
C PHE C 330 -8.96 -41.90 10.82
N ASP C 331 -9.28 -41.91 12.12
CA ASP C 331 -10.57 -41.44 12.65
C ASP C 331 -10.29 -40.87 14.04
N PRO C 332 -10.38 -39.53 14.20
CA PRO C 332 -10.22 -38.92 15.51
C PRO C 332 -11.20 -39.41 16.58
N GLU C 333 -12.39 -39.83 16.16
CA GLU C 333 -13.41 -40.34 17.10
C GLU C 333 -12.90 -41.40 18.08
N LEU C 334 -11.89 -42.16 17.64
CA LEU C 334 -11.28 -43.22 18.45
C LEU C 334 -10.62 -42.71 19.75
N LEU C 335 -10.01 -41.51 19.71
CA LEU C 335 -9.39 -40.87 20.89
C LEU C 335 -10.33 -39.95 21.71
N PHE C 336 -11.66 -40.05 21.52
CA PHE C 336 -12.57 -39.13 22.19
C PHE C 336 -12.80 -39.48 23.64
N ASN C 337 -12.87 -40.77 23.95
CA ASN C 337 -13.02 -41.22 25.35
C ASN C 337 -11.70 -41.68 25.97
N GLN C 338 -10.59 -41.14 25.49
CA GLN C 338 -9.25 -41.48 25.98
C GLN C 338 -8.54 -40.22 26.47
N GLN C 339 -7.52 -40.38 27.30
CA GLN C 339 -6.74 -39.24 27.82
C GLN C 339 -5.62 -38.87 26.88
N PHE C 340 -5.70 -37.67 26.31
CA PHE C 340 -4.82 -37.29 25.21
C PHE C 340 -4.59 -35.77 25.13
N GLN C 341 -3.33 -35.36 24.96
CA GLN C 341 -3.02 -33.94 24.82
C GLN C 341 -3.01 -33.56 23.35
N TYR C 342 -3.89 -32.63 23.00
CA TYR C 342 -3.91 -32.04 21.66
C TYR C 342 -2.94 -30.85 21.66
N GLN C 343 -1.65 -31.20 21.66
CA GLN C 343 -0.56 -30.24 21.50
C GLN C 343 0.69 -31.04 21.10
N ASN C 344 1.75 -30.35 20.67
CA ASN C 344 3.00 -31.03 20.29
C ASN C 344 4.21 -30.10 20.23
N ARG C 345 5.38 -30.69 20.39
CA ARG C 345 6.64 -29.99 20.26
C ARG C 345 7.67 -30.93 19.65
N ILE C 346 8.45 -30.44 18.70
CA ILE C 346 9.31 -31.27 17.88
C ILE C 346 10.61 -31.66 18.59
N ALA C 347 10.90 -32.96 18.62
CA ALA C 347 12.11 -33.46 19.27
C ALA C 347 13.32 -33.34 18.34
N SER C 348 14.48 -32.95 18.90
CA SER C 348 15.74 -32.99 18.18
C SER C 348 16.03 -34.40 17.71
N GLU C 349 15.71 -35.39 18.52
CA GLU C 349 15.98 -36.81 18.20
C GLU C 349 15.04 -37.36 17.12
N PHE C 350 13.84 -36.81 17.04
CA PHE C 350 12.95 -37.11 15.94
C PHE C 350 13.50 -36.51 14.64
N ASN C 351 14.16 -35.37 14.75
CA ASN C 351 14.82 -34.76 13.60
C ASN C 351 16.06 -35.56 13.18
N THR C 352 16.84 -36.04 14.14
CA THR C 352 18.04 -36.81 13.81
C THR C 352 17.67 -38.15 13.18
N LEU C 353 16.68 -38.86 13.73
CA LEU C 353 16.34 -40.20 13.19
C LEU C 353 15.80 -40.16 11.77
N TYR C 354 15.29 -38.99 11.36
CA TYR C 354 14.63 -38.84 10.04
C TYR C 354 15.59 -38.33 8.92
N HIS C 355 16.89 -38.51 9.11
CA HIS C 355 17.86 -38.25 8.05
C HIS C 355 17.99 -39.47 7.13
N TRP C 356 16.93 -39.77 6.37
CA TRP C 356 16.87 -41.00 5.57
C TRP C 356 17.57 -40.86 4.20
N HIS C 357 18.82 -40.42 4.22
CA HIS C 357 19.57 -40.20 2.98
C HIS C 357 19.94 -41.46 2.20
N PRO C 358 19.97 -42.64 2.86
CA PRO C 358 20.14 -43.86 2.08
C PRO C 358 19.02 -44.19 1.07
N LEU C 359 17.85 -43.54 1.18
CA LEU C 359 16.81 -43.67 0.17
C LEU C 359 17.31 -43.27 -1.23
N LEU C 360 18.19 -42.27 -1.30
CA LEU C 360 18.59 -41.67 -2.57
C LEU C 360 19.32 -42.65 -3.53
N PRO C 361 18.93 -42.65 -4.82
CA PRO C 361 19.57 -43.52 -5.79
C PRO C 361 20.90 -42.97 -6.29
N ASP C 362 21.64 -43.78 -7.02
CA ASP C 362 22.88 -43.34 -7.63
C ASP C 362 22.58 -42.32 -8.72
N THR C 363 21.46 -42.49 -9.42
CA THR C 363 21.01 -41.48 -10.38
C THR C 363 19.47 -41.33 -10.40
N PHE C 364 19.02 -40.17 -10.90
CA PHE C 364 17.59 -39.86 -11.02
C PHE C 364 17.13 -40.09 -12.47
N ASN C 365 16.16 -40.98 -12.63
CA ASN C 365 15.84 -41.54 -13.94
C ASN C 365 14.45 -41.14 -14.41
N ILE C 366 14.40 -40.27 -15.42
CA ILE C 366 13.13 -39.73 -15.95
C ILE C 366 13.00 -40.02 -17.43
N GLU C 367 11.95 -40.76 -17.80
CA GLU C 367 11.77 -41.23 -19.17
C GLU C 367 13.05 -41.96 -19.60
N ASP C 368 13.72 -41.53 -20.67
CA ASP C 368 14.94 -42.20 -21.15
C ASP C 368 16.23 -41.69 -20.55
N GLN C 369 16.17 -40.71 -19.65
CA GLN C 369 17.38 -40.03 -19.18
C GLN C 369 17.80 -40.57 -17.82
N GLU C 370 19.07 -40.36 -17.48
CA GLU C 370 19.63 -40.72 -16.18
C GLU C 370 20.44 -39.54 -15.63
N TYR C 371 19.80 -38.66 -14.89
CA TYR C 371 20.45 -37.44 -14.39
C TYR C 371 21.24 -37.74 -13.12
N SER C 372 22.46 -37.18 -13.04
CA SER C 372 23.28 -37.27 -11.85
C SER C 372 22.86 -36.20 -10.84
N PHE C 373 23.38 -36.30 -9.62
CA PHE C 373 23.20 -35.26 -8.60
C PHE C 373 23.56 -33.89 -9.19
N LYS C 374 24.78 -33.79 -9.74
CA LYS C 374 25.30 -32.55 -10.33
C LYS C 374 24.34 -31.93 -11.38
N GLN C 375 23.68 -32.77 -12.18
CA GLN C 375 22.71 -32.32 -13.20
C GLN C 375 21.32 -32.02 -12.61
N PHE C 376 20.96 -32.75 -11.56
CA PHE C 376 19.60 -32.75 -11.05
C PHE C 376 19.33 -31.58 -10.12
N LEU C 377 20.21 -31.39 -9.13
CA LEU C 377 20.04 -30.34 -8.14
C LEU C 377 20.03 -28.97 -8.84
N TYR C 378 19.13 -28.09 -8.41
CA TYR C 378 18.99 -26.70 -8.89
C TYR C 378 18.41 -26.53 -10.31
N ASN C 379 18.26 -27.60 -11.08
CA ASN C 379 17.80 -27.44 -12.46
C ASN C 379 16.32 -27.79 -12.66
N ASN C 380 15.45 -26.78 -12.51
CA ASN C 380 14.00 -26.95 -12.68
C ASN C 380 13.54 -27.01 -14.14
N SER C 381 14.44 -26.69 -15.07
CA SER C 381 14.19 -26.86 -16.50
C SER C 381 13.78 -28.29 -16.79
N ILE C 382 14.35 -29.22 -16.02
CA ILE C 382 13.99 -30.63 -16.11
C ILE C 382 12.49 -30.85 -15.90
N LEU C 383 11.91 -30.12 -14.95
CA LEU C 383 10.49 -30.25 -14.65
C LEU C 383 9.61 -29.78 -15.81
N LEU C 384 10.00 -28.67 -16.41
CA LEU C 384 9.28 -28.10 -17.55
C LEU C 384 9.43 -28.96 -18.81
N GLU C 385 10.60 -29.55 -18.98
CA GLU C 385 10.93 -30.35 -20.16
C GLU C 385 10.15 -31.68 -20.24
N HIS C 386 9.98 -32.37 -19.11
CA HIS C 386 9.33 -33.69 -19.08
C HIS C 386 7.84 -33.62 -18.70
N GLY C 387 7.48 -32.66 -17.85
CA GLY C 387 6.08 -32.47 -17.46
C GLY C 387 5.71 -33.22 -16.19
N LEU C 388 4.57 -32.86 -15.62
CA LEU C 388 4.11 -33.48 -14.36
C LEU C 388 3.81 -34.98 -14.53
N THR C 389 3.06 -35.32 -15.57
CA THR C 389 2.67 -36.70 -15.84
C THR C 389 3.85 -37.66 -15.92
N GLN C 390 4.82 -37.31 -16.75
CA GLN C 390 6.00 -38.15 -16.93
C GLN C 390 6.84 -38.25 -15.64
N PHE C 391 6.96 -37.15 -14.90
CA PHE C 391 7.62 -37.19 -13.58
C PHE C 391 7.01 -38.25 -12.65
N VAL C 392 5.68 -38.41 -12.70
CA VAL C 392 4.96 -39.36 -11.84
C VAL C 392 5.12 -40.81 -12.30
N GLU C 393 4.89 -41.05 -13.60
CA GLU C 393 5.09 -42.38 -14.19
C GLU C 393 6.49 -42.88 -13.88
N SER C 394 7.49 -42.03 -14.14
CA SER C 394 8.91 -42.37 -14.00
C SER C 394 9.33 -42.67 -12.56
N PHE C 395 8.97 -41.77 -11.64
CA PHE C 395 9.33 -41.92 -10.22
C PHE C 395 8.57 -43.05 -9.52
N THR C 396 7.41 -43.42 -10.06
CA THR C 396 6.64 -44.54 -9.52
C THR C 396 7.35 -45.86 -9.83
N ARG C 397 8.02 -45.93 -10.97
CA ARG C 397 8.76 -47.12 -11.38
C ARG C 397 10.15 -47.27 -10.75
N GLN C 398 10.81 -46.15 -10.41
CA GLN C 398 12.18 -46.20 -9.85
C GLN C 398 12.18 -46.56 -8.36
N ILE C 399 13.10 -47.45 -7.96
CA ILE C 399 13.18 -47.93 -6.59
C ILE C 399 14.20 -47.14 -5.76
N ALA C 400 13.90 -46.96 -4.48
CA ALA C 400 14.79 -46.23 -3.57
C ALA C 400 15.64 -47.21 -2.80
N GLY C 401 16.70 -46.71 -2.19
CA GLY C 401 17.59 -47.55 -1.38
C GLY C 401 17.04 -47.93 -0.02
N ARG C 402 17.66 -48.93 0.59
CA ARG C 402 17.34 -49.38 1.95
C ARG C 402 18.01 -48.46 3.00
N VAL C 403 17.35 -48.29 4.15
CA VAL C 403 17.78 -47.31 5.17
C VAL C 403 18.59 -47.95 6.29
N ALA C 404 18.01 -48.95 6.95
CA ALA C 404 18.79 -49.77 7.88
C ALA C 404 19.62 -50.79 7.08
N GLY C 405 20.54 -51.47 7.75
CA GLY C 405 21.35 -52.52 7.13
C GLY C 405 22.81 -52.16 6.93
N GLY C 406 23.08 -50.90 6.61
CA GLY C 406 24.45 -50.39 6.52
C GLY C 406 24.94 -50.07 5.10
N ARG C 407 26.00 -49.28 5.02
CA ARG C 407 26.79 -49.13 3.81
C ARG C 407 25.96 -48.79 2.59
N ASN C 408 25.17 -47.72 2.71
CA ASN C 408 24.26 -47.30 1.64
C ASN C 408 24.06 -45.78 1.49
N VAL C 409 24.83 -44.96 2.22
CA VAL C 409 24.79 -43.52 2.04
C VAL C 409 25.66 -43.16 0.84
N PRO C 410 25.06 -42.59 -0.24
CA PRO C 410 25.83 -42.28 -1.45
C PRO C 410 26.91 -41.20 -1.25
N ILE C 411 28.09 -41.40 -1.84
CA ILE C 411 29.21 -40.45 -1.69
C ILE C 411 28.85 -38.99 -1.96
N ALA C 412 27.95 -38.76 -2.92
CA ALA C 412 27.51 -37.42 -3.31
C ALA C 412 27.06 -36.59 -2.13
N VAL C 413 26.62 -37.26 -1.06
CA VAL C 413 25.95 -36.60 0.04
C VAL C 413 26.69 -36.92 1.37
N GLN C 414 27.96 -37.33 1.26
CA GLN C 414 28.74 -37.82 2.41
C GLN C 414 28.95 -36.78 3.51
N ALA C 415 29.08 -35.52 3.13
CA ALA C 415 29.21 -34.43 4.11
C ALA C 415 27.95 -34.31 4.97
N VAL C 416 26.79 -34.71 4.44
CA VAL C 416 25.52 -34.66 5.19
C VAL C 416 25.44 -35.76 6.27
N ALA C 417 26.05 -36.90 5.99
CA ALA C 417 26.24 -37.96 7.00
C ALA C 417 27.26 -37.54 8.09
N LYS C 418 28.37 -36.92 7.68
CA LYS C 418 29.38 -36.48 8.65
C LYS C 418 28.81 -35.38 9.55
N ALA C 419 27.85 -34.62 9.04
CA ALA C 419 27.16 -33.63 9.86
C ALA C 419 26.26 -34.33 10.87
N SER C 420 25.41 -35.24 10.41
CA SER C 420 24.51 -35.95 11.32
C SER C 420 25.26 -36.46 12.55
N ILE C 421 26.46 -36.97 12.35
CA ILE C 421 27.26 -37.45 13.48
C ILE C 421 27.68 -36.25 14.32
N ASP C 422 28.52 -35.39 13.74
CA ASP C 422 29.19 -34.31 14.46
C ASP C 422 28.24 -33.43 15.30
N GLN C 423 27.08 -33.12 14.74
CA GLN C 423 26.14 -32.24 15.42
C GLN C 423 25.38 -32.94 16.53
N SER C 424 25.31 -34.27 16.49
CA SER C 424 24.77 -35.04 17.61
C SER C 424 25.66 -34.83 18.83
N ARG C 425 26.96 -34.91 18.62
CA ARG C 425 27.95 -34.71 19.68
C ARG C 425 27.99 -33.25 20.14
N GLU C 426 27.75 -32.34 19.21
CA GLU C 426 27.66 -30.90 19.54
C GLU C 426 26.50 -30.64 20.50
N MET C 427 25.41 -31.42 20.37
CA MET C 427 24.22 -31.27 21.21
C MET C 427 24.23 -32.21 22.42
N LYS C 428 25.40 -32.73 22.78
CA LYS C 428 25.56 -33.66 23.91
C LYS C 428 24.50 -34.78 23.96
N TYR C 429 24.39 -35.56 22.89
CA TYR C 429 23.45 -36.70 22.85
C TYR C 429 23.89 -37.85 23.77
N GLN C 430 22.93 -38.44 24.49
CA GLN C 430 23.19 -39.67 25.23
C GLN C 430 23.30 -40.86 24.26
N SER C 431 23.71 -42.03 24.77
CA SER C 431 24.06 -43.20 23.97
C SER C 431 22.86 -44.03 23.48
N LEU C 432 23.11 -44.79 22.42
CA LEU C 432 22.08 -45.66 21.82
C LEU C 432 21.32 -46.42 22.89
N ASN C 433 22.06 -47.14 23.73
CA ASN C 433 21.45 -47.99 24.78
C ASN C 433 20.56 -47.20 25.75
N GLU C 434 20.93 -45.95 26.02
CA GLU C 434 20.15 -45.09 26.89
C GLU C 434 18.81 -44.77 26.25
N TYR C 435 18.84 -44.52 24.94
CA TYR C 435 17.64 -44.24 24.19
C TYR C 435 16.75 -45.49 24.06
N ARG C 436 17.37 -46.64 23.93
CA ARG C 436 16.61 -47.89 23.86
C ARG C 436 15.79 -48.07 25.15
N LYS C 437 16.45 -47.94 26.30
CA LYS C 437 15.78 -48.04 27.61
C LYS C 437 14.67 -47.00 27.78
N ARG C 438 15.00 -45.75 27.52
CA ARG C 438 14.02 -44.67 27.50
C ARG C 438 12.73 -45.05 26.74
N PHE C 439 12.87 -45.77 25.64
CA PHE C 439 11.71 -46.17 24.85
C PHE C 439 11.23 -47.61 25.09
N SER C 440 11.61 -48.18 26.24
CA SER C 440 11.16 -49.51 26.68
C SER C 440 11.61 -50.65 25.74
N LEU C 441 12.85 -50.57 25.24
CA LEU C 441 13.49 -51.67 24.49
C LEU C 441 14.62 -52.32 25.31
N LYS C 442 14.94 -53.57 25.00
CA LYS C 442 16.08 -54.24 25.63
C LYS C 442 17.40 -53.69 25.06
N PRO C 443 18.29 -53.18 25.92
CA PRO C 443 19.56 -52.64 25.42
C PRO C 443 20.42 -53.72 24.78
N TYR C 444 21.19 -53.35 23.76
CA TYR C 444 22.04 -54.31 23.06
C TYR C 444 23.25 -54.73 23.91
N THR C 445 23.62 -56.01 23.84
CA THR C 445 24.72 -56.57 24.64
C THR C 445 26.05 -56.70 23.87
N SER C 446 26.01 -56.53 22.55
CA SER C 446 27.23 -56.49 21.72
C SER C 446 26.95 -55.90 20.33
N PHE C 447 28.00 -55.67 19.56
CA PHE C 447 27.89 -55.12 18.19
C PHE C 447 27.32 -56.16 17.21
N GLU C 448 27.57 -57.44 17.46
CA GLU C 448 27.03 -58.50 16.59
C GLU C 448 25.49 -58.67 16.72
N GLU C 449 24.91 -58.25 17.85
CA GLU C 449 23.46 -58.27 18.03
C GLU C 449 22.77 -57.04 17.39
N LEU C 450 23.51 -55.94 17.28
CA LEU C 450 23.01 -54.72 16.64
C LEU C 450 22.90 -54.88 15.12
N THR C 451 23.93 -55.42 14.50
CA THR C 451 24.04 -55.56 13.03
C THR C 451 23.58 -56.91 12.47
N GLY C 452 23.53 -57.93 13.32
CA GLY C 452 23.17 -59.28 12.87
C GLY C 452 24.19 -59.89 11.94
N GLU C 453 25.41 -59.34 11.95
CA GLU C 453 26.51 -59.81 11.10
C GLU C 453 27.84 -59.61 11.85
N LYS C 454 28.97 -59.76 11.15
CA LYS C 454 30.28 -59.88 11.81
C LYS C 454 31.31 -58.80 11.44
N GLU C 455 31.40 -58.45 10.15
CA GLU C 455 32.48 -57.58 9.65
C GLU C 455 32.31 -56.08 10.02
N MET C 456 31.11 -55.52 9.84
CA MET C 456 30.82 -54.15 10.29
C MET C 456 30.88 -54.10 11.81
N ALA C 457 30.31 -55.12 12.45
CA ALA C 457 30.30 -55.24 13.89
C ALA C 457 31.72 -55.13 14.44
N ALA C 458 32.64 -55.87 13.85
CA ALA C 458 34.04 -55.91 14.30
C ALA C 458 34.78 -54.57 14.07
N GLU C 459 34.41 -53.84 13.03
CA GLU C 459 35.02 -52.53 12.78
C GLU C 459 34.51 -51.52 13.83
N LEU C 460 33.24 -51.64 14.19
CA LEU C 460 32.66 -50.80 15.24
C LEU C 460 33.31 -51.04 16.61
N LYS C 461 33.56 -52.31 16.94
CA LYS C 461 34.22 -52.72 18.18
C LYS C 461 35.62 -52.14 18.28
N ALA C 462 36.36 -52.12 17.18
CA ALA C 462 37.70 -51.55 17.14
C ALA C 462 37.68 -50.04 17.38
N LEU C 463 36.59 -49.39 16.96
CA LEU C 463 36.43 -47.93 17.07
C LEU C 463 35.93 -47.51 18.46
N TYR C 464 34.79 -48.09 18.87
CA TYR C 464 34.05 -47.67 20.08
C TYR C 464 34.40 -48.41 21.37
N SER C 465 34.77 -49.70 21.27
CA SER C 465 35.25 -50.51 22.41
C SER C 465 34.14 -51.09 23.28
N ASP C 466 33.18 -50.26 23.68
CA ASP C 466 32.03 -50.74 24.46
C ASP C 466 30.75 -50.52 23.69
N ILE C 467 29.84 -51.49 23.75
CA ILE C 467 28.52 -51.35 23.14
C ILE C 467 27.74 -50.20 23.79
N ASP C 468 28.01 -49.94 25.07
CA ASP C 468 27.30 -48.90 25.82
C ASP C 468 27.69 -47.47 25.44
N VAL C 469 28.71 -47.32 24.60
CA VAL C 469 29.18 -46.00 24.16
C VAL C 469 28.83 -45.67 22.68
N MET C 470 28.17 -46.60 22.00
CA MET C 470 27.75 -46.40 20.60
C MET C 470 26.73 -45.26 20.48
N GLU C 471 26.73 -44.57 19.34
CA GLU C 471 25.87 -43.40 19.10
C GLU C 471 24.49 -43.74 18.48
N LEU C 472 23.55 -42.81 18.56
CA LEU C 472 22.18 -43.10 18.14
C LEU C 472 22.04 -43.13 16.61
N TYR C 473 22.65 -42.18 15.93
CA TYR C 473 22.48 -42.07 14.49
C TYR C 473 23.10 -43.24 13.73
N PRO C 474 24.43 -43.39 13.80
CA PRO C 474 25.05 -44.46 13.00
C PRO C 474 24.46 -45.87 13.22
N ALA C 475 24.00 -46.14 14.44
CA ALA C 475 23.37 -47.42 14.75
C ALA C 475 22.05 -47.59 14.02
N LEU C 476 21.33 -46.49 13.76
CA LEU C 476 20.04 -46.58 13.08
C LEU C 476 20.20 -47.03 11.63
N LEU C 477 21.32 -46.66 11.00
CA LEU C 477 21.60 -47.05 9.61
C LEU C 477 22.43 -48.33 9.48
N VAL C 478 23.06 -48.75 10.58
CA VAL C 478 23.84 -50.00 10.65
C VAL C 478 22.99 -51.13 11.24
N GLU C 479 21.83 -50.79 11.80
CA GLU C 479 21.00 -51.75 12.54
C GLU C 479 20.51 -52.89 11.67
N LYS C 480 20.37 -54.05 12.30
CA LYS C 480 19.75 -55.19 11.65
C LYS C 480 18.34 -54.78 11.24
N PRO C 481 17.99 -55.00 9.95
CA PRO C 481 16.60 -54.74 9.56
C PRO C 481 15.64 -55.76 10.13
N ARG C 482 14.35 -55.45 10.05
CA ARG C 482 13.31 -56.48 10.20
C ARG C 482 13.32 -57.38 8.97
N PRO C 483 12.78 -58.61 9.10
CA PRO C 483 12.69 -59.53 7.95
C PRO C 483 12.10 -58.87 6.71
N ASP C 484 12.90 -58.80 5.64
CA ASP C 484 12.50 -58.20 4.37
C ASP C 484 11.82 -56.82 4.56
N ALA C 485 12.50 -55.94 5.30
CA ALA C 485 11.94 -54.62 5.63
C ALA C 485 12.99 -53.49 5.62
N ILE C 486 12.51 -52.25 5.61
CA ILE C 486 13.37 -51.08 5.38
C ILE C 486 14.11 -50.58 6.62
N PHE C 487 13.49 -50.74 7.79
CA PHE C 487 14.06 -50.24 9.06
C PHE C 487 14.34 -51.33 10.06
N GLY C 488 15.18 -50.99 11.05
CA GLY C 488 15.42 -51.82 12.23
C GLY C 488 14.42 -51.50 13.32
N GLU C 489 14.53 -52.19 14.46
CA GLU C 489 13.60 -51.99 15.59
C GLU C 489 13.66 -50.58 16.16
N THR C 490 14.85 -50.11 16.48
CA THR C 490 15.02 -48.78 17.10
C THR C 490 14.32 -47.69 16.31
N MET C 491 14.63 -47.59 15.02
CA MET C 491 14.03 -46.58 14.16
C MET C 491 12.50 -46.52 14.30
N VAL C 492 11.82 -47.61 13.94
CA VAL C 492 10.35 -47.66 14.01
C VAL C 492 9.78 -47.36 15.39
N GLU C 493 10.49 -47.73 16.46
CA GLU C 493 9.98 -47.56 17.84
C GLU C 493 10.15 -46.19 18.51
N LEU C 494 11.20 -45.45 18.17
CA LEU C 494 11.33 -44.06 18.64
C LEU C 494 10.42 -43.18 17.83
N GLY C 495 10.44 -43.41 16.52
CA GLY C 495 9.68 -42.60 15.55
C GLY C 495 8.18 -42.62 15.75
N ALA C 496 7.60 -43.80 15.94
CA ALA C 496 6.14 -43.94 15.97
C ALA C 496 5.52 -42.88 16.88
N PRO C 497 5.85 -42.90 18.20
CA PRO C 497 5.26 -41.96 19.16
C PRO C 497 5.37 -40.47 18.76
N PHE C 498 6.58 -40.06 18.36
CA PHE C 498 6.86 -38.70 17.89
C PHE C 498 5.91 -38.29 16.77
N SER C 499 5.64 -39.22 15.85
CA SER C 499 4.83 -38.91 14.67
C SER C 499 3.34 -38.79 14.97
N LEU C 500 2.83 -39.69 15.81
CA LEU C 500 1.40 -39.69 16.14
C LEU C 500 1.03 -38.41 16.91
N LYS C 501 1.98 -37.92 17.69
CA LYS C 501 1.80 -36.67 18.45
C LYS C 501 1.66 -35.44 17.53
N GLY C 502 2.35 -35.44 16.40
CA GLY C 502 2.16 -34.43 15.37
C GLY C 502 0.86 -34.62 14.60
N LEU C 503 0.65 -35.85 14.10
CA LEU C 503 -0.55 -36.17 13.29
C LEU C 503 -1.87 -36.00 14.05
N MET C 504 -1.94 -36.59 15.25
CA MET C 504 -3.19 -36.61 16.01
C MET C 504 -3.27 -35.43 16.98
N GLY C 505 -2.12 -34.87 17.39
CA GLY C 505 -2.08 -33.69 18.28
C GLY C 505 -2.33 -32.34 17.62
N ASN C 506 -2.43 -32.35 16.31
CA ASN C 506 -2.99 -31.25 15.52
C ASN C 506 -4.43 -30.99 16.05
N PRO C 507 -4.86 -29.71 16.13
CA PRO C 507 -6.15 -29.39 16.75
C PRO C 507 -7.40 -29.74 15.93
N ILE C 508 -7.28 -30.06 14.63
CA ILE C 508 -8.48 -30.46 13.87
C ILE C 508 -9.01 -31.82 14.36
N CYS C 509 -8.14 -32.62 14.98
CA CYS C 509 -8.54 -33.91 15.53
C CYS C 509 -9.19 -33.84 16.92
N SER C 510 -9.16 -32.66 17.54
CA SER C 510 -9.79 -32.44 18.85
C SER C 510 -11.30 -32.30 18.67
N PRO C 511 -12.11 -32.77 19.64
CA PRO C 511 -13.56 -32.91 19.44
C PRO C 511 -14.29 -31.66 18.94
N GLN C 512 -13.84 -30.47 19.36
CA GLN C 512 -14.49 -29.22 18.92
C GLN C 512 -14.28 -28.87 17.44
N TYR C 513 -13.30 -29.50 16.79
CA TYR C 513 -13.04 -29.28 15.37
C TYR C 513 -13.62 -30.38 14.49
N TRP C 514 -13.51 -31.63 14.95
CA TRP C 514 -13.86 -32.79 14.12
C TRP C 514 -15.37 -32.91 13.89
N LYS C 515 -15.87 -32.02 13.04
CA LYS C 515 -17.27 -31.99 12.66
C LYS C 515 -17.45 -31.28 11.31
N PRO C 516 -18.55 -31.58 10.59
CA PRO C 516 -18.68 -31.14 9.19
C PRO C 516 -18.65 -29.63 8.93
N SER C 517 -19.06 -28.81 9.89
CA SER C 517 -19.16 -27.36 9.65
C SER C 517 -17.81 -26.62 9.82
N THR C 518 -16.81 -27.29 10.37
CA THR C 518 -15.46 -26.75 10.35
C THR C 518 -14.98 -26.63 8.91
N PHE C 519 -15.40 -27.58 8.06
CA PHE C 519 -14.90 -27.74 6.70
C PHE C 519 -15.91 -27.33 5.61
N GLY C 520 -16.97 -26.64 6.02
CA GLY C 520 -17.95 -26.10 5.07
C GLY C 520 -19.08 -27.02 4.62
N GLY C 521 -19.16 -28.22 5.19
CA GLY C 521 -20.26 -29.14 4.93
C GLY C 521 -19.81 -30.57 4.74
N GLU C 522 -20.80 -31.45 4.56
CA GLU C 522 -20.56 -32.88 4.36
C GLU C 522 -19.80 -33.16 3.06
N VAL C 523 -19.96 -32.28 2.07
CA VAL C 523 -19.15 -32.32 0.84
C VAL C 523 -17.70 -31.94 1.15
N GLY C 524 -17.50 -30.99 2.06
CA GLY C 524 -16.16 -30.63 2.51
C GLY C 524 -15.50 -31.69 3.38
N PHE C 525 -16.28 -32.27 4.29
CA PHE C 525 -15.79 -33.29 5.22
C PHE C 525 -15.30 -34.49 4.40
N LYS C 526 -16.06 -34.82 3.35
CA LYS C 526 -15.84 -35.96 2.45
C LYS C 526 -14.50 -35.94 1.71
N ILE C 527 -13.98 -34.74 1.44
CA ILE C 527 -12.70 -34.59 0.75
C ILE C 527 -11.53 -35.04 1.63
N ILE C 528 -11.71 -35.05 2.95
CA ILE C 528 -10.68 -35.56 3.85
C ILE C 528 -10.88 -37.05 4.10
N ASN C 529 -12.12 -37.43 4.39
CA ASN C 529 -12.45 -38.82 4.71
C ASN C 529 -12.19 -39.77 3.55
N THR C 530 -12.31 -39.27 2.32
CA THR C 530 -12.11 -40.10 1.13
C THR C 530 -10.81 -39.76 0.37
N ALA C 531 -9.87 -39.06 1.02
CA ALA C 531 -8.63 -38.64 0.37
C ALA C 531 -7.63 -39.80 0.22
N SER C 532 -6.79 -39.73 -0.82
CA SER C 532 -5.68 -40.67 -0.99
C SER C 532 -4.58 -40.12 -1.89
N ILE C 533 -3.46 -40.83 -1.94
CA ILE C 533 -2.36 -40.50 -2.85
C ILE C 533 -2.78 -40.69 -4.33
N GLN C 534 -3.51 -41.78 -4.60
CA GLN C 534 -4.00 -42.07 -5.96
C GLN C 534 -4.90 -40.95 -6.52
N SER C 535 -5.82 -40.45 -5.69
CA SER C 535 -6.76 -39.41 -6.13
C SER C 535 -6.15 -38.00 -6.13
N LEU C 536 -5.21 -37.73 -5.21
CA LEU C 536 -4.49 -36.45 -5.19
C LEU C 536 -3.75 -36.21 -6.50
N ILE C 537 -3.07 -37.25 -6.97
CA ILE C 537 -2.33 -37.20 -8.23
C ILE C 537 -3.27 -37.23 -9.43
N CYS C 538 -4.39 -37.92 -9.30
CA CYS C 538 -5.36 -38.07 -10.40
C CYS C 538 -6.12 -36.78 -10.70
N ASN C 539 -6.40 -36.01 -9.64
CA ASN C 539 -7.19 -34.77 -9.76
C ASN C 539 -6.38 -33.52 -10.12
N ASN C 540 -5.06 -33.65 -10.22
CA ASN C 540 -4.20 -32.49 -10.48
C ASN C 540 -3.10 -32.73 -11.53
N VAL C 541 -3.19 -33.82 -12.29
CA VAL C 541 -2.16 -34.18 -13.28
C VAL C 541 -2.79 -34.76 -14.53
N LYS C 542 -2.34 -34.28 -15.68
CA LYS C 542 -2.94 -34.65 -16.97
C LYS C 542 -2.95 -36.17 -17.19
N GLY C 543 -4.12 -36.70 -17.56
CA GLY C 543 -4.28 -38.12 -17.85
C GLY C 543 -4.66 -39.02 -16.69
N CYS C 544 -4.65 -38.49 -15.47
CA CYS C 544 -4.83 -39.32 -14.26
C CYS C 544 -3.93 -40.56 -14.24
N PRO C 545 -2.61 -40.36 -14.20
CA PRO C 545 -1.73 -41.53 -14.11
C PRO C 545 -1.90 -42.33 -12.80
N PHE C 546 -1.69 -43.64 -12.89
CA PHE C 546 -1.65 -44.51 -11.71
C PHE C 546 -0.40 -44.16 -10.88
N THR C 547 -0.52 -44.15 -9.57
CA THR C 547 0.67 -44.00 -8.73
C THR C 547 0.55 -44.75 -7.39
N SER C 548 1.64 -44.74 -6.64
CA SER C 548 1.77 -45.53 -5.42
C SER C 548 3.12 -45.25 -4.74
N PHE C 549 3.29 -45.80 -3.54
CA PHE C 549 4.53 -45.68 -2.80
C PHE C 549 5.44 -46.89 -2.97
N ASN C 550 4.86 -48.06 -3.20
CA ASN C 550 5.69 -49.23 -3.53
C ASN C 550 5.73 -49.37 -5.06
N VAL C 551 6.73 -50.09 -5.57
CA VAL C 551 6.91 -50.23 -7.02
C VAL C 551 6.06 -51.38 -7.57
N GLN C 552 4.79 -51.43 -7.18
CA GLN C 552 3.84 -52.43 -7.69
C GLN C 552 4.25 -53.88 -7.41
N ALA D 1 -28.00 -9.45 4.59
CA ALA D 1 -28.83 -10.69 4.60
C ALA D 1 -27.95 -11.92 4.86
N ASN D 2 -27.15 -11.85 5.93
CA ASN D 2 -26.32 -12.98 6.39
C ASN D 2 -27.14 -13.91 7.30
N PRO D 3 -27.45 -15.13 6.83
CA PRO D 3 -28.54 -15.90 7.45
C PRO D 3 -28.26 -16.50 8.84
N CYS D 4 -27.10 -16.23 9.43
CA CYS D 4 -26.80 -16.64 10.81
C CYS D 4 -26.76 -15.47 11.82
N CYS D 5 -27.11 -14.26 11.40
CA CYS D 5 -27.11 -13.07 12.30
C CYS D 5 -28.03 -13.23 13.53
N SER D 6 -29.21 -13.82 13.33
CA SER D 6 -30.21 -13.96 14.40
C SER D 6 -29.88 -15.00 15.48
N ASN D 7 -28.85 -15.81 15.24
CA ASN D 7 -28.38 -16.86 16.16
C ASN D 7 -29.34 -18.06 16.27
N PRO D 8 -29.71 -18.65 15.12
CA PRO D 8 -30.73 -19.70 15.14
C PRO D 8 -30.28 -21.06 15.69
N CYS D 9 -28.99 -21.25 15.96
CA CYS D 9 -28.49 -22.55 16.44
C CYS D 9 -28.28 -22.55 17.97
N GLN D 10 -29.12 -23.31 18.68
CA GLN D 10 -29.08 -23.38 20.14
C GLN D 10 -28.16 -24.49 20.64
N ASN D 11 -27.97 -24.52 21.96
CA ASN D 11 -27.18 -25.57 22.62
C ASN D 11 -25.78 -25.77 22.02
N ARG D 12 -25.17 -24.66 21.59
CA ARG D 12 -23.79 -24.62 21.06
C ARG D 12 -23.61 -25.10 19.61
N GLY D 13 -24.66 -25.67 19.00
CA GLY D 13 -24.63 -26.06 17.59
C GLY D 13 -24.17 -24.90 16.72
N GLU D 14 -23.43 -25.21 15.66
CA GLU D 14 -22.73 -24.19 14.87
C GLU D 14 -23.52 -23.79 13.64
N CYS D 15 -23.55 -22.49 13.34
CA CYS D 15 -24.29 -21.98 12.17
C CYS D 15 -23.38 -21.75 10.96
N MET D 16 -23.79 -22.34 9.84
CA MET D 16 -23.10 -22.24 8.57
C MET D 16 -24.17 -21.90 7.54
N SER D 17 -23.90 -20.91 6.69
CA SER D 17 -24.82 -20.56 5.61
C SER D 17 -24.85 -21.65 4.52
N THR D 18 -25.97 -21.76 3.82
CA THR D 18 -26.16 -22.73 2.72
C THR D 18 -26.88 -22.06 1.55
N GLY D 19 -26.37 -20.92 1.12
CA GLY D 19 -27.05 -20.09 0.13
C GLY D 19 -27.21 -18.69 0.69
N PHE D 20 -27.75 -17.79 -0.15
CA PHE D 20 -27.74 -16.37 0.18
C PHE D 20 -28.65 -15.99 1.34
N ASP D 21 -29.74 -16.74 1.53
CA ASP D 21 -30.66 -16.49 2.64
C ASP D 21 -31.17 -17.78 3.26
N GLN D 22 -30.26 -18.73 3.48
CA GLN D 22 -30.60 -20.03 4.03
C GLN D 22 -29.43 -20.53 4.87
N TYR D 23 -29.72 -21.34 5.89
CA TYR D 23 -28.68 -21.84 6.81
C TYR D 23 -28.91 -23.29 7.23
N LYS D 24 -27.92 -23.88 7.89
CA LYS D 24 -28.03 -25.23 8.47
C LYS D 24 -27.23 -25.32 9.76
N CYS D 25 -27.85 -25.85 10.81
CA CYS D 25 -27.17 -26.02 12.08
C CYS D 25 -26.48 -27.40 12.15
N ASP D 26 -25.23 -27.39 12.63
CA ASP D 26 -24.48 -28.61 12.88
C ASP D 26 -24.60 -28.91 14.37
N CYS D 27 -25.28 -30.01 14.69
CA CYS D 27 -25.61 -30.34 16.09
C CYS D 27 -24.66 -31.39 16.69
N THR D 28 -23.74 -31.91 15.89
CA THR D 28 -22.77 -32.93 16.34
C THR D 28 -22.31 -32.72 17.79
N ARG D 29 -22.68 -33.67 18.63
CA ARG D 29 -22.23 -33.75 20.01
C ARG D 29 -22.65 -32.56 20.87
N THR D 30 -23.79 -31.97 20.52
CA THR D 30 -24.45 -31.00 21.38
C THR D 30 -25.29 -31.71 22.44
N GLY D 31 -25.88 -32.85 22.05
CA GLY D 31 -26.82 -33.59 22.88
C GLY D 31 -28.20 -33.53 22.27
N PHE D 32 -28.43 -32.51 21.45
CA PHE D 32 -29.73 -32.25 20.83
C PHE D 32 -29.68 -32.51 19.32
N TYR D 33 -30.86 -32.69 18.72
CA TYR D 33 -31.03 -32.74 17.26
C TYR D 33 -32.26 -31.92 16.83
N GLY D 34 -32.46 -31.77 15.52
CA GLY D 34 -33.54 -30.93 14.96
C GLY D 34 -32.94 -29.94 13.98
N GLU D 35 -33.72 -28.94 13.56
CA GLU D 35 -33.21 -27.89 12.66
C GLU D 35 -32.31 -26.91 13.42
N ASN D 36 -32.73 -26.52 14.63
CA ASN D 36 -31.98 -25.57 15.43
C ASN D 36 -31.28 -26.22 16.64
N CYS D 37 -31.16 -27.55 16.60
CA CYS D 37 -30.61 -28.34 17.72
C CYS D 37 -31.47 -28.16 18.99
N THR D 38 -32.79 -28.21 18.86
CA THR D 38 -33.69 -27.94 19.98
C THR D 38 -34.27 -29.19 20.65
N THR D 39 -34.51 -30.25 19.86
CA THR D 39 -35.06 -31.51 20.39
C THR D 39 -34.00 -32.35 21.13
N PRO D 40 -34.28 -32.73 22.39
CA PRO D 40 -33.32 -33.47 23.20
C PRO D 40 -33.27 -34.98 22.93
N GLU D 41 -32.06 -35.54 22.94
CA GLU D 41 -31.89 -37.00 22.97
C GLU D 41 -32.52 -37.55 24.26
N PHE D 42 -32.51 -38.87 24.41
CA PHE D 42 -33.10 -39.50 25.59
C PHE D 42 -32.35 -39.11 26.88
N LEU D 43 -31.05 -39.37 26.92
CA LEU D 43 -30.22 -39.06 28.11
C LEU D 43 -30.13 -37.55 28.44
N THR D 44 -30.28 -36.71 27.42
CA THR D 44 -30.26 -35.25 27.62
C THR D 44 -31.48 -34.80 28.39
N ARG D 45 -32.66 -35.33 28.04
CA ARG D 45 -33.90 -35.04 28.76
C ARG D 45 -33.73 -35.30 30.25
N ILE D 46 -33.24 -36.50 30.57
CA ILE D 46 -33.11 -36.97 31.93
C ILE D 46 -32.09 -36.16 32.74
N LYS D 47 -30.95 -35.87 32.13
CA LYS D 47 -29.90 -35.06 32.77
C LYS D 47 -30.36 -33.66 33.18
N LEU D 48 -31.22 -33.03 32.37
CA LEU D 48 -31.69 -31.67 32.68
C LEU D 48 -32.60 -31.60 33.90
N LEU D 49 -33.50 -32.59 34.02
CA LEU D 49 -34.44 -32.66 35.15
C LEU D 49 -33.77 -33.01 36.46
N LEU D 50 -32.63 -33.69 36.40
CA LEU D 50 -31.89 -34.09 37.60
C LEU D 50 -30.92 -32.99 38.04
N LYS D 51 -30.25 -32.38 37.07
CA LYS D 51 -29.29 -31.31 37.33
C LYS D 51 -29.99 -30.08 37.93
N PRO D 52 -29.43 -29.52 39.03
CA PRO D 52 -29.97 -28.30 39.63
C PRO D 52 -29.43 -27.01 38.98
N THR D 53 -29.89 -25.86 39.47
CA THR D 53 -29.42 -24.56 39.00
C THR D 53 -28.16 -24.14 39.76
N PRO D 54 -27.39 -23.19 39.20
CA PRO D 54 -26.24 -22.59 39.87
C PRO D 54 -26.54 -21.97 41.23
N ASN D 55 -27.69 -21.29 41.37
CA ASN D 55 -28.08 -20.68 42.63
C ASN D 55 -28.37 -21.71 43.71
N THR D 56 -29.05 -22.79 43.31
CA THR D 56 -29.43 -23.87 44.22
C THR D 56 -28.19 -24.53 44.82
N VAL D 57 -27.17 -24.68 44.00
CA VAL D 57 -25.88 -25.24 44.45
C VAL D 57 -25.13 -24.22 45.32
N HIS D 58 -25.19 -22.94 44.94
CA HIS D 58 -24.54 -21.86 45.69
C HIS D 58 -25.08 -21.77 47.12
N TYR D 59 -26.40 -21.92 47.27
CA TYR D 59 -27.03 -21.92 48.59
C TYR D 59 -26.50 -23.07 49.48
N ILE D 60 -26.33 -24.26 48.90
CA ILE D 60 -25.87 -25.43 49.66
C ILE D 60 -24.42 -25.28 50.14
N LEU D 61 -23.56 -24.64 49.33
CA LEU D 61 -22.15 -24.44 49.68
C LEU D 61 -21.93 -23.27 50.68
N THR D 62 -22.98 -22.48 50.95
CA THR D 62 -22.89 -21.29 51.80
C THR D 62 -23.80 -21.32 53.06
N HIS D 63 -24.30 -22.50 53.40
CA HIS D 63 -25.11 -22.71 54.60
C HIS D 63 -24.59 -23.97 55.31
N PHE D 64 -25.44 -24.69 56.04
CA PHE D 64 -25.05 -25.96 56.68
C PHE D 64 -23.60 -26.01 57.15
N LYS D 65 -23.16 -24.98 57.87
CA LYS D 65 -21.78 -24.94 58.36
C LYS D 65 -21.42 -26.20 59.13
N GLY D 66 -22.40 -26.76 59.86
CA GLY D 66 -22.17 -27.98 60.62
C GLY D 66 -21.62 -29.11 59.78
N VAL D 67 -22.29 -29.35 58.67
CA VAL D 67 -21.93 -30.44 57.76
C VAL D 67 -20.58 -30.19 57.08
N TRP D 68 -20.36 -28.98 56.57
CA TRP D 68 -19.12 -28.66 55.87
C TRP D 68 -17.89 -28.76 56.78
N ASN D 69 -18.08 -28.51 58.08
CA ASN D 69 -17.00 -28.66 59.05
C ASN D 69 -16.45 -30.08 59.09
N ILE D 70 -17.36 -31.05 58.99
CA ILE D 70 -16.99 -32.45 58.98
C ILE D 70 -16.39 -32.83 57.61
N VAL D 71 -16.99 -32.34 56.53
CA VAL D 71 -16.51 -32.67 55.18
C VAL D 71 -15.08 -32.18 54.94
N ASN D 72 -14.71 -31.04 55.53
CA ASN D 72 -13.35 -30.50 55.41
C ASN D 72 -12.31 -31.40 56.05
N ASN D 73 -12.68 -32.05 57.14
CA ASN D 73 -11.72 -32.79 57.94
C ASN D 73 -11.71 -34.29 57.64
N ILE D 74 -12.17 -34.64 56.45
CA ILE D 74 -11.97 -35.97 55.89
C ILE D 74 -11.36 -35.77 54.50
N PRO D 75 -10.09 -36.14 54.32
CA PRO D 75 -9.43 -35.96 53.00
C PRO D 75 -10.19 -36.59 51.83
N PHE D 76 -10.69 -37.81 52.06
CA PHE D 76 -11.44 -38.55 51.05
C PHE D 76 -12.64 -37.77 50.49
N LEU D 77 -13.48 -37.24 51.38
CA LEU D 77 -14.67 -36.48 50.97
C LEU D 77 -14.28 -35.14 50.35
N ARG D 78 -13.38 -34.41 51.02
CA ARG D 78 -12.94 -33.08 50.54
C ARG D 78 -12.40 -33.16 49.12
N SER D 79 -11.59 -34.17 48.86
CA SER D 79 -11.03 -34.39 47.53
C SER D 79 -12.10 -34.75 46.49
N LEU D 80 -13.05 -35.60 46.87
CA LEU D 80 -14.21 -35.92 46.01
C LEU D 80 -15.02 -34.65 45.64
N ILE D 81 -15.21 -33.75 46.60
CA ILE D 81 -15.93 -32.49 46.37
C ILE D 81 -15.13 -31.53 45.47
N MET D 82 -13.86 -31.28 45.79
CA MET D 82 -13.04 -30.36 45.00
C MET D 82 -12.90 -30.81 43.54
N LYS D 83 -12.82 -32.11 43.32
CA LYS D 83 -12.79 -32.67 41.97
C LYS D 83 -14.09 -32.40 41.22
N TYR D 84 -15.22 -32.37 41.93
CA TYR D 84 -16.49 -31.98 41.32
C TYR D 84 -16.40 -30.53 40.81
N VAL D 85 -15.92 -29.60 41.64
CA VAL D 85 -15.92 -28.17 41.25
C VAL D 85 -14.99 -27.90 40.05
N LEU D 86 -13.83 -28.57 40.03
CA LEU D 86 -12.94 -28.54 38.87
C LEU D 86 -13.64 -29.05 37.60
N THR D 87 -13.94 -30.35 37.59
CA THR D 87 -14.41 -31.03 36.37
C THR D 87 -15.77 -30.56 35.87
N SER D 88 -16.74 -30.37 36.77
CA SER D 88 -18.09 -29.90 36.38
C SER D 88 -18.02 -28.71 35.42
N ARG D 89 -17.00 -27.86 35.61
CA ARG D 89 -16.78 -26.68 34.77
C ARG D 89 -16.08 -26.94 33.42
N SER D 90 -15.52 -28.13 33.21
CA SER D 90 -14.68 -28.42 32.01
C SER D 90 -15.39 -28.05 30.73
N TYR D 91 -16.55 -28.71 30.53
CA TYR D 91 -17.32 -28.59 29.29
C TYR D 91 -17.57 -27.15 28.81
N LEU D 92 -17.40 -26.16 29.69
CA LEU D 92 -17.68 -24.76 29.35
C LEU D 92 -16.66 -24.08 28.45
N ILE D 93 -15.42 -24.55 28.41
CA ILE D 93 -14.37 -23.82 27.65
C ILE D 93 -13.73 -24.60 26.50
N ASP D 94 -13.59 -23.95 25.34
CA ASP D 94 -12.96 -24.56 24.17
C ASP D 94 -11.43 -24.53 24.34
N SER D 95 -10.82 -25.71 24.38
CA SER D 95 -9.37 -25.83 24.52
C SER D 95 -8.92 -27.14 23.88
N PRO D 96 -8.33 -27.08 22.67
CA PRO D 96 -7.85 -25.91 21.91
C PRO D 96 -8.91 -24.88 21.51
N PRO D 97 -8.50 -23.59 21.40
CA PRO D 97 -9.40 -22.45 21.22
C PRO D 97 -9.89 -22.23 19.79
N THR D 98 -11.03 -21.58 19.65
CA THR D 98 -11.67 -21.43 18.37
C THR D 98 -11.55 -20.01 17.80
N TYR D 99 -12.45 -19.13 18.23
CA TYR D 99 -12.65 -17.84 17.54
C TYR D 99 -11.75 -16.71 18.05
N ASN D 100 -11.75 -15.58 17.35
CA ASN D 100 -11.18 -14.33 17.85
C ASN D 100 -11.85 -13.10 17.20
N VAL D 101 -11.40 -11.90 17.52
CA VAL D 101 -12.07 -10.66 17.06
C VAL D 101 -12.38 -10.64 15.55
N HIS D 102 -11.51 -11.19 14.72
CA HIS D 102 -11.66 -11.10 13.27
C HIS D 102 -12.29 -12.33 12.61
N TYR D 103 -12.26 -13.49 13.24
CA TYR D 103 -12.79 -14.72 12.63
C TYR D 103 -13.99 -15.32 13.37
N GLY D 104 -15.15 -15.35 12.69
CA GLY D 104 -16.39 -15.93 13.24
C GLY D 104 -16.52 -17.43 12.96
N TYR D 105 -15.55 -17.99 12.24
CA TYR D 105 -15.45 -19.42 11.97
C TYR D 105 -14.04 -19.87 12.29
N LYS D 106 -13.87 -21.14 12.59
CA LYS D 106 -12.56 -21.67 12.97
C LYS D 106 -11.59 -21.62 11.80
N SER D 107 -10.38 -21.11 12.06
CA SER D 107 -9.35 -20.90 11.05
C SER D 107 -7.98 -21.21 11.62
N TRP D 108 -7.02 -21.54 10.76
CA TRP D 108 -5.65 -21.72 11.21
C TRP D 108 -5.09 -20.39 11.73
N GLU D 109 -5.45 -19.28 11.09
CA GLU D 109 -4.98 -17.97 11.54
C GLU D 109 -5.44 -17.72 12.97
N ALA D 110 -6.72 -17.99 13.24
CA ALA D 110 -7.23 -17.85 14.61
C ALA D 110 -6.55 -18.83 15.57
N PHE D 111 -6.22 -20.02 15.10
CA PHE D 111 -5.56 -21.00 15.97
C PHE D 111 -4.10 -20.68 16.22
N SER D 112 -3.37 -20.26 15.18
CA SER D 112 -1.91 -20.07 15.29
C SER D 112 -1.48 -18.78 15.99
N ASN D 113 -2.16 -17.67 15.71
CA ASN D 113 -1.65 -16.33 16.02
C ASN D 113 -1.85 -15.96 17.47
N LEU D 114 -0.83 -16.18 18.29
CA LEU D 114 -0.93 -15.98 19.74
C LEU D 114 -1.13 -14.52 20.17
N SER D 115 -0.87 -13.57 19.25
CA SER D 115 -1.02 -12.14 19.56
C SER D 115 -2.45 -11.72 19.88
N TYR D 116 -3.44 -12.52 19.48
CA TYR D 116 -4.84 -12.24 19.77
C TYR D 116 -5.22 -12.73 21.16
N TYR D 117 -6.17 -12.05 21.79
CA TYR D 117 -6.97 -12.68 22.84
C TYR D 117 -7.96 -13.59 22.11
N THR D 118 -8.31 -14.72 22.69
CA THR D 118 -9.31 -15.62 22.09
C THR D 118 -10.75 -15.15 22.41
N ARG D 119 -11.75 -15.89 21.93
CA ARG D 119 -13.17 -15.51 22.15
C ARG D 119 -14.09 -16.69 22.50
N ALA D 120 -14.87 -16.55 23.57
CA ALA D 120 -15.83 -17.59 23.99
C ALA D 120 -17.07 -17.67 23.08
N LEU D 121 -17.62 -16.52 22.70
CA LEU D 121 -18.63 -16.47 21.63
C LEU D 121 -18.11 -15.61 20.45
N PRO D 122 -18.41 -16.04 19.21
CA PRO D 122 -17.88 -15.37 18.02
C PRO D 122 -18.34 -13.92 17.86
N PRO D 123 -17.67 -13.14 16.99
CA PRO D 123 -18.14 -11.78 16.76
C PRO D 123 -19.37 -11.75 15.86
N VAL D 124 -20.25 -10.77 16.09
CA VAL D 124 -21.37 -10.51 15.22
C VAL D 124 -20.81 -10.03 13.89
N ALA D 125 -21.25 -10.63 12.78
CA ALA D 125 -20.74 -10.27 11.44
C ALA D 125 -20.96 -8.79 11.11
N ASP D 126 -20.04 -8.21 10.33
CA ASP D 126 -20.07 -6.77 10.02
C ASP D 126 -21.27 -6.32 9.18
N ASP D 127 -21.76 -7.20 8.32
CA ASP D 127 -22.89 -6.86 7.46
C ASP D 127 -24.26 -7.17 8.09
N CYS D 128 -24.29 -7.59 9.35
CA CYS D 128 -25.56 -7.81 10.04
C CYS D 128 -26.27 -6.44 10.24
N PRO D 129 -27.62 -6.44 10.22
CA PRO D 129 -28.37 -5.18 10.28
C PRO D 129 -28.20 -4.42 11.59
N THR D 130 -28.32 -5.12 12.71
CA THR D 130 -28.22 -4.48 14.02
C THR D 130 -26.93 -4.90 14.71
N PRO D 131 -26.51 -4.15 15.76
CA PRO D 131 -25.27 -4.45 16.50
C PRO D 131 -25.24 -5.82 17.18
N MET D 132 -26.40 -6.35 17.55
CA MET D 132 -26.48 -7.67 18.20
C MET D 132 -27.10 -8.72 17.28
N GLY D 133 -27.05 -8.50 15.98
CA GLY D 133 -27.60 -9.44 14.98
C GLY D 133 -28.82 -8.88 14.25
N VAL D 134 -30.01 -9.16 14.78
CA VAL D 134 -31.28 -8.71 14.18
C VAL D 134 -32.19 -7.91 15.12
N LYS D 135 -32.13 -8.22 16.42
CA LYS D 135 -32.90 -7.49 17.43
C LYS D 135 -32.24 -6.15 17.76
N GLY D 136 -32.97 -5.28 18.44
CA GLY D 136 -32.49 -3.96 18.78
C GLY D 136 -32.66 -2.96 17.66
N ASN D 137 -32.21 -1.73 17.91
CA ASN D 137 -32.23 -0.65 16.93
C ASN D 137 -30.86 -0.51 16.23
N LYS D 138 -30.84 0.30 15.16
CA LYS D 138 -29.62 0.60 14.39
C LYS D 138 -28.37 0.75 15.26
N GLU D 139 -28.49 1.49 16.36
CA GLU D 139 -27.34 1.74 17.23
C GLU D 139 -27.64 1.33 18.65
N LEU D 140 -26.58 1.05 19.41
CA LEU D 140 -26.70 0.95 20.86
C LEU D 140 -26.89 2.36 21.42
N PRO D 141 -27.45 2.49 22.63
CA PRO D 141 -27.59 3.78 23.25
C PRO D 141 -26.26 4.40 23.67
N ASP D 142 -26.22 5.72 23.68
CA ASP D 142 -25.08 6.49 24.11
C ASP D 142 -24.47 5.86 25.36
N SER D 143 -23.17 5.57 25.29
CA SER D 143 -22.45 4.97 26.40
C SER D 143 -22.28 5.94 27.58
N LYS D 144 -22.11 7.23 27.29
CA LYS D 144 -22.02 8.26 28.36
C LYS D 144 -23.31 8.28 29.20
N GLU D 145 -24.44 8.06 28.54
CA GLU D 145 -25.73 7.98 29.20
C GLU D 145 -25.77 6.78 30.15
N VAL D 146 -25.33 5.63 29.64
CA VAL D 146 -25.23 4.38 30.45
C VAL D 146 -24.30 4.56 31.63
N LEU D 147 -23.10 5.09 31.37
CA LEU D 147 -22.11 5.39 32.42
C LEU D 147 -22.80 6.12 33.57
N GLU D 148 -23.32 7.30 33.29
CA GLU D 148 -23.78 8.21 34.32
C GLU D 148 -25.04 7.74 35.03
N LYS D 149 -25.98 7.17 34.28
CA LYS D 149 -27.27 6.80 34.88
C LYS D 149 -27.19 5.60 35.83
N VAL D 150 -26.43 4.56 35.49
CA VAL D 150 -26.41 3.33 36.32
C VAL D 150 -25.04 2.80 36.78
N LEU D 151 -23.95 3.50 36.45
CA LEU D 151 -22.60 3.04 36.84
C LEU D 151 -21.91 3.97 37.85
N LEU D 152 -21.91 5.28 37.59
CA LEU D 152 -21.15 6.24 38.41
C LEU D 152 -21.52 6.24 39.90
N ARG D 153 -20.51 6.37 40.75
CA ARG D 153 -20.68 6.39 42.20
C ARG D 153 -21.32 7.70 42.67
N ARG D 154 -22.42 7.58 43.43
CA ARG D 154 -23.00 8.72 44.18
C ARG D 154 -22.36 8.76 45.56
N GLU D 155 -22.21 7.57 46.15
CA GLU D 155 -21.88 7.40 47.56
C GLU D 155 -21.29 6.00 47.75
N PHE D 156 -20.24 5.91 48.54
CA PHE D 156 -19.40 4.71 48.59
C PHE D 156 -20.15 3.52 49.18
N ILE D 157 -20.49 2.54 48.34
CA ILE D 157 -21.13 1.32 48.82
C ILE D 157 -20.01 0.35 49.22
N PRO D 158 -19.92 0.00 50.51
CA PRO D 158 -18.86 -0.92 50.94
C PRO D 158 -19.19 -2.37 50.67
N ASP D 159 -18.18 -3.16 50.33
CA ASP D 159 -18.33 -4.60 50.15
C ASP D 159 -18.80 -5.28 51.45
N PRO D 160 -19.90 -6.06 51.37
CA PRO D 160 -20.34 -6.77 52.57
C PRO D 160 -19.41 -7.92 52.98
N GLN D 161 -18.73 -8.52 52.00
CA GLN D 161 -17.84 -9.65 52.29
C GLN D 161 -16.53 -9.23 52.92
N GLY D 162 -16.35 -7.94 53.21
CA GLY D 162 -15.18 -7.48 53.95
C GLY D 162 -13.90 -7.31 53.16
N SER D 163 -13.95 -7.50 51.83
CA SER D 163 -12.77 -7.39 50.98
C SER D 163 -12.03 -6.09 51.23
N ASN D 164 -10.71 -6.16 51.38
CA ASN D 164 -9.91 -4.99 51.76
C ASN D 164 -8.92 -4.58 50.67
N MET D 165 -8.13 -3.54 50.93
CA MET D 165 -7.19 -3.02 49.93
C MET D 165 -6.03 -3.99 49.62
N MET D 166 -5.59 -4.77 50.61
CA MET D 166 -4.62 -5.84 50.32
C MET D 166 -5.15 -6.76 49.23
N PHE D 167 -6.45 -7.05 49.25
CA PHE D 167 -7.10 -7.84 48.20
C PHE D 167 -7.19 -7.10 46.87
N ALA D 168 -7.61 -5.83 46.89
CA ALA D 168 -7.78 -5.08 45.65
C ALA D 168 -6.48 -5.05 44.88
N PHE D 169 -5.37 -4.79 45.59
CA PHE D 169 -4.08 -4.63 44.93
C PHE D 169 -3.46 -5.95 44.51
N PHE D 170 -3.76 -7.03 45.24
CA PHE D 170 -3.38 -8.37 44.79
C PHE D 170 -4.14 -8.69 43.49
N ALA D 171 -5.44 -8.41 43.48
CA ALA D 171 -6.25 -8.58 42.29
C ALA D 171 -5.62 -7.93 41.07
N GLN D 172 -5.07 -6.74 41.28
CA GLN D 172 -4.55 -5.94 40.19
C GLN D 172 -3.17 -6.44 39.76
N HIS D 173 -2.28 -6.58 40.75
CA HIS D 173 -0.92 -7.08 40.52
C HIS D 173 -0.94 -8.44 39.85
N PHE D 174 -1.79 -9.35 40.35
CA PHE D 174 -1.88 -10.71 39.80
C PHE D 174 -2.34 -10.73 38.33
N THR D 175 -3.43 -10.06 38.02
CA THR D 175 -4.01 -10.18 36.67
C THR D 175 -3.24 -9.39 35.61
N HIS D 176 -2.46 -8.40 36.03
CA HIS D 176 -1.74 -7.56 35.08
C HIS D 176 -0.50 -8.21 34.47
N GLN D 177 -0.18 -9.43 34.87
CA GLN D 177 0.77 -10.27 34.10
C GLN D 177 0.15 -10.90 32.82
N PHE D 178 -1.15 -11.16 32.79
CA PHE D 178 -1.78 -11.73 31.59
C PHE D 178 -2.91 -10.86 30.98
N PHE D 179 -3.04 -9.64 31.47
CA PHE D 179 -3.91 -8.66 30.85
C PHE D 179 -3.04 -7.49 30.45
N LYS D 180 -2.48 -7.56 29.24
CA LYS D 180 -1.58 -6.53 28.76
C LYS D 180 -1.90 -6.16 27.31
N THR D 181 -3.04 -5.51 27.15
CA THR D 181 -3.55 -5.15 25.84
C THR D 181 -2.52 -4.31 25.10
N ASP D 182 -2.27 -4.66 23.84
CA ASP D 182 -1.39 -3.90 22.95
C ASP D 182 -2.25 -2.84 22.29
N HIS D 183 -2.32 -1.67 22.93
CA HIS D 183 -3.23 -0.61 22.52
C HIS D 183 -2.97 -0.12 21.09
N LYS D 184 -1.69 0.00 20.73
CA LYS D 184 -1.31 0.30 19.34
C LYS D 184 -2.08 -0.56 18.33
N ARG D 185 -1.91 -1.88 18.38
CA ARG D 185 -2.61 -2.80 17.49
C ARG D 185 -4.14 -2.67 17.61
N GLY D 186 -4.65 -2.72 18.83
CA GLY D 186 -6.10 -2.67 19.07
C GLY D 186 -6.53 -3.48 20.29
N PRO D 187 -7.76 -3.27 20.76
CA PRO D 187 -8.24 -3.88 22.00
C PRO D 187 -8.13 -5.41 22.03
N GLY D 188 -8.43 -6.09 20.93
CA GLY D 188 -8.38 -7.56 20.90
C GLY D 188 -7.00 -8.22 20.92
N PHE D 189 -5.93 -7.44 20.95
CA PHE D 189 -4.55 -7.96 20.86
C PHE D 189 -3.82 -7.85 22.21
N THR D 190 -2.85 -8.74 22.43
CA THR D 190 -2.16 -8.85 23.74
C THR D 190 -0.62 -8.87 23.66
N ARG D 191 0.05 -8.34 24.69
CA ARG D 191 1.52 -8.42 24.84
C ARG D 191 1.93 -9.58 25.76
N GLY D 192 0.94 -10.20 26.42
CA GLY D 192 1.16 -11.32 27.36
C GLY D 192 1.16 -12.67 26.67
N LEU D 193 2.25 -12.95 25.96
CA LEU D 193 2.35 -14.14 25.10
C LEU D 193 2.39 -15.47 25.84
N GLY D 194 2.54 -15.47 27.18
CA GLY D 194 2.43 -16.68 27.97
C GLY D 194 0.99 -17.18 28.19
N HIS D 195 0.01 -16.33 27.86
CA HIS D 195 -1.41 -16.61 28.12
C HIS D 195 -1.71 -17.23 29.49
N GLY D 196 -0.87 -16.98 30.49
CA GLY D 196 -1.09 -17.58 31.81
C GLY D 196 -0.32 -17.01 32.97
N VAL D 197 -0.18 -17.83 34.01
CA VAL D 197 0.51 -17.45 35.23
C VAL D 197 2.00 -17.77 35.06
N ASP D 198 2.71 -16.86 34.39
CA ASP D 198 4.15 -17.06 34.12
C ASP D 198 5.08 -16.08 34.87
N LEU D 199 4.52 -15.20 35.70
CA LEU D 199 5.31 -14.22 36.45
C LEU D 199 6.26 -13.36 35.60
N ASN D 200 5.88 -13.04 34.35
CA ASN D 200 6.65 -12.05 33.58
C ASN D 200 6.59 -10.70 34.24
N HIS D 201 5.60 -10.48 35.09
CA HIS D 201 5.44 -9.22 35.81
C HIS D 201 6.44 -9.06 36.96
N ILE D 202 7.22 -10.10 37.24
CA ILE D 202 8.37 -9.99 38.13
C ILE D 202 9.71 -10.05 37.36
N TYR D 203 9.73 -10.85 36.28
CA TYR D 203 10.95 -11.29 35.60
C TYR D 203 11.14 -10.74 34.18
N GLY D 204 10.14 -10.05 33.63
CA GLY D 204 10.18 -9.52 32.24
C GLY D 204 9.59 -10.48 31.21
N GLU D 205 9.00 -9.94 30.12
CA GLU D 205 8.40 -10.83 29.05
C GLU D 205 9.47 -11.52 28.21
N THR D 206 10.67 -10.92 28.14
CA THR D 206 11.74 -11.37 27.24
C THR D 206 13.11 -11.45 27.90
N LEU D 207 13.98 -12.29 27.33
CA LEU D 207 15.27 -12.66 27.93
C LEU D 207 16.18 -11.44 28.06
N ASP D 208 16.04 -10.50 27.13
CA ASP D 208 16.79 -9.27 27.12
C ASP D 208 16.53 -8.48 28.40
N ARG D 209 15.26 -8.38 28.77
CA ARG D 209 14.81 -7.58 29.91
C ARG D 209 15.12 -8.29 31.24
N GLN D 210 14.89 -9.61 31.27
CA GLN D 210 15.17 -10.44 32.43
C GLN D 210 16.65 -10.34 32.84
N HIS D 211 17.54 -10.38 31.86
CA HIS D 211 18.99 -10.32 32.14
C HIS D 211 19.45 -8.96 32.70
N LYS D 212 18.81 -7.87 32.28
CA LYS D 212 19.07 -6.56 32.88
C LYS D 212 18.61 -6.48 34.34
N LEU D 213 17.66 -7.33 34.72
CA LEU D 213 17.13 -7.34 36.09
C LEU D 213 17.91 -8.24 37.06
N ARG D 214 18.76 -9.13 36.53
CA ARG D 214 19.40 -10.19 37.33
C ARG D 214 20.81 -9.88 37.80
N LEU D 215 21.09 -10.28 39.04
CA LEU D 215 22.38 -10.02 39.69
C LEU D 215 23.52 -10.86 39.12
N PHE D 216 23.14 -12.06 38.66
CA PHE D 216 24.08 -13.10 38.20
C PHE D 216 25.00 -13.66 39.33
N LYS D 217 24.48 -13.68 40.56
CA LYS D 217 25.09 -14.35 41.72
C LYS D 217 23.99 -15.05 42.51
N ASP D 218 24.21 -16.30 42.89
CA ASP D 218 23.27 -17.04 43.76
C ASP D 218 21.81 -17.10 43.26
N GLY D 219 21.62 -16.94 41.94
CA GLY D 219 20.29 -16.98 41.31
C GLY D 219 19.41 -15.76 41.52
N LYS D 220 20.00 -14.65 41.97
CA LYS D 220 19.25 -13.53 42.55
C LYS D 220 18.83 -12.44 41.57
N LEU D 221 17.90 -11.63 42.05
CA LEU D 221 17.42 -10.42 41.37
C LEU D 221 18.14 -9.17 41.91
N LYS D 222 18.58 -8.28 41.02
CA LYS D 222 19.20 -7.02 41.45
C LYS D 222 18.27 -6.21 42.36
N TYR D 223 18.87 -5.51 43.34
CA TYR D 223 18.13 -4.78 44.38
C TYR D 223 18.98 -3.65 45.02
N GLN D 224 18.33 -2.63 45.57
CA GLN D 224 19.05 -1.55 46.28
C GLN D 224 18.58 -1.43 47.75
N VAL D 225 19.37 -0.76 48.59
CA VAL D 225 18.98 -0.53 50.00
C VAL D 225 18.78 0.96 50.31
N ILE D 226 17.57 1.34 50.74
CA ILE D 226 17.25 2.71 51.10
C ILE D 226 16.78 2.74 52.55
N GLY D 227 17.67 3.12 53.46
CA GLY D 227 17.33 3.23 54.88
C GLY D 227 17.23 1.89 55.59
N GLY D 228 18.12 0.98 55.24
CA GLY D 228 18.20 -0.34 55.87
C GLY D 228 17.21 -1.34 55.32
N GLU D 229 16.59 -0.99 54.19
CA GLU D 229 15.45 -1.74 53.65
C GLU D 229 15.60 -2.03 52.16
N VAL D 230 15.39 -3.29 51.80
CA VAL D 230 15.57 -3.75 50.42
C VAL D 230 14.42 -3.29 49.50
N TYR D 231 14.78 -2.72 48.36
CA TYR D 231 13.85 -2.21 47.35
C TYR D 231 14.34 -2.60 45.95
N PRO D 232 13.49 -2.40 44.91
CA PRO D 232 13.97 -2.70 43.57
C PRO D 232 15.04 -1.70 43.12
N PRO D 233 15.81 -2.05 42.09
CA PRO D 233 16.94 -1.21 41.63
C PRO D 233 16.49 -0.07 40.71
N THR D 234 17.42 0.79 40.35
CA THR D 234 17.09 1.98 39.56
C THR D 234 17.08 1.71 38.05
N VAL D 235 16.30 2.51 37.33
CA VAL D 235 16.34 2.51 35.86
C VAL D 235 17.72 2.91 35.40
N LYS D 236 18.35 3.85 36.09
CA LYS D 236 19.71 4.28 35.75
C LYS D 236 20.69 3.11 35.78
N ASP D 237 20.72 2.37 36.88
CA ASP D 237 21.73 1.33 37.06
C ASP D 237 21.44 0.05 36.27
N THR D 238 20.19 -0.15 35.84
CA THR D 238 19.82 -1.37 35.10
C THR D 238 19.57 -1.17 33.60
N GLN D 239 19.23 0.06 33.20
CA GLN D 239 18.79 0.40 31.83
C GLN D 239 17.49 -0.28 31.42
N VAL D 240 16.65 -0.68 32.37
CA VAL D 240 15.37 -1.27 31.99
C VAL D 240 14.37 -0.15 31.75
N GLU D 241 13.45 -0.38 30.81
CA GLU D 241 12.47 0.61 30.44
C GLU D 241 11.29 0.58 31.39
N MET D 242 10.90 1.76 31.88
CA MET D 242 9.71 1.92 32.73
C MET D 242 8.88 3.14 32.29
N ILE D 243 7.58 3.16 32.62
CA ILE D 243 6.73 4.31 32.35
C ILE D 243 6.70 5.23 33.56
N TYR D 244 6.96 6.50 33.32
CA TYR D 244 6.94 7.49 34.38
C TYR D 244 6.76 8.87 33.74
N PRO D 245 5.98 9.76 34.38
CA PRO D 245 6.00 11.14 33.90
C PRO D 245 7.38 11.78 34.13
N PRO D 246 7.70 12.85 33.39
CA PRO D 246 9.06 13.40 33.31
C PRO D 246 9.67 13.93 34.62
N HIS D 247 8.86 14.52 35.50
CA HIS D 247 9.41 15.19 36.70
C HIS D 247 9.92 14.26 37.82
N ILE D 248 9.66 12.95 37.73
CA ILE D 248 10.13 11.99 38.73
C ILE D 248 11.66 11.88 38.71
N PRO D 249 12.34 12.13 39.85
CA PRO D 249 13.80 12.16 39.83
C PRO D 249 14.41 10.76 39.63
N GLU D 250 15.74 10.71 39.45
CA GLU D 250 16.41 9.45 39.08
C GLU D 250 16.35 8.34 40.13
N ASN D 251 16.45 8.72 41.41
CA ASN D 251 16.49 7.74 42.52
C ASN D 251 15.14 7.04 42.83
N LEU D 252 14.04 7.58 42.28
CA LEU D 252 12.70 7.07 42.54
C LEU D 252 12.13 6.34 41.32
N GLN D 253 12.97 6.10 40.31
CA GLN D 253 12.58 5.33 39.13
C GLN D 253 12.89 3.86 39.34
N PHE D 254 12.07 3.19 40.14
CA PHE D 254 12.24 1.77 40.38
C PHE D 254 11.86 0.94 39.15
N ALA D 255 12.55 -0.18 39.00
CA ALA D 255 12.49 -1.00 37.80
C ALA D 255 12.07 -2.43 38.13
N VAL D 256 10.88 -2.81 37.68
CA VAL D 256 10.36 -4.16 37.93
C VAL D 256 10.11 -4.90 36.61
N GLY D 257 9.41 -6.02 36.67
CA GLY D 257 9.12 -6.84 35.47
C GLY D 257 8.15 -6.17 34.54
N GLN D 258 6.99 -5.83 35.08
CA GLN D 258 5.96 -5.11 34.35
C GLN D 258 6.32 -3.62 34.32
N GLU D 259 6.31 -3.03 33.13
CA GLU D 259 6.82 -1.67 32.93
C GLU D 259 5.88 -0.56 33.40
N VAL D 260 4.73 -0.93 33.96
CA VAL D 260 3.67 0.02 34.31
C VAL D 260 3.44 0.08 35.84
N PHE D 261 4.24 -0.68 36.60
CA PHE D 261 4.00 -0.85 38.04
C PHE D 261 4.50 0.32 38.88
N GLY D 262 5.27 1.22 38.28
CA GLY D 262 5.66 2.46 38.94
C GLY D 262 4.49 3.39 39.18
N LEU D 263 3.47 3.27 38.34
CA LEU D 263 2.35 4.22 38.33
C LEU D 263 1.37 4.10 39.52
N VAL D 264 1.57 3.11 40.39
CA VAL D 264 0.77 2.99 41.61
C VAL D 264 1.60 2.32 42.72
N PRO D 265 1.80 3.02 43.86
CA PRO D 265 2.53 2.48 45.03
C PRO D 265 2.09 1.09 45.51
N GLY D 266 0.79 0.85 45.51
CA GLY D 266 0.24 -0.45 45.85
C GLY D 266 0.76 -1.58 44.96
N LEU D 267 0.83 -1.35 43.66
CA LEU D 267 1.39 -2.33 42.73
C LEU D 267 2.87 -2.51 43.03
N MET D 268 3.58 -1.41 43.26
CA MET D 268 5.00 -1.43 43.62
C MET D 268 5.22 -2.15 44.96
N MET D 269 4.33 -1.91 45.91
CA MET D 269 4.38 -2.61 47.19
C MET D 269 4.56 -4.12 46.98
N TYR D 270 3.61 -4.75 46.28
CA TYR D 270 3.67 -6.20 46.06
C TYR D 270 4.94 -6.58 45.32
N ALA D 271 5.25 -5.82 44.27
CA ALA D 271 6.49 -6.01 43.50
C ALA D 271 7.77 -5.99 44.37
N THR D 272 7.80 -5.18 45.43
CA THR D 272 8.93 -5.26 46.37
C THR D 272 8.87 -6.56 47.18
N ILE D 273 7.69 -6.91 47.69
CA ILE D 273 7.49 -8.16 48.45
C ILE D 273 7.92 -9.39 47.66
N TRP D 274 7.56 -9.45 46.38
CA TRP D 274 7.93 -10.61 45.53
C TRP D 274 9.42 -10.64 45.14
N LEU D 275 10.03 -9.50 44.83
CA LEU D 275 11.50 -9.43 44.61
C LEU D 275 12.27 -9.95 45.84
N ARG D 276 11.79 -9.58 47.03
CA ARG D 276 12.33 -10.10 48.31
C ARG D 276 12.10 -11.59 48.51
N GLU D 277 10.91 -12.08 48.10
CA GLU D 277 10.60 -13.51 48.18
C GLU D 277 11.59 -14.31 47.33
N HIS D 278 11.73 -13.91 46.07
CA HIS D 278 12.64 -14.60 45.16
C HIS D 278 14.10 -14.67 45.67
N ASN D 279 14.61 -13.60 46.29
CA ASN D 279 15.93 -13.67 46.91
C ASN D 279 15.91 -14.56 48.16
N ARG D 280 14.77 -14.61 48.84
CA ARG D 280 14.59 -15.55 49.96
C ARG D 280 14.72 -17.03 49.55
N VAL D 281 14.04 -17.44 48.48
CA VAL D 281 14.11 -18.84 48.02
C VAL D 281 15.52 -19.20 47.57
N CYS D 282 16.22 -18.26 46.94
CA CYS D 282 17.64 -18.40 46.56
C CYS D 282 18.57 -18.73 47.74
N ASP D 283 18.32 -18.15 48.90
CA ASP D 283 19.09 -18.52 50.09
C ASP D 283 18.78 -19.95 50.53
N ILE D 284 17.51 -20.34 50.46
CA ILE D 284 17.10 -21.68 50.88
C ILE D 284 17.66 -22.76 49.96
N LEU D 285 17.56 -22.52 48.64
CA LEU D 285 18.03 -23.49 47.67
C LEU D 285 19.55 -23.59 47.68
N LYS D 286 20.26 -22.48 47.93
CA LYS D 286 21.72 -22.54 48.02
C LYS D 286 22.16 -23.36 49.24
N GLN D 287 21.48 -23.15 50.36
CA GLN D 287 21.67 -23.94 51.57
C GLN D 287 21.56 -25.43 51.24
N GLU D 288 20.52 -25.78 50.50
CA GLU D 288 20.26 -27.17 50.13
C GLU D 288 21.12 -27.68 48.98
N HIS D 289 21.58 -26.79 48.10
CA HIS D 289 22.44 -27.18 46.98
C HIS D 289 23.65 -26.27 46.81
N PRO D 290 24.72 -26.50 47.58
CA PRO D 290 25.95 -25.71 47.36
C PRO D 290 26.68 -26.03 46.05
N GLU D 291 26.22 -27.05 45.30
CA GLU D 291 26.80 -27.35 43.98
C GLU D 291 26.22 -26.42 42.91
N TRP D 292 24.93 -26.14 43.03
CA TRP D 292 24.21 -25.35 42.02
C TRP D 292 24.88 -23.99 41.73
N GLY D 293 24.84 -23.59 40.47
CA GLY D 293 25.30 -22.28 40.02
C GLY D 293 24.12 -21.36 39.75
N ASP D 294 24.42 -20.19 39.19
CA ASP D 294 23.44 -19.11 39.10
C ASP D 294 22.13 -19.47 38.36
N GLU D 295 22.23 -20.00 37.14
CA GLU D 295 21.03 -20.31 36.31
C GLU D 295 20.07 -21.23 37.03
N GLN D 296 20.59 -22.37 37.45
CA GLN D 296 19.77 -23.40 38.06
C GLN D 296 19.11 -22.90 39.36
N LEU D 297 19.79 -22.00 40.08
CA LEU D 297 19.21 -21.36 41.26
C LEU D 297 18.11 -20.38 40.83
N PHE D 298 18.39 -19.60 39.79
CA PHE D 298 17.46 -18.60 39.33
C PHE D 298 16.18 -19.24 38.78
N GLN D 299 16.33 -20.22 37.89
CA GLN D 299 15.15 -20.88 37.29
C GLN D 299 14.36 -21.65 38.32
N THR D 300 15.02 -22.47 39.13
CA THR D 300 14.30 -23.28 40.12
C THR D 300 13.48 -22.37 41.06
N SER D 301 14.10 -21.28 41.53
CA SER D 301 13.38 -20.26 42.31
C SER D 301 12.10 -19.79 41.60
N ARG D 302 12.18 -19.57 40.29
CA ARG D 302 11.07 -19.02 39.51
C ARG D 302 9.88 -19.98 39.43
N LEU D 303 10.16 -21.27 39.28
CA LEU D 303 9.10 -22.29 39.30
C LEU D 303 8.46 -22.37 40.67
N ILE D 304 9.26 -22.20 41.72
CA ILE D 304 8.73 -22.21 43.08
C ILE D 304 7.74 -21.05 43.33
N LEU D 305 8.02 -19.86 42.79
CA LEU D 305 7.16 -18.70 43.04
C LEU D 305 5.85 -18.82 42.26
N ILE D 306 5.91 -19.47 41.10
CA ILE D 306 4.72 -19.80 40.33
C ILE D 306 3.83 -20.77 41.14
N GLY D 307 4.46 -21.84 41.66
CA GLY D 307 3.79 -22.76 42.57
C GLY D 307 3.07 -22.00 43.67
N GLU D 308 3.78 -21.05 44.28
CA GLU D 308 3.24 -20.24 45.37
C GLU D 308 2.01 -19.44 44.89
N THR D 309 2.17 -18.79 43.74
CA THR D 309 1.14 -17.89 43.22
C THR D 309 -0.18 -18.62 43.05
N ILE D 310 -0.15 -19.72 42.32
CA ILE D 310 -1.36 -20.55 42.10
C ILE D 310 -2.02 -20.96 43.43
N LYS D 311 -1.23 -21.43 44.40
CA LYS D 311 -1.76 -21.86 45.69
C LYS D 311 -2.46 -20.73 46.43
N ILE D 312 -1.75 -19.62 46.65
CA ILE D 312 -2.31 -18.44 47.33
C ILE D 312 -3.62 -18.00 46.64
N VAL D 313 -3.65 -18.02 45.31
CA VAL D 313 -4.87 -17.71 44.56
C VAL D 313 -6.05 -18.68 44.86
N ILE D 314 -5.82 -19.98 44.85
CA ILE D 314 -6.93 -20.93 45.07
C ILE D 314 -7.35 -20.98 46.52
N GLU D 315 -6.41 -21.24 47.42
CA GLU D 315 -6.76 -21.51 48.81
C GLU D 315 -7.02 -20.23 49.66
N ASP D 316 -6.59 -19.06 49.20
CA ASP D 316 -6.83 -17.79 49.94
C ASP D 316 -7.71 -16.77 49.19
N TYR D 317 -7.38 -16.52 47.92
CA TYR D 317 -7.96 -15.41 47.14
C TYR D 317 -9.29 -15.80 46.54
N VAL D 318 -9.30 -16.90 45.79
CA VAL D 318 -10.54 -17.49 45.28
C VAL D 318 -11.42 -17.92 46.46
N GLN D 319 -10.82 -18.52 47.48
CA GLN D 319 -11.55 -18.94 48.68
C GLN D 319 -12.40 -17.82 49.28
N HIS D 320 -11.74 -16.69 49.54
CA HIS D 320 -12.36 -15.51 50.14
C HIS D 320 -13.53 -14.98 49.34
N LEU D 321 -13.37 -14.97 48.02
CA LEU D 321 -14.43 -14.57 47.08
C LEU D 321 -15.66 -15.49 47.16
N SER D 322 -15.41 -16.79 47.23
CA SER D 322 -16.48 -17.78 47.10
C SER D 322 -17.58 -17.61 48.13
N GLY D 323 -17.19 -17.25 49.35
CA GLY D 323 -18.11 -17.23 50.48
C GLY D 323 -18.48 -18.62 51.00
N TYR D 324 -17.84 -19.66 50.49
CA TYR D 324 -18.18 -21.03 50.87
C TYR D 324 -17.58 -21.34 52.24
N HIS D 325 -18.24 -22.24 52.96
CA HIS D 325 -17.68 -22.80 54.18
C HIS D 325 -16.78 -23.98 53.85
N PHE D 326 -16.89 -24.48 52.62
CA PHE D 326 -16.06 -25.58 52.11
C PHE D 326 -14.66 -25.08 51.77
N LYS D 327 -13.65 -25.73 52.35
CA LYS D 327 -12.27 -25.32 52.17
C LYS D 327 -11.78 -25.84 50.81
N LEU D 328 -11.60 -24.92 49.86
CA LEU D 328 -11.09 -25.28 48.54
C LEU D 328 -9.65 -25.81 48.66
N LYS D 329 -9.16 -26.49 47.63
CA LYS D 329 -7.83 -27.12 47.66
C LYS D 329 -7.09 -27.02 46.32
N PHE D 330 -5.79 -26.72 46.41
CA PHE D 330 -4.89 -26.79 45.27
C PHE D 330 -4.17 -28.13 45.27
N ASP D 331 -4.56 -29.00 44.35
CA ASP D 331 -4.00 -30.34 44.24
C ASP D 331 -4.09 -30.78 42.79
N PRO D 332 -2.97 -30.72 42.05
CA PRO D 332 -2.94 -31.16 40.66
C PRO D 332 -3.29 -32.63 40.43
N GLU D 333 -3.15 -33.46 41.46
CA GLU D 333 -3.49 -34.87 41.36
C GLU D 333 -4.96 -35.10 41.04
N LEU D 334 -5.83 -34.22 41.52
CA LEU D 334 -7.26 -34.45 41.35
C LEU D 334 -7.63 -34.67 39.88
N LEU D 335 -6.86 -34.09 38.97
CA LEU D 335 -7.13 -34.23 37.53
C LEU D 335 -6.51 -35.46 36.86
N PHE D 336 -5.45 -36.01 37.45
CA PHE D 336 -4.63 -37.03 36.74
C PHE D 336 -5.38 -38.17 36.04
N ASN D 337 -6.57 -38.53 36.52
CA ASN D 337 -7.38 -39.55 35.83
C ASN D 337 -8.70 -39.00 35.29
N GLN D 338 -8.63 -37.84 34.66
CA GLN D 338 -9.76 -37.21 33.97
C GLN D 338 -9.26 -36.71 32.62
N GLN D 339 -10.17 -36.39 31.70
CA GLN D 339 -9.77 -35.83 30.41
C GLN D 339 -9.66 -34.35 30.59
N PHE D 340 -8.45 -33.82 30.42
CA PHE D 340 -8.14 -32.42 30.71
C PHE D 340 -6.92 -31.99 29.88
N GLN D 341 -7.02 -30.82 29.25
CA GLN D 341 -5.95 -30.31 28.41
C GLN D 341 -5.08 -29.32 29.18
N TYR D 342 -3.84 -29.70 29.45
CA TYR D 342 -2.88 -28.81 30.14
C TYR D 342 -2.40 -27.70 29.20
N GLN D 343 -3.31 -26.77 28.90
CA GLN D 343 -3.06 -25.63 28.00
C GLN D 343 -4.14 -24.55 28.20
N ASN D 344 -3.79 -23.31 27.88
CA ASN D 344 -4.72 -22.18 28.01
C ASN D 344 -4.49 -21.09 26.96
N ARG D 345 -5.49 -20.23 26.81
CA ARG D 345 -5.43 -19.03 25.97
C ARG D 345 -6.39 -17.98 26.58
N ILE D 346 -5.82 -16.91 27.14
CA ILE D 346 -6.58 -15.82 27.77
C ILE D 346 -7.70 -15.29 26.85
N ALA D 347 -8.95 -15.52 27.27
CA ALA D 347 -10.13 -15.06 26.53
C ALA D 347 -10.41 -13.57 26.78
N SER D 348 -10.79 -12.86 25.71
CA SER D 348 -11.08 -11.43 25.78
C SER D 348 -12.21 -11.12 26.79
N GLU D 349 -13.24 -11.95 26.78
CA GLU D 349 -14.37 -11.76 27.71
C GLU D 349 -13.96 -11.87 29.20
N PHE D 350 -12.88 -12.61 29.47
CA PHE D 350 -12.27 -12.64 30.80
C PHE D 350 -11.66 -11.29 31.16
N ASN D 351 -11.02 -10.66 30.19
CA ASN D 351 -10.47 -9.32 30.39
C ASN D 351 -11.63 -8.38 30.72
N THR D 352 -12.56 -8.20 29.78
CA THR D 352 -13.76 -7.39 30.00
C THR D 352 -14.31 -7.54 31.42
N LEU D 353 -14.68 -8.77 31.79
CA LEU D 353 -15.34 -9.00 33.08
C LEU D 353 -14.48 -8.68 34.32
N TYR D 354 -13.16 -8.67 34.17
CA TYR D 354 -12.25 -8.46 35.32
C TYR D 354 -11.96 -6.97 35.57
N HIS D 355 -12.65 -6.06 34.90
CA HIS D 355 -12.55 -4.63 35.20
C HIS D 355 -13.38 -4.32 36.45
N TRP D 356 -12.78 -4.62 37.60
CA TRP D 356 -13.41 -4.39 38.90
C TRP D 356 -12.89 -3.09 39.54
N HIS D 357 -13.06 -1.98 38.83
CA HIS D 357 -12.65 -0.68 39.35
C HIS D 357 -13.49 -0.15 40.53
N PRO D 358 -14.71 -0.69 40.74
CA PRO D 358 -15.45 -0.31 41.95
C PRO D 358 -14.83 -0.76 43.28
N LEU D 359 -13.81 -1.61 43.24
CA LEU D 359 -13.05 -1.92 44.44
C LEU D 359 -12.43 -0.64 45.00
N LEU D 360 -12.04 0.29 44.14
CA LEU D 360 -11.30 1.49 44.57
C LEU D 360 -12.12 2.44 45.47
N PRO D 361 -11.51 2.95 46.56
CA PRO D 361 -12.16 3.87 47.50
C PRO D 361 -12.15 5.33 47.00
N ASP D 362 -12.47 6.27 47.89
CA ASP D 362 -12.44 7.70 47.57
C ASP D 362 -11.04 8.30 47.78
N THR D 363 -10.41 7.99 48.90
CA THR D 363 -9.02 8.36 49.15
C THR D 363 -8.30 7.18 49.77
N PHE D 364 -6.97 7.18 49.68
CA PHE D 364 -6.13 6.05 50.10
C PHE D 364 -5.51 6.27 51.48
N ASN D 365 -5.88 5.44 52.45
CA ASN D 365 -5.62 5.72 53.88
C ASN D 365 -4.41 4.95 54.46
N ILE D 366 -3.38 5.70 54.81
CA ILE D 366 -2.10 5.17 55.31
C ILE D 366 -1.72 5.96 56.57
N GLU D 367 -1.61 5.26 57.70
CA GLU D 367 -1.54 5.87 59.03
C GLU D 367 -2.69 6.88 59.23
N ASP D 368 -2.36 8.14 59.52
CA ASP D 368 -3.36 9.19 59.69
C ASP D 368 -3.59 10.02 58.42
N GLN D 369 -2.87 9.72 57.34
CA GLN D 369 -3.02 10.46 56.09
C GLN D 369 -4.07 9.85 55.19
N GLU D 370 -4.84 10.70 54.52
CA GLU D 370 -5.85 10.30 53.57
C GLU D 370 -5.52 10.89 52.21
N TYR D 371 -4.64 10.21 51.47
CA TYR D 371 -4.13 10.71 50.20
C TYR D 371 -5.20 10.67 49.10
N SER D 372 -5.40 11.80 48.44
CA SER D 372 -6.35 11.88 47.33
C SER D 372 -5.81 11.15 46.13
N PHE D 373 -6.66 10.90 45.14
CA PHE D 373 -6.23 10.25 43.89
C PHE D 373 -5.06 11.00 43.21
N LYS D 374 -5.14 12.32 43.17
CA LYS D 374 -4.06 13.13 42.59
C LYS D 374 -2.72 12.85 43.29
N GLN D 375 -2.77 12.81 44.62
CA GLN D 375 -1.58 12.70 45.47
C GLN D 375 -0.97 11.30 45.52
N PHE D 376 -1.72 10.29 45.06
CA PHE D 376 -1.36 8.87 45.23
C PHE D 376 -0.79 8.22 43.97
N LEU D 377 -1.40 8.50 42.82
CA LEU D 377 -0.87 8.05 41.53
C LEU D 377 0.51 8.69 41.31
N TYR D 378 1.47 7.87 40.87
CA TYR D 378 2.84 8.30 40.53
C TYR D 378 3.76 8.61 41.73
N ASN D 379 3.28 8.49 42.96
CA ASN D 379 4.03 8.97 44.13
C ASN D 379 4.64 7.86 44.97
N ASN D 380 5.81 7.38 44.58
CA ASN D 380 6.57 6.42 45.38
C ASN D 380 7.38 7.03 46.55
N SER D 381 7.31 8.35 46.76
CA SER D 381 7.83 8.94 48.02
C SER D 381 7.03 8.40 49.21
N ILE D 382 5.77 8.07 48.94
CA ILE D 382 4.88 7.56 49.97
C ILE D 382 5.39 6.23 50.50
N LEU D 383 5.75 5.32 49.60
CA LEU D 383 6.20 3.98 49.99
C LEU D 383 7.46 4.02 50.84
N LEU D 384 8.40 4.91 50.49
CA LEU D 384 9.63 5.10 51.28
C LEU D 384 9.37 5.76 52.62
N GLU D 385 8.54 6.80 52.58
CA GLU D 385 8.12 7.52 53.78
C GLU D 385 7.63 6.59 54.89
N HIS D 386 6.72 5.68 54.54
CA HIS D 386 5.98 4.88 55.51
C HIS D 386 6.52 3.46 55.70
N GLY D 387 7.22 2.93 54.70
CA GLY D 387 7.71 1.55 54.74
C GLY D 387 6.64 0.49 54.45
N LEU D 388 7.11 -0.70 54.07
CA LEU D 388 6.24 -1.83 53.76
C LEU D 388 5.35 -2.21 54.96
N THR D 389 5.92 -2.24 56.16
CA THR D 389 5.20 -2.68 57.34
C THR D 389 3.94 -1.86 57.55
N GLN D 390 4.10 -0.54 57.52
CA GLN D 390 2.99 0.37 57.77
C GLN D 390 1.97 0.32 56.65
N PHE D 391 2.44 0.13 55.43
CA PHE D 391 1.54 -0.09 54.29
C PHE D 391 0.57 -1.25 54.58
N VAL D 392 1.12 -2.37 55.06
CA VAL D 392 0.35 -3.61 55.27
C VAL D 392 -0.70 -3.48 56.38
N GLU D 393 -0.30 -2.88 57.50
CA GLU D 393 -1.25 -2.63 58.57
C GLU D 393 -2.45 -1.88 58.02
N SER D 394 -2.15 -0.78 57.34
CA SER D 394 -3.16 0.15 56.88
C SER D 394 -4.13 -0.45 55.87
N PHE D 395 -3.62 -1.20 54.90
CA PHE D 395 -4.46 -1.73 53.84
C PHE D 395 -5.25 -2.99 54.24
N THR D 396 -4.85 -3.66 55.31
CA THR D 396 -5.67 -4.75 55.89
C THR D 396 -6.90 -4.16 56.59
N ARG D 397 -6.83 -2.89 56.98
CA ARG D 397 -7.92 -2.20 57.69
C ARG D 397 -8.89 -1.46 56.78
N GLN D 398 -8.43 -0.93 55.64
CA GLN D 398 -9.29 -0.13 54.76
C GLN D 398 -10.13 -0.98 53.82
N ILE D 399 -11.45 -0.83 53.93
CA ILE D 399 -12.40 -1.64 53.19
C ILE D 399 -12.52 -1.19 51.72
N ALA D 400 -12.82 -2.15 50.85
CA ALA D 400 -12.95 -1.90 49.42
C ALA D 400 -14.44 -1.83 49.02
N GLY D 401 -14.71 -1.52 47.75
CA GLY D 401 -16.08 -1.28 47.26
C GLY D 401 -16.77 -2.47 46.62
N ARG D 402 -18.10 -2.42 46.58
CA ARG D 402 -18.94 -3.48 46.01
C ARG D 402 -19.00 -3.37 44.50
N VAL D 403 -18.68 -4.46 43.82
CA VAL D 403 -18.57 -4.48 42.36
C VAL D 403 -19.96 -4.60 41.74
N ALA D 404 -20.73 -5.60 42.14
CA ALA D 404 -22.13 -5.76 41.68
C ALA D 404 -23.08 -4.81 42.44
N GLY D 405 -24.37 -4.82 42.07
CA GLY D 405 -25.38 -3.99 42.77
C GLY D 405 -25.64 -2.61 42.17
N GLY D 406 -24.69 -2.13 41.37
CA GLY D 406 -24.88 -0.90 40.60
C GLY D 406 -24.19 0.29 41.23
N ARG D 407 -24.03 1.32 40.41
CA ARG D 407 -23.72 2.70 40.86
C ARG D 407 -22.54 2.86 41.82
N ASN D 408 -21.45 2.13 41.57
CA ASN D 408 -20.29 2.16 42.46
C ASN D 408 -18.92 2.34 41.79
N VAL D 409 -18.91 2.65 40.49
CA VAL D 409 -17.66 3.02 39.80
C VAL D 409 -17.27 4.44 40.23
N PRO D 410 -16.02 4.63 40.67
CA PRO D 410 -15.60 5.96 41.16
C PRO D 410 -15.38 6.99 40.06
N ILE D 411 -15.74 8.24 40.36
CA ILE D 411 -15.70 9.33 39.39
C ILE D 411 -14.29 9.59 38.88
N ALA D 412 -13.32 9.48 39.77
CA ALA D 412 -11.92 9.63 39.39
C ALA D 412 -11.56 8.82 38.14
N VAL D 413 -12.23 7.66 37.96
CA VAL D 413 -11.85 6.65 36.96
C VAL D 413 -12.94 6.41 35.89
N GLN D 414 -13.78 7.40 35.64
CA GLN D 414 -14.91 7.22 34.72
C GLN D 414 -14.50 6.83 33.29
N ALA D 415 -13.47 7.50 32.77
CA ALA D 415 -12.97 7.23 31.42
C ALA D 415 -12.67 5.73 31.16
N VAL D 416 -12.18 5.04 32.20
CA VAL D 416 -11.89 3.62 32.12
C VAL D 416 -13.17 2.82 31.87
N ALA D 417 -14.18 3.02 32.71
CA ALA D 417 -15.46 2.31 32.56
C ALA D 417 -16.10 2.54 31.18
N LYS D 418 -16.10 3.79 30.73
CA LYS D 418 -16.64 4.12 29.40
C LYS D 418 -15.91 3.32 28.33
N ALA D 419 -14.57 3.38 28.38
CA ALA D 419 -13.72 2.61 27.48
C ALA D 419 -14.11 1.13 27.42
N SER D 420 -14.45 0.56 28.58
CA SER D 420 -14.87 -0.84 28.65
C SER D 420 -16.20 -1.09 27.93
N ILE D 421 -17.06 -0.08 27.82
CA ILE D 421 -18.26 -0.22 27.00
C ILE D 421 -17.87 -0.07 25.55
N ASP D 422 -17.26 1.07 25.22
CA ASP D 422 -17.02 1.42 23.80
C ASP D 422 -16.27 0.30 23.05
N GLN D 423 -15.26 -0.26 23.69
CA GLN D 423 -14.40 -1.26 23.06
C GLN D 423 -15.07 -2.64 22.92
N SER D 424 -15.97 -2.98 23.85
CA SER D 424 -16.74 -4.23 23.74
C SER D 424 -17.66 -4.18 22.50
N ARG D 425 -18.29 -3.02 22.29
CA ARG D 425 -19.05 -2.75 21.06
C ARG D 425 -18.12 -2.77 19.87
N GLU D 426 -16.97 -2.10 20.00
CA GLU D 426 -15.96 -2.04 18.95
C GLU D 426 -15.44 -3.42 18.52
N MET D 427 -15.34 -4.37 19.47
CA MET D 427 -14.98 -5.77 19.20
C MET D 427 -16.20 -6.68 18.85
N LYS D 428 -17.35 -6.06 18.60
CA LYS D 428 -18.62 -6.75 18.19
C LYS D 428 -19.17 -7.84 19.14
N TYR D 429 -19.17 -7.61 20.45
CA TYR D 429 -19.67 -8.57 21.44
C TYR D 429 -21.16 -8.84 21.22
N GLN D 430 -21.57 -10.11 21.33
CA GLN D 430 -23.01 -10.47 21.32
C GLN D 430 -23.66 -10.01 22.63
N SER D 431 -24.98 -10.21 22.74
CA SER D 431 -25.75 -9.75 23.89
C SER D 431 -25.47 -10.52 25.19
N LEU D 432 -26.00 -10.01 26.30
CA LEU D 432 -25.85 -10.65 27.62
C LEU D 432 -26.54 -12.00 27.64
N ASN D 433 -27.74 -12.06 27.08
CA ASN D 433 -28.55 -13.28 27.10
C ASN D 433 -27.94 -14.41 26.28
N GLU D 434 -27.31 -14.05 25.16
CA GLU D 434 -26.56 -15.03 24.34
C GLU D 434 -25.40 -15.67 25.09
N TYR D 435 -24.71 -14.89 25.93
CA TYR D 435 -23.67 -15.44 26.79
C TYR D 435 -24.31 -16.34 27.85
N ARG D 436 -25.34 -15.85 28.51
CA ARG D 436 -26.01 -16.63 29.56
C ARG D 436 -26.43 -18.01 29.05
N LYS D 437 -27.02 -18.08 27.86
CA LYS D 437 -27.28 -19.37 27.19
C LYS D 437 -26.01 -20.21 26.99
N ARG D 438 -24.95 -19.60 26.47
CA ARG D 438 -23.67 -20.31 26.26
C ARG D 438 -23.13 -20.93 27.56
N PHE D 439 -23.38 -20.30 28.71
CA PHE D 439 -22.89 -20.82 30.00
C PHE D 439 -23.95 -21.56 30.86
N SER D 440 -24.97 -22.08 30.18
CA SER D 440 -26.03 -22.87 30.83
C SER D 440 -26.70 -22.11 31.98
N LEU D 441 -26.99 -20.83 31.73
CA LEU D 441 -27.76 -19.99 32.62
C LEU D 441 -29.07 -19.69 31.91
N LYS D 442 -30.16 -19.56 32.67
CA LYS D 442 -31.42 -19.13 32.07
C LYS D 442 -31.32 -17.66 31.62
N PRO D 443 -31.82 -17.33 30.41
CA PRO D 443 -31.83 -15.92 30.01
C PRO D 443 -32.82 -15.09 30.84
N TYR D 444 -32.49 -13.81 31.07
CA TYR D 444 -33.37 -12.90 31.80
C TYR D 444 -34.55 -12.50 30.92
N THR D 445 -35.73 -12.47 31.52
CA THR D 445 -36.99 -12.23 30.81
C THR D 445 -37.56 -10.82 31.04
N SER D 446 -36.90 -10.03 31.88
CA SER D 446 -37.19 -8.59 32.02
C SER D 446 -35.98 -7.88 32.63
N PHE D 447 -35.99 -6.54 32.60
CA PHE D 447 -34.90 -5.74 33.14
C PHE D 447 -34.88 -5.74 34.67
N GLU D 448 -36.05 -5.92 35.28
CA GLU D 448 -36.15 -5.92 36.74
C GLU D 448 -35.67 -7.25 37.32
N GLU D 449 -35.79 -8.32 36.53
CA GLU D 449 -35.23 -9.61 36.92
C GLU D 449 -33.70 -9.51 37.10
N LEU D 450 -33.06 -8.74 36.23
CA LEU D 450 -31.60 -8.53 36.26
C LEU D 450 -31.11 -7.76 37.50
N THR D 451 -31.67 -6.58 37.71
CA THR D 451 -31.21 -5.69 38.77
C THR D 451 -31.73 -6.09 40.16
N GLY D 452 -32.90 -6.74 40.18
CA GLY D 452 -33.56 -7.09 41.42
C GLY D 452 -34.28 -5.92 42.06
N GLU D 453 -34.26 -4.76 41.39
CA GLU D 453 -34.86 -3.51 41.90
C GLU D 453 -35.47 -2.73 40.74
N LYS D 454 -36.11 -1.61 41.06
CA LYS D 454 -36.99 -0.93 40.12
C LYS D 454 -36.40 0.31 39.41
N GLU D 455 -35.56 1.09 40.10
CA GLU D 455 -35.11 2.39 39.58
C GLU D 455 -34.16 2.29 38.37
N MET D 456 -33.11 1.49 38.53
CA MET D 456 -32.14 1.28 37.46
C MET D 456 -32.76 0.46 36.33
N ALA D 457 -33.53 -0.58 36.69
CA ALA D 457 -34.22 -1.42 35.71
C ALA D 457 -35.22 -0.60 34.88
N ALA D 458 -35.77 0.46 35.48
CA ALA D 458 -36.55 1.44 34.72
C ALA D 458 -35.63 2.16 33.76
N GLU D 459 -34.65 2.88 34.30
CA GLU D 459 -33.65 3.62 33.50
C GLU D 459 -33.18 2.83 32.27
N LEU D 460 -32.95 1.53 32.48
CA LEU D 460 -32.40 0.65 31.44
C LEU D 460 -33.37 0.31 30.30
N LYS D 461 -34.64 0.06 30.61
CA LYS D 461 -35.63 -0.22 29.56
C LYS D 461 -35.79 0.99 28.63
N ALA D 462 -35.70 2.19 29.22
CA ALA D 462 -35.76 3.43 28.45
C ALA D 462 -34.63 3.55 27.40
N LEU D 463 -33.47 2.96 27.70
CA LEU D 463 -32.30 3.03 26.81
C LEU D 463 -32.12 1.82 25.88
N TYR D 464 -32.49 0.62 26.34
CA TYR D 464 -32.28 -0.62 25.57
C TYR D 464 -33.56 -1.29 25.00
N SER D 465 -34.72 -1.05 25.61
CA SER D 465 -36.04 -1.59 25.15
C SER D 465 -36.28 -3.11 25.30
N ASP D 466 -35.55 -3.91 24.53
CA ASP D 466 -35.70 -5.37 24.55
C ASP D 466 -34.55 -5.92 25.41
N ILE D 467 -34.88 -6.61 26.50
CA ILE D 467 -33.85 -7.20 27.38
C ILE D 467 -32.77 -7.95 26.60
N ASP D 468 -33.17 -8.66 25.55
CA ASP D 468 -32.24 -9.46 24.73
C ASP D 468 -31.16 -8.62 24.01
N VAL D 469 -31.19 -7.29 24.19
CA VAL D 469 -30.19 -6.37 23.64
C VAL D 469 -29.30 -5.70 24.73
N MET D 470 -29.39 -6.16 25.98
CA MET D 470 -28.51 -5.63 27.03
C MET D 470 -27.07 -6.14 26.87
N GLU D 471 -26.11 -5.23 27.05
CA GLU D 471 -24.68 -5.52 26.93
C GLU D 471 -24.09 -6.19 28.17
N LEU D 472 -23.07 -7.00 27.96
CA LEU D 472 -22.44 -7.81 29.01
C LEU D 472 -21.85 -6.95 30.13
N TYR D 473 -20.99 -6.00 29.76
CA TYR D 473 -20.24 -5.24 30.75
C TYR D 473 -21.12 -4.42 31.67
N PRO D 474 -22.00 -3.59 31.09
CA PRO D 474 -22.82 -2.83 32.03
C PRO D 474 -23.58 -3.80 32.93
N ALA D 475 -24.15 -4.86 32.35
CA ALA D 475 -24.90 -5.88 33.08
C ALA D 475 -24.20 -6.40 34.34
N LEU D 476 -22.93 -6.79 34.20
CA LEU D 476 -22.15 -7.32 35.33
C LEU D 476 -22.11 -6.38 36.54
N LEU D 477 -21.86 -5.09 36.29
CA LEU D 477 -21.75 -4.09 37.38
C LEU D 477 -23.09 -3.66 37.97
N VAL D 478 -24.19 -4.04 37.32
CA VAL D 478 -25.54 -3.66 37.74
C VAL D 478 -26.34 -4.86 38.26
N GLU D 479 -25.78 -6.06 38.14
CA GLU D 479 -26.51 -7.31 38.43
C GLU D 479 -26.86 -7.48 39.90
N LYS D 480 -28.01 -8.08 40.15
CA LYS D 480 -28.45 -8.41 41.49
C LYS D 480 -27.42 -9.33 42.12
N PRO D 481 -26.80 -8.89 43.23
CA PRO D 481 -25.87 -9.79 43.93
C PRO D 481 -26.56 -11.03 44.52
N ARG D 482 -25.80 -12.11 44.68
CA ARG D 482 -26.22 -13.22 45.53
C ARG D 482 -26.43 -12.67 46.96
N PRO D 483 -27.08 -13.45 47.84
CA PRO D 483 -27.29 -12.99 49.21
C PRO D 483 -26.02 -12.45 49.86
N ASP D 484 -26.00 -11.14 50.11
CA ASP D 484 -24.85 -10.43 50.72
C ASP D 484 -23.52 -10.66 50.00
N ALA D 485 -23.59 -10.89 48.69
CA ALA D 485 -22.41 -11.20 47.90
C ALA D 485 -21.75 -9.92 47.37
N ILE D 486 -20.57 -10.06 46.77
CA ILE D 486 -19.95 -8.97 46.02
C ILE D 486 -20.26 -9.10 44.52
N PHE D 487 -20.47 -10.33 44.04
CA PHE D 487 -20.80 -10.61 42.63
C PHE D 487 -22.20 -11.22 42.41
N GLY D 488 -22.63 -11.22 41.15
CA GLY D 488 -23.85 -11.92 40.73
C GLY D 488 -23.58 -13.26 40.05
N GLU D 489 -24.63 -13.92 39.60
CA GLU D 489 -24.53 -15.24 39.00
C GLU D 489 -23.67 -15.23 37.77
N THR D 490 -23.84 -14.21 36.94
CA THR D 490 -23.14 -14.12 35.66
C THR D 490 -21.63 -13.94 35.82
N MET D 491 -21.22 -13.06 36.73
CA MET D 491 -19.79 -12.79 36.92
C MET D 491 -19.02 -14.07 37.23
N VAL D 492 -19.59 -14.91 38.07
CA VAL D 492 -18.85 -16.06 38.60
C VAL D 492 -18.90 -17.29 37.69
N GLU D 493 -20.05 -17.59 37.12
CA GLU D 493 -20.17 -18.69 36.16
C GLU D 493 -19.29 -18.46 34.91
N LEU D 494 -19.13 -17.22 34.47
CA LEU D 494 -18.17 -16.93 33.38
C LEU D 494 -16.74 -16.84 33.91
N GLY D 495 -16.56 -16.40 35.15
CA GLY D 495 -15.23 -16.24 35.72
C GLY D 495 -14.57 -17.57 35.98
N ALA D 496 -15.20 -18.37 36.84
CA ALA D 496 -14.62 -19.62 37.31
C ALA D 496 -13.85 -20.43 36.22
N PRO D 497 -14.52 -20.80 35.11
CA PRO D 497 -13.83 -21.60 34.07
C PRO D 497 -12.61 -20.92 33.40
N PHE D 498 -12.69 -19.61 33.15
CA PHE D 498 -11.57 -18.89 32.53
C PHE D 498 -10.35 -18.87 33.49
N SER D 499 -10.65 -18.66 34.77
CA SER D 499 -9.64 -18.72 35.80
C SER D 499 -9.03 -20.13 35.90
N LEU D 500 -9.88 -21.13 36.14
CA LEU D 500 -9.43 -22.52 36.38
C LEU D 500 -8.49 -23.10 35.33
N LYS D 501 -8.65 -22.67 34.08
CA LYS D 501 -7.78 -23.11 32.97
C LYS D 501 -6.44 -22.35 33.00
N GLY D 502 -6.47 -21.11 33.46
CA GLY D 502 -5.23 -20.38 33.72
C GLY D 502 -4.43 -21.08 34.80
N LEU D 503 -5.12 -21.51 35.86
CA LEU D 503 -4.49 -22.05 37.05
C LEU D 503 -4.08 -23.51 36.88
N MET D 504 -5.05 -24.37 36.55
CA MET D 504 -4.80 -25.81 36.47
C MET D 504 -4.24 -26.27 35.11
N GLY D 505 -4.34 -25.40 34.09
CA GLY D 505 -3.75 -25.65 32.77
C GLY D 505 -2.29 -25.24 32.64
N ASN D 506 -1.69 -24.76 33.73
CA ASN D 506 -0.29 -24.40 33.74
C ASN D 506 0.54 -25.66 33.68
N PRO D 507 1.70 -25.56 33.03
CA PRO D 507 2.48 -26.77 32.85
C PRO D 507 2.99 -27.46 34.13
N ILE D 508 3.12 -26.73 35.23
CA ILE D 508 3.63 -27.36 36.45
C ILE D 508 2.61 -28.31 37.11
N CYS D 509 1.33 -28.19 36.76
CA CYS D 509 0.27 -29.05 37.31
C CYS D 509 0.16 -30.44 36.67
N SER D 510 0.80 -30.60 35.52
CA SER D 510 0.81 -31.86 34.77
C SER D 510 1.62 -32.97 35.46
N PRO D 511 1.31 -34.24 35.16
CA PRO D 511 1.95 -35.31 35.90
C PRO D 511 3.46 -35.24 35.84
N GLN D 512 4.02 -35.03 34.65
CA GLN D 512 5.48 -35.11 34.49
C GLN D 512 6.23 -33.91 35.08
N TYR D 513 5.51 -32.84 35.43
CA TYR D 513 6.10 -31.68 36.10
C TYR D 513 5.86 -31.69 37.61
N TRP D 514 4.73 -32.24 38.05
CA TRP D 514 4.31 -32.12 39.46
C TRP D 514 5.00 -33.12 40.41
N LYS D 515 6.29 -32.93 40.62
CA LYS D 515 7.04 -33.83 41.48
C LYS D 515 8.21 -33.10 42.12
N PRO D 516 8.67 -33.57 43.30
CA PRO D 516 9.61 -32.78 44.10
C PRO D 516 10.88 -32.34 43.35
N SER D 517 11.43 -33.22 42.52
CA SER D 517 12.67 -32.91 41.79
C SER D 517 12.56 -31.66 40.90
N THR D 518 11.36 -31.39 40.39
CA THR D 518 11.08 -30.23 39.54
C THR D 518 11.42 -28.92 40.25
N PHE D 519 11.25 -28.93 41.57
CA PHE D 519 11.44 -27.75 42.42
C PHE D 519 12.58 -27.89 43.42
N GLY D 520 13.58 -28.72 43.11
CA GLY D 520 14.81 -28.83 43.93
C GLY D 520 14.81 -29.84 45.07
N GLY D 521 13.73 -30.62 45.21
CA GLY D 521 13.60 -31.62 46.27
C GLY D 521 12.46 -31.31 47.22
N GLU D 522 12.38 -32.10 48.30
CA GLU D 522 11.25 -32.03 49.24
C GLU D 522 11.15 -30.70 49.99
N VAL D 523 12.30 -30.05 50.22
CA VAL D 523 12.33 -28.72 50.84
C VAL D 523 11.57 -27.71 49.95
N GLY D 524 12.09 -27.51 48.73
CA GLY D 524 11.51 -26.58 47.78
C GLY D 524 10.05 -26.84 47.47
N PHE D 525 9.69 -28.11 47.29
CA PHE D 525 8.30 -28.51 47.00
C PHE D 525 7.34 -28.16 48.15
N LYS D 526 7.85 -28.10 49.38
CA LYS D 526 7.07 -27.71 50.57
C LYS D 526 6.69 -26.22 50.56
N ILE D 527 7.65 -25.39 50.16
CA ILE D 527 7.45 -23.94 50.08
C ILE D 527 6.16 -23.63 49.34
N ILE D 528 5.90 -24.41 48.29
CA ILE D 528 4.71 -24.26 47.47
C ILE D 528 3.52 -24.75 48.23
N ASN D 529 3.58 -26.03 48.63
CA ASN D 529 2.46 -26.71 49.26
C ASN D 529 2.06 -26.19 50.66
N THR D 530 2.84 -25.27 51.22
CA THR D 530 2.45 -24.57 52.47
C THR D 530 2.36 -23.06 52.29
N ALA D 531 1.93 -22.62 51.11
CA ALA D 531 1.89 -21.20 50.75
C ALA D 531 0.59 -20.54 51.24
N SER D 532 0.71 -19.32 51.77
CA SER D 532 -0.45 -18.50 52.12
C SER D 532 -0.15 -16.99 52.06
N ILE D 533 -1.20 -16.20 51.87
CA ILE D 533 -1.03 -14.75 51.78
C ILE D 533 -0.30 -14.21 53.03
N GLN D 534 -0.56 -14.83 54.17
CA GLN D 534 0.06 -14.41 55.43
C GLN D 534 1.56 -14.80 55.53
N SER D 535 1.95 -15.95 55.01
CA SER D 535 3.36 -16.34 55.06
C SER D 535 4.22 -15.45 54.17
N LEU D 536 3.69 -15.07 53.00
CA LEU D 536 4.43 -14.21 52.07
C LEU D 536 4.76 -12.86 52.70
N ILE D 537 3.81 -12.29 53.43
CA ILE D 537 4.04 -11.02 54.11
C ILE D 537 4.97 -11.17 55.34
N CYS D 538 4.84 -12.28 56.08
CA CYS D 538 5.63 -12.46 57.30
C CYS D 538 7.13 -12.60 57.01
N ASN D 539 7.46 -13.39 56.00
CA ASN D 539 8.86 -13.65 55.67
C ASN D 539 9.61 -12.47 55.05
N ASN D 540 8.87 -11.51 54.48
CA ASN D 540 9.44 -10.48 53.64
C ASN D 540 9.18 -9.04 54.12
N VAL D 541 8.25 -8.85 55.05
CA VAL D 541 7.99 -7.53 55.64
C VAL D 541 8.44 -7.57 57.10
N LYS D 542 9.04 -6.47 57.56
CA LYS D 542 9.67 -6.42 58.87
C LYS D 542 8.62 -6.35 59.98
N GLY D 543 8.84 -7.15 61.03
CA GLY D 543 7.94 -7.16 62.18
C GLY D 543 6.80 -8.18 62.08
N CYS D 544 6.81 -8.97 61.01
CA CYS D 544 5.75 -9.94 60.71
C CYS D 544 4.33 -9.41 60.98
N PRO D 545 3.94 -8.35 60.26
CA PRO D 545 2.59 -7.82 60.41
C PRO D 545 1.53 -8.83 60.01
N PHE D 546 0.45 -8.90 60.77
CA PHE D 546 -0.66 -9.80 60.43
C PHE D 546 -1.45 -9.22 59.28
N THR D 547 -1.76 -10.05 58.28
CA THR D 547 -2.58 -9.62 57.15
C THR D 547 -3.59 -10.70 56.69
N SER D 548 -4.42 -10.35 55.70
CA SER D 548 -5.59 -11.15 55.27
C SER D 548 -6.34 -10.39 54.16
N PHE D 549 -7.18 -11.08 53.38
CA PHE D 549 -7.95 -10.42 52.28
C PHE D 549 -9.26 -9.75 52.71
N ASN D 550 -9.65 -9.91 53.97
CA ASN D 550 -10.79 -9.16 54.50
C ASN D 550 -10.43 -8.29 55.69
N VAL D 551 -11.32 -7.33 55.98
CA VAL D 551 -11.17 -6.41 57.12
C VAL D 551 -11.68 -7.07 58.42
N GLN D 552 -10.92 -6.92 59.49
CA GLN D 552 -11.11 -7.69 60.72
C GLN D 552 -12.14 -7.12 61.71
C1 NAG E . -15.42 20.07 -26.87
C2 NAG E . -15.62 19.27 -28.16
C3 NAG E . -16.86 19.73 -28.95
C4 NAG E . -18.10 19.58 -28.07
C5 NAG E . -17.92 20.27 -26.71
C6 NAG E . -18.93 19.68 -25.74
C7 NAG E . -13.60 18.11 -28.86
C8 NAG E . -12.41 18.05 -29.78
N2 NAG E . -14.43 19.16 -29.00
O3 NAG E . -17.07 18.88 -30.05
O4 NAG E . -19.23 20.14 -28.70
O5 NAG E . -16.63 20.14 -26.13
O6 NAG E . -18.67 18.30 -25.54
O7 NAG E . -13.77 17.21 -28.02
C1 NAG E . -20.28 19.17 -28.94
C2 NAG E . -21.58 19.82 -29.41
C3 NAG E . -22.65 18.72 -29.38
C4 NAG E . -22.28 17.70 -30.47
C5 NAG E . -20.87 17.19 -30.17
C6 NAG E . -20.32 16.32 -31.30
C7 NAG E . -22.26 21.33 -27.52
C8 NAG E . -22.64 22.74 -27.17
N2 NAG E . -21.96 21.11 -28.80
O3 NAG E . -23.93 19.26 -29.56
O4 NAG E . -23.13 16.56 -30.56
O5 NAG E . -19.94 18.24 -29.95
O6 NAG E . -20.05 15.02 -30.84
O7 NAG E . -22.25 20.49 -26.64
C1 NAG E . -24.48 16.77 -31.02
C2 NAG E . -24.62 16.60 -32.56
C3 NAG E . -25.11 15.21 -33.00
C4 NAG E . -24.73 14.18 -31.94
C5 NAG E . -25.48 14.54 -30.66
C6 NAG E . -25.11 13.60 -29.50
C7 NAG E . -26.74 17.91 -33.03
C8 NAG E . -27.33 19.05 -33.82
N2 NAG E . -25.43 17.67 -33.22
O3 NAG E . -24.57 14.84 -34.25
O4 NAG E . -25.12 12.91 -32.40
O5 NAG E . -25.33 15.91 -30.26
O6 NAG E . -25.43 12.27 -29.86
O7 NAG E . -27.47 17.29 -32.26
C1 NAG F . -1.20 26.03 -39.38
C2 NAG F . -2.59 26.64 -39.66
C3 NAG F . -3.21 25.88 -40.84
C4 NAG F . -2.28 26.00 -42.04
C5 NAG F . -0.83 25.64 -41.68
C6 NAG F . 0.16 25.95 -42.81
C7 NAG F . -4.35 27.67 -38.25
C8 NAG F . -5.17 27.58 -37.00
N2 NAG F . -3.47 26.67 -38.48
O3 NAG F . -4.49 26.41 -41.15
O4 NAG F . -2.75 25.14 -43.05
O5 NAG F . -0.37 26.23 -40.48
O6 NAG F . 0.21 27.33 -43.07
O7 NAG F . -4.51 28.63 -39.01
C1 NAG F . -2.96 25.82 -44.31
C2 NAG F . -2.99 24.80 -45.44
C3 NAG F . -2.91 25.56 -46.76
C4 NAG F . -4.08 26.55 -46.87
C5 NAG F . -4.30 27.34 -45.58
C6 NAG F . -5.67 28.02 -45.63
C7 NAG F . -0.80 23.58 -45.69
C8 NAG F . -0.10 22.28 -45.40
N2 NAG F . -2.06 23.66 -45.28
O3 NAG F . -2.94 24.64 -47.83
O4 NAG F . -3.88 27.48 -47.91
O5 NAG F . -4.17 26.54 -44.41
O6 NAG F . -6.04 28.59 -44.38
O7 NAG F . -0.18 24.47 -46.28
C1 NAG F . -4.39 27.24 -49.26
C2 NAG F . -5.62 26.30 -49.40
C3 NAG F . -6.33 26.50 -50.76
C4 NAG F . -6.61 27.97 -50.99
C5 NAG F . -5.28 28.68 -51.01
C6 NAG F . -5.40 30.17 -51.35
C7 NAG F . -4.80 23.95 -49.90
C8 NAG F . -4.67 22.56 -49.33
N2 NAG F . -5.36 24.87 -49.10
O3 NAG F . -7.55 25.81 -50.82
O4 NAG F . -7.27 28.11 -52.23
O5 NAG F . -4.66 28.54 -49.74
O6 NAG F . -6.56 30.76 -50.81
O7 NAG F . -4.38 24.17 -51.05
C1 NAG G . 14.93 -18.10 23.08
C2 NAG G . 14.85 -16.56 23.12
C3 NAG G . 15.99 -15.78 22.42
C4 NAG G . 17.38 -16.36 22.68
C5 NAG G . 17.31 -17.88 22.53
C6 NAG G . 18.64 -18.55 22.87
C7 NAG G . 12.65 -15.55 23.42
C8 NAG G . 11.40 -15.08 22.75
N2 NAG G . 13.58 -16.08 22.62
O3 NAG G . 16.03 -14.41 22.82
O4 NAG G . 18.28 -15.80 21.73
O5 NAG G . 16.28 -18.43 23.33
O6 NAG G . 19.04 -18.23 24.18
O7 NAG G . 12.79 -15.44 24.64
C1 NAG G . 19.33 -14.98 22.31
C2 NAG G . 20.45 -14.75 21.30
C3 NAG G . 21.60 -14.03 22.01
C4 NAG G . 21.04 -12.69 22.46
C5 NAG G . 19.86 -12.92 23.42
C6 NAG G . 19.28 -11.60 23.94
C7 NAG G . 21.46 -17.03 21.05
C8 NAG G . 21.76 -18.10 20.04
N2 NAG G . 20.87 -15.94 20.54
O3 NAG G . 22.72 -13.90 21.17
O4 NAG G . 22.03 -11.86 23.06
O5 NAG G . 18.87 -13.70 22.74
O6 NAG G . 17.91 -11.44 23.71
O7 NAG G . 21.74 -17.18 22.24
C1 NAG G . 22.67 -10.96 22.11
C2 NAG G . 21.79 -9.70 21.80
C3 NAG G . 22.68 -8.45 21.67
C4 NAG G . 23.38 -8.21 23.02
C5 NAG G . 24.08 -9.50 23.51
C6 NAG G . 23.62 -9.90 24.91
C7 NAG G . 20.66 -10.49 19.60
C8 NAG G . 19.38 -10.36 18.81
N2 NAG G . 20.72 -9.82 20.77
O3 NAG G . 21.95 -7.29 21.32
O4 NAG G . 24.29 -7.14 22.97
O5 NAG G . 23.97 -10.58 22.58
O6 NAG G . 23.84 -8.83 25.80
O7 NAG G . 21.55 -11.20 19.12
C1 NAG H . -1.35 -11.81 14.01
C2 NAG H . -0.07 -11.66 13.20
C3 NAG H . 0.34 -10.22 12.99
C4 NAG H . -0.82 -9.34 12.54
C5 NAG H . -2.09 -9.62 13.32
C6 NAG H . -3.32 -9.02 12.64
C7 NAG H . 1.89 -13.14 13.14
C8 NAG H . 2.92 -13.85 13.97
N2 NAG H . 1.00 -12.41 13.84
O3 NAG H . 1.32 -10.29 11.98
O4 NAG H . -0.52 -7.96 12.70
O5 NAG H . -2.35 -11.00 13.43
O6 NAG H . -3.48 -9.62 11.37
O7 NAG H . 1.90 -13.25 11.91
C1 NAG H . -0.59 -7.24 11.44
C2 NAG H . -0.61 -5.71 11.67
C3 NAG H . -0.83 -5.01 10.31
C4 NAG H . 0.34 -5.38 9.37
C5 NAG H . 0.48 -6.92 9.30
C6 NAG H . 1.74 -7.36 8.54
C7 NAG H . -2.78 -5.25 12.78
C8 NAG H . -3.46 -4.81 14.05
N2 NAG H . -1.45 -5.31 12.80
O3 NAG H . -0.98 -3.61 10.44
O4 NAG H . 0.17 -4.91 8.04
O5 NAG H . 0.50 -7.54 10.58
O6 NAG H . 1.64 -8.71 8.16
O7 NAG H . -3.45 -5.53 11.80
C1 NAG H . 1.00 -3.81 7.52
C2 NAG H . 2.54 -3.91 7.63
C3 NAG H . 3.12 -2.69 6.88
C4 NAG H . 2.78 -2.88 5.41
C5 NAG H . 1.26 -2.81 5.26
C6 NAG H . 0.82 -3.05 3.81
C7 NAG H . 3.65 -3.27 9.83
C8 NAG H . 4.18 -3.84 11.14
N2 NAG H . 3.13 -4.16 8.97
O3 NAG H . 4.53 -2.53 7.02
O4 NAG H . 3.42 -1.89 4.61
O5 NAG H . 0.63 -3.74 6.14
O6 NAG H . 1.45 -4.17 3.24
O7 NAG H . 3.70 -2.05 9.64
CHA HEM I . -21.32 41.62 -23.45
CHB HEM I . -23.68 45.61 -24.66
CHC HEM I . -19.79 48.29 -23.73
CHD HEM I . -17.90 44.53 -21.38
C1A HEM I . -22.25 42.44 -24.03
C2A HEM I . -23.32 42.07 -24.94
C3A HEM I . -23.99 43.19 -25.27
C4A HEM I . -23.34 44.29 -24.59
CMA HEM I . -25.21 43.34 -26.20
CAA HEM I . -23.61 40.62 -25.43
CBA HEM I . -23.65 40.48 -27.00
CGA HEM I . -22.34 40.59 -27.81
O1A HEM I . -21.38 39.77 -27.61
O2A HEM I . -22.28 41.47 -28.72
C1B HEM I . -22.77 46.64 -24.68
C2B HEM I . -22.90 47.88 -25.42
C3B HEM I . -21.81 48.62 -25.16
C4B HEM I . -20.98 47.88 -24.25
CMB HEM I . -24.07 48.28 -26.35
CAB HEM I . -21.52 50.02 -25.75
CBB HEM I . -21.09 51.01 -24.97
C1C HEM I . -19.00 47.54 -22.89
C2C HEM I . -17.93 48.07 -22.09
C3C HEM I . -17.38 47.05 -21.43
C4C HEM I . -18.11 45.83 -21.80
CMC HEM I . -17.51 49.54 -22.01
CAC HEM I . -16.20 47.21 -20.45
CBC HEM I . -15.23 46.31 -20.36
C1D HEM I . -18.55 43.38 -21.85
C2D HEM I . -18.04 42.03 -21.73
C3D HEM I . -19.11 41.13 -22.37
C4D HEM I . -20.16 42.03 -22.81
CMD HEM I . -16.71 41.60 -21.09
CAD HEM I . -19.09 39.60 -22.56
CBD HEM I . -18.50 39.36 -23.95
CGD HEM I . -18.32 37.91 -24.29
O1D HEM I . -18.21 37.05 -23.38
O2D HEM I . -18.24 37.58 -25.51
NA HEM I . -22.29 43.80 -23.85
NB HEM I . -21.58 46.67 -23.99
NC HEM I . -19.08 46.18 -22.71
ND HEM I . -19.79 43.33 -22.50
FE HEM I . -20.66 44.99 -23.28
C1 NAG J . -17.17 19.28 9.01
C2 NAG J . -18.60 18.67 8.92
C3 NAG J . -19.38 18.87 10.22
C4 NAG J . -18.58 18.22 11.34
C5 NAG J . -17.21 18.91 11.43
C6 NAG J . -16.04 17.93 11.61
C7 NAG J . -19.81 20.31 7.50
C8 NAG J . -20.70 20.52 6.30
N2 NAG J . -19.44 19.06 7.78
O3 NAG J . -20.73 18.41 10.19
O4 NAG J . -19.25 18.39 12.56
O5 NAG J . -17.01 19.79 10.33
O6 NAG J . -15.03 18.58 12.32
O7 NAG J . -19.43 21.29 8.14
C1 NAG K . -25.40 58.93 -38.05
C2 NAG K . -26.78 59.01 -38.69
C3 NAG K . -26.96 60.18 -39.65
C4 NAG K . -26.16 61.43 -39.26
C5 NAG K . -24.76 61.10 -38.74
C6 NAG K . -24.02 62.35 -38.24
C7 NAG K . -28.00 56.90 -39.14
C8 NAG K . -28.05 55.66 -39.99
N2 NAG K . -27.00 57.76 -39.41
O3 NAG K . -28.33 60.50 -39.72
O4 NAG K . -26.08 62.28 -40.40
O5 NAG K . -24.87 60.17 -37.67
O6 NAG K . -22.64 62.10 -38.10
O7 NAG K . -28.84 57.07 -38.25
C1 BOG L . -36.77 51.09 -5.08
O1 BOG L . -36.82 50.10 -6.11
C2 BOG L . -35.95 50.57 -3.90
O2 BOG L . -36.62 49.45 -3.31
C3 BOG L . -35.77 51.67 -2.83
O3 BOG L . -34.86 51.27 -1.79
C4 BOG L . -35.27 52.95 -3.47
O4 BOG L . -35.22 53.98 -2.47
C5 BOG L . -36.19 53.35 -4.63
O5 BOG L . -36.20 52.29 -5.59
C6 BOG L . -35.79 54.67 -5.33
O6 BOG L . -34.56 54.54 -6.04
C1' BOG L . -37.82 50.40 -7.08
C2' BOG L . -37.34 50.03 -8.49
C3' BOG L . -38.32 50.59 -9.53
C4' BOG L . -37.69 50.56 -10.95
C5' BOG L . -37.34 51.95 -11.48
C6' BOG L . -36.00 52.46 -10.95
C7' BOG L . -34.94 52.56 -12.04
C8' BOG L . -34.69 54.00 -12.48
C1 416 M . -3.56 43.86 -11.67
F1 416 M . -7.60 43.43 -11.19
O1 416 M . -6.54 45.98 -11.70
CL1 416 M . -1.55 43.49 -10.01
C2 416 M . -4.80 45.74 -10.13
F2 416 M . -9.04 43.57 -12.85
O2 416 M . -8.15 44.95 -15.38
C3 416 M . -4.73 44.41 -12.12
F3 416 M . -9.19 44.98 -11.21
O3 416 M . -6.61 43.36 -15.73
C4 416 M . -3.01 44.25 -10.47
C5 416 M . -3.62 45.21 -9.67
C6 416 M . -5.35 45.36 -11.33
C7 416 M . -5.33 44.06 -13.41
C8 416 M . -3.08 45.69 -8.33
C9 416 M . -3.01 44.59 -7.30
C10 416 M . -3.96 46.80 -7.77
C11 416 M . -1.70 46.28 -8.54
C12 416 M . -6.56 44.52 -13.66
C13 416 M . -7.17 44.24 -15.03
C14 416 M . -7.36 45.27 -12.65
C15 416 M . -8.30 44.30 -11.98
CHA HEM N . 6.29 4.97 -39.48
CHB HEM N . 6.37 0.50 -41.24
CHC HEM N . 7.56 -1.09 -36.81
CHD HEM N . 8.72 3.44 -35.49
C1A HEM N . 6.18 3.92 -40.35
C2A HEM N . 5.75 3.99 -41.75
C3A HEM N . 5.79 2.75 -42.24
C4A HEM N . 6.22 1.86 -41.17
CMA HEM N . 5.43 2.33 -43.68
CAA HEM N . 5.37 5.26 -42.56
CBA HEM N . 6.64 5.99 -43.01
CGA HEM N . 6.43 6.89 -44.20
O1A HEM N . 5.39 6.72 -44.90
O2A HEM N . 7.30 7.77 -44.49
C1B HEM N . 6.49 -0.31 -40.14
C2B HEM N . 6.00 -1.67 -40.00
C3B HEM N . 6.32 -2.10 -38.78
C4B HEM N . 7.04 -1.04 -38.09
CMB HEM N . 5.23 -2.48 -41.08
CAB HEM N . 6.00 -3.50 -38.20
CBB HEM N . 5.93 -4.57 -39.01
C1C HEM N . 8.06 -0.02 -36.09
C2C HEM N . 8.76 -0.08 -34.83
C3C HEM N . 9.07 1.15 -34.46
C4C HEM N . 8.60 2.07 -35.47
CMC HEM N . 9.09 -1.36 -34.01
CAC HEM N . 9.84 1.50 -33.16
CBC HEM N . 9.24 2.21 -32.20
C1D HEM N . 8.11 4.29 -36.40
C2D HEM N . 8.01 5.73 -36.28
C3D HEM N . 7.27 6.18 -37.53
C4D HEM N . 6.98 4.99 -38.27
CMD HEM N . 8.53 6.66 -35.17
CAD HEM N . 6.87 7.61 -37.89
CBD HEM N . 5.46 7.84 -37.33
CGD HEM N . 4.85 9.06 -37.97
O1D HEM N . 5.56 10.09 -38.10
O2D HEM N . 3.66 8.97 -38.34
NA HEM N . 6.46 2.61 -40.03
NB HEM N . 7.11 0.04 -38.96
NC HEM N . 8.00 1.31 -36.46
ND HEM N . 7.49 3.89 -37.59
FE HEM N . 7.27 1.97 -38.29
C1 NAG O . 33.73 35.17 -35.55
C2 NAG O . 33.71 35.27 -37.09
C3 NAG O . 35.13 35.15 -37.66
C4 NAG O . 35.98 36.24 -37.04
C5 NAG O . 35.96 36.17 -35.52
C6 NAG O . 35.65 37.53 -34.90
C7 NAG O . 32.88 33.43 -38.59
C8 NAG O . 31.68 32.62 -38.99
N2 NAG O . 32.70 34.35 -37.63
O3 NAG O . 35.18 35.31 -39.07
O4 NAG O . 37.31 36.12 -37.51
O5 NAG O . 35.06 35.17 -35.06
O6 NAG O . 35.94 37.50 -33.52
O7 NAG O . 33.95 33.22 -39.16
C1 NAG P . -3.20 -15.24 -42.78
C2 NAG P . -2.55 -15.85 -44.03
C3 NAG P . -2.90 -17.34 -44.24
C4 NAG P . -2.90 -18.11 -42.91
C5 NAG P . -3.74 -17.36 -41.88
C6 NAG P . -3.89 -18.09 -40.55
C7 NAG P . -2.12 -14.38 -45.97
C8 NAG P . -2.74 -13.60 -47.08
N2 NAG P . -2.96 -15.05 -45.17
O3 NAG P . -2.00 -17.94 -45.13
O4 NAG P . -3.43 -19.41 -43.13
O5 NAG P . -3.11 -16.11 -41.66
O6 NAG P . -2.65 -18.59 -40.10
O7 NAG P . -0.88 -14.37 -45.84
C1 416 Q . 15.31 8.95 -20.91
F1 416 Q . 16.25 8.77 -25.04
O1 416 Q . 16.19 6.35 -23.35
CL1 416 Q . 16.53 10.09 -18.86
C2 416 Q . 17.39 7.29 -21.56
F2 416 Q . 15.03 7.71 -26.55
O2 416 Q . 12.69 6.35 -25.56
C3 416 Q . 15.19 8.09 -21.98
F3 416 Q . 16.98 6.99 -26.10
O3 416 Q . 11.78 7.97 -24.28
C4 416 Q . 16.47 8.98 -20.18
C5 416 Q . 17.55 8.14 -20.48
C6 416 Q . 16.23 7.25 -22.31
C7 416 Q . 13.96 8.02 -22.75
C8 416 Q . 18.85 8.13 -19.70
C9 416 Q . 19.57 9.44 -19.88
C10 416 Q . 19.81 7.05 -20.16
C11 416 Q . 18.58 7.88 -18.25
C12 416 Q . 14.02 7.32 -23.89
C13 416 Q . 12.71 7.22 -24.65
C14 416 Q . 15.27 6.69 -24.41
C15 416 Q . 15.89 7.54 -25.51
CHA HEM R . 18.98 -31.93 5.83
CHB HEM R . 20.96 -32.67 1.48
CHC HEM R . 17.12 -35.43 0.29
CHD HEM R . 16.05 -35.78 5.01
C1A HEM R . 19.78 -31.79 4.72
C2A HEM R . 20.80 -30.76 4.51
C3A HEM R . 21.35 -30.97 3.29
C4A HEM R . 20.70 -32.13 2.71
CMA HEM R . 22.47 -30.15 2.59
CAA HEM R . 21.14 -29.61 5.51
CBA HEM R . 20.78 -28.21 4.91
CGA HEM R . 19.29 -27.80 4.83
O1A HEM R . 18.78 -27.14 5.79
O2A HEM R . 18.63 -28.10 3.79
C1B HEM R . 20.04 -33.39 0.75
C2B HEM R . 20.04 -33.57 -0.70
C3B HEM R . 18.99 -34.32 -1.03
C4B HEM R . 18.26 -34.66 0.18
CMB HEM R . 21.10 -32.99 -1.65
CAB HEM R . 18.66 -34.75 -2.48
CBB HEM R . 17.40 -34.83 -2.90
C1C HEM R . 16.55 -35.87 1.47
C2C HEM R . 15.57 -36.94 1.64
C3C HEM R . 15.27 -37.03 2.94
C4C HEM R . 16.05 -36.03 3.66
CMC HEM R . 14.96 -37.82 0.53
CAC HEM R . 14.28 -38.06 3.54
CBC HEM R . 13.68 -37.85 4.71
C1D HEM R . 16.62 -34.67 5.61
C2D HEM R . 16.19 -34.13 6.88
C3D HEM R . 17.10 -32.93 7.14
C4D HEM R . 17.98 -32.87 6.00
CMD HEM R . 15.06 -34.65 7.76
CAD HEM R . 17.07 -31.99 8.36
CBD HEM R . 16.35 -30.66 8.10
CGD HEM R . 16.86 -29.58 9.05
O1D HEM R . 16.97 -29.84 10.28
O2D HEM R . 17.17 -28.45 8.57
NA HEM R . 19.76 -32.60 3.61
NB HEM R . 18.92 -34.06 1.25
NC HEM R . 16.82 -35.35 2.72
ND HEM R . 17.67 -33.91 5.13
FE HEM R . 18.31 -33.96 3.18
C1 NAG S . 22.14 -47.93 42.50
C2 NAG S . 23.56 -47.37 42.34
C3 NAG S . 24.59 -48.38 42.84
C4 NAG S . 24.08 -49.01 44.15
C5 NAG S . 22.84 -49.83 43.82
C6 NAG S . 21.82 -49.90 44.94
C7 NAG S . 24.78 -46.26 40.51
C8 NAG S . 24.87 -46.06 39.02
N2 NAG S . 23.79 -47.05 40.93
O3 NAG S . 25.87 -47.79 43.00
O4 NAG S . 25.06 -49.86 44.70
O5 NAG S . 22.22 -49.35 42.65
O6 NAG S . 20.85 -50.84 44.55
O7 NAG S . 25.58 -45.70 41.27
C1 NAG T . 19.15 -28.04 -17.19
C2 NAG T . 20.57 -27.65 -17.62
C3 NAG T . 21.04 -28.44 -18.85
C4 NAG T . 19.98 -28.54 -19.96
C5 NAG T . 18.54 -28.57 -19.40
C6 NAG T . 17.58 -29.41 -20.28
C7 NAG T . 21.20 -25.31 -16.99
C8 NAG T . 21.25 -23.88 -17.45
N2 NAG T . 20.71 -26.21 -17.87
O3 NAG T . 21.45 -29.73 -18.43
O4 NAG T . 20.12 -27.48 -20.89
O5 NAG T . 18.56 -29.01 -18.05
O6 NAG T . 16.47 -29.90 -19.57
O7 NAG T . 21.61 -25.60 -15.86
C1 BOG U . 36.95 -50.74 4.96
O1 BOG U . 36.77 -49.38 5.33
C2 BOG U . 36.42 -51.60 6.11
O2 BOG U . 37.35 -51.58 7.20
C3 BOG U . 36.18 -53.05 5.70
O3 BOG U . 35.53 -53.79 6.74
C4 BOG U . 35.36 -53.01 4.42
O4 BOG U . 34.96 -54.32 4.00
C5 BOG U . 36.19 -52.33 3.35
O5 BOG U . 36.27 -50.96 3.73
C6 BOG U . 35.61 -52.48 1.94
O6 BOG U . 34.21 -52.78 1.98
C1' BOG U . 37.67 -48.45 4.70
C2' BOG U . 37.08 -48.01 3.37
C3' BOG U . 37.74 -46.75 2.83
C4' BOG U . 36.76 -45.95 1.96
C5' BOG U . 36.25 -46.73 0.72
C6' BOG U . 34.74 -46.97 0.74
C7' BOG U . 33.93 -45.94 -0.04
C8' BOG U . 33.01 -46.57 -1.07
C1 416 V . 3.76 -44.62 12.80
F1 416 V . 7.93 -44.42 12.81
O1 416 V . 6.56 -45.47 10.59
CL1 416 V . 2.05 -45.95 14.32
C2 416 V . 5.12 -46.83 11.90
F2 416 V . 9.03 -42.96 11.63
O2 416 V . 7.66 -41.55 9.44
C3 416 V . 4.81 -44.45 11.94
F3 416 V . 9.31 -45.10 11.25
O3 416 V . 5.90 -40.74 10.58
C4 416 V . 3.39 -45.89 13.22
C5 416 V . 4.05 -47.03 12.78
C6 416 V . 5.49 -45.57 11.48
C7 416 V . 5.20 -43.14 11.46
C8 416 V . 3.68 -48.45 13.18
C9 416 V . 3.89 -48.71 14.65
C10 416 V . 4.50 -49.48 12.42
C11 416 V . 2.25 -48.73 12.82
C12 416 V . 6.34 -43.05 10.77
C13 416 V . 6.67 -41.66 10.22
C14 416 V . 7.24 -44.20 10.56
C15 416 V . 8.38 -44.17 11.56
CHA HEM W . -7.23 -1.11 32.79
CHB HEM W . -6.75 2.64 35.84
CHC HEM W . -6.66 -0.43 39.60
CHD HEM W . -8.34 -3.91 36.66
C1A HEM W . -6.96 0.16 33.27
C2A HEM W . -6.51 1.29 32.49
C3A HEM W . -6.39 2.33 33.33
C4A HEM W . -6.75 1.88 34.68
CMA HEM W . -5.94 3.76 33.01
CAA HEM W . -6.22 1.27 30.95
CBA HEM W . -4.82 1.84 30.59
CGA HEM W . -3.59 0.93 30.66
O1A HEM W . -2.85 0.86 29.64
O2A HEM W . -3.33 0.28 31.72
C1B HEM W . -6.60 2.13 37.10
C2B HEM W . -6.22 2.88 38.28
C3B HEM W . -6.20 2.04 39.32
C4B HEM W . -6.56 0.72 38.85
CMB HEM W . -5.90 4.39 38.33
CAB HEM W . -5.83 2.43 40.77
CBB HEM W . -4.64 2.11 41.27
C1C HEM W . -7.23 -1.61 39.17
C2C HEM W . -7.74 -2.69 39.99
C3C HEM W . -8.21 -3.64 39.19
C4C HEM W . -8.00 -3.21 37.81
CMC HEM W . -7.79 -2.77 41.53
CAC HEM W . -8.85 -4.96 39.67
CBC HEM W . -8.52 -6.14 39.15
C1D HEM W . -8.03 -3.55 35.35
C2D HEM W . -7.87 -4.45 34.22
C3D HEM W . -7.52 -3.57 33.03
C4D HEM W . -7.50 -2.22 33.54
CMD HEM W . -8.01 -5.98 34.20
CAD HEM W . -7.25 -4.01 31.56
CBD HEM W . -5.74 -4.15 31.31
CGD HEM W . -5.43 -4.50 29.87
O1D HEM W . -6.30 -5.06 29.14
O2D HEM W . -4.28 -4.24 29.43
NA HEM W . -7.09 0.54 34.60
NB HEM W . -6.81 0.82 37.50
NC HEM W . -7.39 -1.96 37.85
ND HEM W . -7.79 -2.25 34.91
FE HEM W . -7.26 -0.69 36.25
C1 NAG X . -35.96 -22.69 14.25
C2 NAG X . -36.51 -21.58 13.30
C3 NAG X . -37.96 -21.20 13.65
C4 NAG X . -38.84 -22.42 13.41
C5 NAG X . -38.27 -23.60 14.20
C6 NAG X . -38.07 -24.87 13.34
C7 NAG X . -35.22 -19.54 14.06
C8 NAG X . -34.53 -18.31 13.52
N2 NAG X . -35.75 -20.33 13.12
O3 NAG X . -38.42 -20.11 12.87
O4 NAG X . -40.15 -22.14 13.83
O5 NAG X . -37.10 -23.22 14.92
O6 NAG X . -38.04 -26.00 14.18
O7 NAG X . -35.24 -19.75 15.28
C1 NAG Y . 3.87 12.90 47.27
C2 NAG Y . 3.40 14.33 47.01
C3 NAG Y . 4.14 15.35 47.87
C4 NAG Y . 4.04 14.94 49.34
C5 NAG Y . 4.53 13.50 49.51
C6 NAG Y . 4.41 13.04 50.97
C7 NAG Y . 2.45 14.95 44.81
C8 NAG Y . 2.75 15.22 43.36
N2 NAG Y . 3.50 14.64 45.58
O3 NAG Y . 3.58 16.63 47.70
O4 NAG Y . 4.78 15.83 50.14
O5 NAG Y . 3.80 12.60 48.67
O6 NAG Y . 4.97 11.75 51.09
O7 NAG Y . 1.28 15.02 45.22
C1 416 Z . -13.07 -19.68 40.67
F1 416 Z . -14.76 -16.40 38.85
O1 416 Z . -14.28 -16.38 41.66
CL1 416 Z . -13.92 -22.16 40.93
C2 416 Z . -15.17 -18.53 41.99
F2 416 Z . -13.82 -14.41 38.66
O2 416 Z . -11.34 -14.08 39.95
C3 416 Z . -13.10 -18.31 40.82
F3 416 Z . -15.62 -14.65 39.92
O3 416 Z . -10.19 -15.92 39.27
C4 416 Z . -14.09 -20.46 41.17
C5 416 Z . -15.17 -19.91 41.85
C6 416 Z . -14.17 -17.74 41.48
C7 416 Z . -12.03 -17.49 40.30
C8 416 Z . -16.30 -20.68 42.45
C9 416 Z . -17.07 -21.51 41.44
C10 416 Z . -17.27 -19.72 43.10
C11 416 Z . -15.75 -21.56 43.55
C12 416 Z . -12.29 -16.17 40.28
C13 416 Z . -11.16 -15.31 39.78
C14 416 Z . -13.57 -15.56 40.72
C15 416 Z . -14.46 -15.26 39.52
#